data_2IY2
# 
_entry.id   2IY2 
# 
_audit_conform.dict_name       mmcif_pdbx.dic 
_audit_conform.dict_version    5.382 
_audit_conform.dict_location   http://mmcif.pdb.org/dictionaries/ascii/mmcif_pdbx.dic 
# 
loop_
_database_2.database_id 
_database_2.database_code 
_database_2.pdbx_database_accession 
_database_2.pdbx_DOI 
PDB   2IY2         pdb_00002iy2 10.2210/pdb2iy2/pdb 
PDBE  EBI-29354    ?            ?                   
WWPDB D_1290029354 ?            ?                   
# 
loop_
_pdbx_database_related.db_name 
_pdbx_database_related.db_id 
_pdbx_database_related.content_type 
_pdbx_database_related.details 
PDB 1V57 unspecified 'CRYSTAL STRUCTURE OF THE DISULFIDE BOND ISOMERASE DSBG'                
PDB 1V58 unspecified 'CRYSTAL STRUCTURE OF THE REDUCED PROTEIN DISULFIDE BONDISOMERASE DSBG' 
# 
_pdbx_database_status.status_code                     REL 
_pdbx_database_status.entry_id                        2IY2 
_pdbx_database_status.deposit_site                    PDBE 
_pdbx_database_status.process_site                    PDBE 
_pdbx_database_status.SG_entry                        . 
_pdbx_database_status.recvd_initial_deposition_date   2006-07-12 
_pdbx_database_status.pdb_format_compatible           Y 
_pdbx_database_status.status_code_sf                  REL 
_pdbx_database_status.status_code_mr                  ? 
_pdbx_database_status.status_code_cs                  ? 
_pdbx_database_status.methods_development_category    ? 
_pdbx_database_status.status_code_nmr_data            ? 
# 
loop_
_audit_author.name 
_audit_author.pdbx_ordinal 
'Yeh, S.-M.'  1 
'Metcalf, P.' 2 
# 
_citation.id                        primary 
_citation.title                     
'Structures of the Dimerization Domains of the Escherichia Coli Disulfide-Bond Isomerase Enzymes Dsbc and Dsbg' 
_citation.journal_abbrev            'Acta Crystallogr.,Sect.D' 
_citation.journal_volume            63 
_citation.page_first                465 
_citation.page_last                 ? 
_citation.year                      2007 
_citation.journal_id_ASTM           ABCRE6 
_citation.country                   DK 
_citation.journal_id_ISSN           0907-4449 
_citation.journal_id_CSD            0766 
_citation.book_publisher            ? 
_citation.pdbx_database_id_PubMed   17372350 
_citation.pdbx_database_id_DOI      10.1107/S0907444907003320 
# 
loop_
_citation_author.citation_id 
_citation_author.name 
_citation_author.ordinal 
_citation_author.identifier_ORCID 
primary 'Yeh, S.-M.'  1 ? 
primary 'Koon, N.'    2 ? 
primary 'Squire, C.'  3 ? 
primary 'Metcalf, P.' 4 ? 
# 
_cell.entry_id           2IY2 
_cell.length_a           56.842 
_cell.length_b           56.842 
_cell.length_c           42.049 
_cell.angle_alpha        90.00 
_cell.angle_beta         90.00 
_cell.angle_gamma        90.00 
_cell.Z_PDB              8 
_cell.pdbx_unique_axis   ? 
# 
_symmetry.entry_id                         2IY2 
_symmetry.space_group_name_H-M             'P 41' 
_symmetry.pdbx_full_space_group_name_H-M   ? 
_symmetry.cell_setting                     ? 
_symmetry.Int_Tables_number                76 
# 
loop_
_entity.id 
_entity.type 
_entity.src_method 
_entity.pdbx_description 
_entity.formula_weight 
_entity.pdbx_number_of_molecules 
_entity.pdbx_ec 
_entity.pdbx_mutation 
_entity.pdbx_fragment 
_entity.details 
1 polymer     nat 'THIOL DISULFIDE INTERCHANGE PROTEIN DSBG' 7931.161 2  ? ? ? 
'FOUR CADMIUM INOS COORDINATE WITH WATER MOLECULES AND SIDE CHAINS OF ASP46 OR HIS49 ON BOTH CHAINS' 
2 non-polymer syn 'CADMIUM ION'                              112.411  4  ? ? ? ? 
3 water       nat water                                      18.015   58 ? ? ? ? 
# 
_entity_name_com.entity_id   1 
_entity_name_com.name        DSBG 
# 
_entity_poly.entity_id                      1 
_entity_poly.type                           'polypeptide(L)' 
_entity_poly.nstd_linkage                   no 
_entity_poly.nstd_monomer                   no 
_entity_poly.pdbx_seq_one_letter_code       MELPAPVKAIEKQGITIIKTFDAPGGMKGYLGKYQDMGVTIYLTPDGKHAISGYMYNEKGENLSNTLIEKEI 
_entity_poly.pdbx_seq_one_letter_code_can   MELPAPVKAIEKQGITIIKTFDAPGGMKGYLGKYQDMGVTIYLTPDGKHAISGYMYNEKGENLSNTLIEKEI 
_entity_poly.pdbx_strand_id                 A,B 
_entity_poly.pdbx_target_identifier         ? 
# 
loop_
_entity_poly_seq.entity_id 
_entity_poly_seq.num 
_entity_poly_seq.mon_id 
_entity_poly_seq.hetero 
1 1  MET n 
1 2  GLU n 
1 3  LEU n 
1 4  PRO n 
1 5  ALA n 
1 6  PRO n 
1 7  VAL n 
1 8  LYS n 
1 9  ALA n 
1 10 ILE n 
1 11 GLU n 
1 12 LYS n 
1 13 GLN n 
1 14 GLY n 
1 15 ILE n 
1 16 THR n 
1 17 ILE n 
1 18 ILE n 
1 19 LYS n 
1 20 THR n 
1 21 PHE n 
1 22 ASP n 
1 23 ALA n 
1 24 PRO n 
1 25 GLY n 
1 26 GLY n 
1 27 MET n 
1 28 LYS n 
1 29 GLY n 
1 30 TYR n 
1 31 LEU n 
1 32 GLY n 
1 33 LYS n 
1 34 TYR n 
1 35 GLN n 
1 36 ASP n 
1 37 MET n 
1 38 GLY n 
1 39 VAL n 
1 40 THR n 
1 41 ILE n 
1 42 TYR n 
1 43 LEU n 
1 44 THR n 
1 45 PRO n 
1 46 ASP n 
1 47 GLY n 
1 48 LYS n 
1 49 HIS n 
1 50 ALA n 
1 51 ILE n 
1 52 SER n 
1 53 GLY n 
1 54 TYR n 
1 55 MET n 
1 56 TYR n 
1 57 ASN n 
1 58 GLU n 
1 59 LYS n 
1 60 GLY n 
1 61 GLU n 
1 62 ASN n 
1 63 LEU n 
1 64 SER n 
1 65 ASN n 
1 66 THR n 
1 67 LEU n 
1 68 ILE n 
1 69 GLU n 
1 70 LYS n 
1 71 GLU n 
1 72 ILE n 
# 
_entity_src_nat.entity_id                  1 
_entity_src_nat.pdbx_src_id                1 
_entity_src_nat.pdbx_alt_source_flag       sample 
_entity_src_nat.pdbx_beg_seq_num           ? 
_entity_src_nat.pdbx_end_seq_num           ? 
_entity_src_nat.common_name                ? 
_entity_src_nat.pdbx_organism_scientific   'ESCHERICHIA COLI' 
_entity_src_nat.pdbx_ncbi_taxonomy_id      562 
_entity_src_nat.genus                      ? 
_entity_src_nat.species                    ? 
_entity_src_nat.strain                     ? 
_entity_src_nat.tissue                     ? 
_entity_src_nat.tissue_fraction            ? 
_entity_src_nat.pdbx_secretion             ? 
_entity_src_nat.pdbx_fragment              ? 
_entity_src_nat.pdbx_variant               ? 
_entity_src_nat.pdbx_cell_line             ? 
_entity_src_nat.pdbx_atcc                  ? 
_entity_src_nat.pdbx_cellular_location     ? 
_entity_src_nat.pdbx_organ                 ? 
_entity_src_nat.pdbx_organelle             ? 
_entity_src_nat.pdbx_cell                  ? 
_entity_src_nat.pdbx_plasmid_name          ? 
_entity_src_nat.pdbx_plasmid_details       ? 
_entity_src_nat.details                    ? 
# 
loop_
_struct_ref.id 
_struct_ref.db_name 
_struct_ref.db_code 
_struct_ref.entity_id 
_struct_ref.pdbx_seq_one_letter_code 
_struct_ref.pdbx_align_begin 
_struct_ref.pdbx_db_accession 
_struct_ref.pdbx_db_isoform 
1 PDB 2IY2       1 ? ? 2IY2   ? 
2 UNP DSBG_ECOLI 1 ? ? P77202 ? 
# 
loop_
_struct_ref_seq.align_id 
_struct_ref_seq.ref_id 
_struct_ref_seq.pdbx_PDB_id_code 
_struct_ref_seq.pdbx_strand_id 
_struct_ref_seq.seq_align_beg 
_struct_ref_seq.pdbx_seq_align_beg_ins_code 
_struct_ref_seq.seq_align_end 
_struct_ref_seq.pdbx_seq_align_end_ins_code 
_struct_ref_seq.pdbx_db_accession 
_struct_ref_seq.db_align_beg 
_struct_ref_seq.pdbx_db_align_beg_ins_code 
_struct_ref_seq.db_align_end 
_struct_ref_seq.pdbx_db_align_end_ins_code 
_struct_ref_seq.pdbx_auth_seq_align_beg 
_struct_ref_seq.pdbx_auth_seq_align_end 
1 1 2IY2 A 1 ? 1  ? 2IY2   1  ? 1  ? 1 1  
2 2 2IY2 A 2 ? 72 ? P77202 19 ? 89 ? 2 72 
3 1 2IY2 A 1 ? 1  ? 2IY2   1  ? 1  ? 1 1  
4 2 2IY2 B 2 ? 72 ? P77202 19 ? 89 ? 2 72 
# 
loop_
_chem_comp.id 
_chem_comp.type 
_chem_comp.mon_nstd_flag 
_chem_comp.name 
_chem_comp.pdbx_synonyms 
_chem_comp.formula 
_chem_comp.formula_weight 
ALA 'L-peptide linking' y ALANINE         ? 'C3 H7 N O2'     89.093  
ASN 'L-peptide linking' y ASPARAGINE      ? 'C4 H8 N2 O3'    132.118 
ASP 'L-peptide linking' y 'ASPARTIC ACID' ? 'C4 H7 N O4'     133.103 
CD  non-polymer         . 'CADMIUM ION'   ? 'Cd 2'           112.411 
GLN 'L-peptide linking' y GLUTAMINE       ? 'C5 H10 N2 O3'   146.144 
GLU 'L-peptide linking' y 'GLUTAMIC ACID' ? 'C5 H9 N O4'     147.129 
GLY 'peptide linking'   y GLYCINE         ? 'C2 H5 N O2'     75.067  
HIS 'L-peptide linking' y HISTIDINE       ? 'C6 H10 N3 O2 1' 156.162 
HOH non-polymer         . WATER           ? 'H2 O'           18.015  
ILE 'L-peptide linking' y ISOLEUCINE      ? 'C6 H13 N O2'    131.173 
LEU 'L-peptide linking' y LEUCINE         ? 'C6 H13 N O2'    131.173 
LYS 'L-peptide linking' y LYSINE          ? 'C6 H15 N2 O2 1' 147.195 
MET 'L-peptide linking' y METHIONINE      ? 'C5 H11 N O2 S'  149.211 
PHE 'L-peptide linking' y PHENYLALANINE   ? 'C9 H11 N O2'    165.189 
PRO 'L-peptide linking' y PROLINE         ? 'C5 H9 N O2'     115.130 
SER 'L-peptide linking' y SERINE          ? 'C3 H7 N O3'     105.093 
THR 'L-peptide linking' y THREONINE       ? 'C4 H9 N O3'     119.119 
TYR 'L-peptide linking' y TYROSINE        ? 'C9 H11 N O3'    181.189 
VAL 'L-peptide linking' y VALINE          ? 'C5 H11 N O2'    117.146 
# 
_exptl.entry_id          2IY2 
_exptl.method            'X-RAY DIFFRACTION' 
_exptl.crystals_number   1 
# 
_exptl_crystal.id                    1 
_exptl_crystal.density_meas          ? 
_exptl_crystal.density_Matthews      2 
_exptl_crystal.density_percent_sol   39.4 
_exptl_crystal.description           'DIFFRACTION QUALITY WAS IMPROVED USING THE FLASH- ANNEALING METHOD.' 
# 
_exptl_crystal_grow.crystal_id      1 
_exptl_crystal_grow.method          ? 
_exptl_crystal_grow.temp            ? 
_exptl_crystal_grow.temp_details    ? 
_exptl_crystal_grow.pH              7.50 
_exptl_crystal_grow.pdbx_pH_range   ? 
_exptl_crystal_grow.pdbx_details    '0.2M CADMIUM CHLORIDE, 33% MPD, pH 7.50' 
# 
_diffrn.id                     1 
_diffrn.ambient_temp           120.0 
_diffrn.ambient_temp_details   ? 
_diffrn.crystal_id             1 
# 
_diffrn_detector.diffrn_id              1 
_diffrn_detector.detector               CCD 
_diffrn_detector.type                   MARRESEARCH 
_diffrn_detector.pdbx_collection_date   2005-10-23 
_diffrn_detector.details                MIRRORS 
# 
_diffrn_radiation.diffrn_id                        1 
_diffrn_radiation.wavelength_id                    1 
_diffrn_radiation.pdbx_monochromatic_or_laue_m_l   M 
_diffrn_radiation.monochromator                    ? 
_diffrn_radiation.pdbx_diffrn_protocol             'SINGLE WAVELENGTH' 
_diffrn_radiation.pdbx_scattering_type             x-ray 
# 
_diffrn_radiation_wavelength.id           1 
_diffrn_radiation_wavelength.wavelength   0.9786 
_diffrn_radiation_wavelength.wt           1.0 
# 
_diffrn_source.diffrn_id                   1 
_diffrn_source.source                      SYNCHROTRON 
_diffrn_source.type                        'SLS BEAMLINE X06SA' 
_diffrn_source.pdbx_synchrotron_site       SLS 
_diffrn_source.pdbx_synchrotron_beamline   X06SA 
_diffrn_source.pdbx_wavelength             0.9786 
_diffrn_source.pdbx_wavelength_list        ? 
# 
_reflns.pdbx_diffrn_id               1 
_reflns.pdbx_ordinal                 1 
_reflns.entry_id                     2IY2 
_reflns.observed_criterion_sigma_I   ? 
_reflns.observed_criterion_sigma_F   ? 
_reflns.d_resolution_low             34.000 
_reflns.d_resolution_high            1.900 
_reflns.number_obs                   10806 
_reflns.number_all                   ? 
_reflns.percent_possible_obs         99.4 
_reflns.pdbx_Rmerge_I_obs            0.12000 
_reflns.pdbx_Rsym_value              ? 
_reflns.pdbx_netI_over_sigmaI        9.3000 
_reflns.B_iso_Wilson_estimate        ? 
_reflns.pdbx_redundancy              3.400 
# 
_reflns_shell.pdbx_diffrn_id         1 
_reflns_shell.pdbx_ordinal           1 
_reflns_shell.d_res_high             1.90 
_reflns_shell.d_res_low              2.00 
_reflns_shell.percent_possible_all   99.6 
_reflns_shell.Rmerge_I_obs           0.31000 
_reflns_shell.pdbx_Rsym_value        ? 
_reflns_shell.meanI_over_sigI_obs    3.300 
_reflns_shell.pdbx_redundancy        3.40 
# 
_refine.pdbx_refine_id                           'X-RAY DIFFRACTION' 
_refine.entry_id                                 2IY2 
_refine.pdbx_diffrn_id                           1 
_refine.pdbx_TLS_residual_ADP_flag               'LIKELY RESIDUAL' 
_refine.ls_number_reflns_obs                     10136 
_refine.ls_number_reflns_all                     ? 
_refine.pdbx_ls_sigma_I                          ? 
_refine.pdbx_ls_sigma_F                          ? 
_refine.pdbx_data_cutoff_high_absF               ? 
_refine.pdbx_data_cutoff_low_absF                ? 
_refine.pdbx_data_cutoff_high_rms_absF           ? 
_refine.ls_d_res_low                             56.79 
_refine.ls_d_res_high                            1.90 
_refine.ls_percent_reflns_obs                    99.2 
_refine.ls_R_factor_obs                          0.198 
_refine.ls_R_factor_all                          ? 
_refine.ls_R_factor_R_work                       0.196 
_refine.ls_R_factor_R_free                       0.236 
_refine.ls_R_factor_R_free_error                 ? 
_refine.ls_R_factor_R_free_error_details         ? 
_refine.ls_percent_reflns_R_free                 4.800 
_refine.ls_number_reflns_R_free                  512 
_refine.ls_number_parameters                     ? 
_refine.ls_number_restraints                     ? 
_refine.occupancy_min                            ? 
_refine.occupancy_max                            ? 
_refine.correlation_coeff_Fo_to_Fc               0.943 
_refine.correlation_coeff_Fo_to_Fc_free          0.935 
_refine.B_iso_mean                               20.16 
_refine.aniso_B[1][1]                            -0.11000 
_refine.aniso_B[2][2]                            -0.11000 
_refine.aniso_B[3][3]                            0.21000 
_refine.aniso_B[1][2]                            0.00000 
_refine.aniso_B[1][3]                            0.00000 
_refine.aniso_B[2][3]                            0.00000 
_refine.solvent_model_details                    MASK 
_refine.solvent_model_param_ksol                 ? 
_refine.solvent_model_param_bsol                 ? 
_refine.pdbx_solvent_vdw_probe_radii             1.40 
_refine.pdbx_solvent_ion_probe_radii             0.80 
_refine.pdbx_solvent_shrinkage_radii             0.80 
_refine.pdbx_ls_cross_valid_method               THROUGHOUT 
_refine.details                                  'HYDROGENS HAVE BEEN ADDED IN THE RIDING POSITIONS.' 
_refine.pdbx_starting_model                      'PDB ENTRY 1V58' 
_refine.pdbx_method_to_determine_struct          'MOLECULAR REPLACEMENT' 
_refine.pdbx_isotropic_thermal_model             ? 
_refine.pdbx_stereochemistry_target_values       'MAXIMUM LIKELIHOOD' 
_refine.pdbx_stereochem_target_val_spec_case     ? 
_refine.pdbx_R_Free_selection_details            RANDOM 
_refine.pdbx_overall_ESU_R                       0.162 
_refine.pdbx_overall_ESU_R_Free                  0.148 
_refine.overall_SU_ML                            0.104 
_refine.pdbx_overall_phase_error                 ? 
_refine.overall_SU_B                             5.404 
_refine.overall_SU_R_Cruickshank_DPI             ? 
_refine.pdbx_overall_SU_R_free_Cruickshank_DPI   ? 
_refine.pdbx_overall_SU_R_Blow_DPI               ? 
_refine.pdbx_overall_SU_R_free_Blow_DPI          ? 
# 
_refine_hist.pdbx_refine_id                   'X-RAY DIFFRACTION' 
_refine_hist.cycle_id                         LAST 
_refine_hist.pdbx_number_atoms_protein        1009 
_refine_hist.pdbx_number_atoms_nucleic_acid   0 
_refine_hist.pdbx_number_atoms_ligand         4 
_refine_hist.number_atoms_solvent             58 
_refine_hist.number_atoms_total               1071 
_refine_hist.d_res_high                       1.90 
_refine_hist.d_res_low                        56.79 
# 
loop_
_refine_ls_restr.type 
_refine_ls_restr.dev_ideal 
_refine_ls_restr.dev_ideal_target 
_refine_ls_restr.weight 
_refine_ls_restr.number 
_refine_ls_restr.pdbx_refine_id 
_refine_ls_restr.pdbx_restraint_function 
r_bond_refined_d             0.014  0.022  ? 1028 'X-RAY DIFFRACTION' ? 
r_bond_other_d               ?      ?      ? ?    'X-RAY DIFFRACTION' ? 
r_angle_refined_deg          1.441  1.995  ? 1387 'X-RAY DIFFRACTION' ? 
r_angle_other_deg            ?      ?      ? ?    'X-RAY DIFFRACTION' ? 
r_dihedral_angle_1_deg       5.120  5.000  ? 133  'X-RAY DIFFRACTION' ? 
r_dihedral_angle_2_deg       30.138 25.758 ? 33   'X-RAY DIFFRACTION' ? 
r_dihedral_angle_3_deg       16.153 15.000 ? 177  'X-RAY DIFFRACTION' ? 
r_dihedral_angle_4_deg       ?      ?      ? ?    'X-RAY DIFFRACTION' ? 
r_chiral_restr               0.099  0.200  ? 156  'X-RAY DIFFRACTION' ? 
r_gen_planes_refined         0.007  0.020  ? 746  'X-RAY DIFFRACTION' ? 
r_gen_planes_other           ?      ?      ? ?    'X-RAY DIFFRACTION' ? 
r_nbd_refined                0.217  0.200  ? 410  'X-RAY DIFFRACTION' ? 
r_nbd_other                  ?      ?      ? ?    'X-RAY DIFFRACTION' ? 
r_nbtor_refined              0.301  0.200  ? 716  'X-RAY DIFFRACTION' ? 
r_nbtor_other                ?      ?      ? ?    'X-RAY DIFFRACTION' ? 
r_xyhbond_nbd_refined        0.178  0.200  ? 52   'X-RAY DIFFRACTION' ? 
r_xyhbond_nbd_other          ?      ?      ? ?    'X-RAY DIFFRACTION' ? 
r_metal_ion_refined          ?      ?      ? ?    'X-RAY DIFFRACTION' ? 
r_metal_ion_other            ?      ?      ? ?    'X-RAY DIFFRACTION' ? 
r_symmetry_vdw_refined       0.259  0.200  ? 15   'X-RAY DIFFRACTION' ? 
r_symmetry_vdw_other         ?      ?      ? ?    'X-RAY DIFFRACTION' ? 
r_symmetry_hbond_refined     0.099  0.200  ? 2    'X-RAY DIFFRACTION' ? 
r_symmetry_hbond_other       ?      ?      ? ?    'X-RAY DIFFRACTION' ? 
r_symmetry_metal_ion_refined ?      ?      ? ?    'X-RAY DIFFRACTION' ? 
r_symmetry_metal_ion_other   ?      ?      ? ?    'X-RAY DIFFRACTION' ? 
r_mcbond_it                  0.838  1.500  ? 686  'X-RAY DIFFRACTION' ? 
r_mcbond_other               ?      ?      ? ?    'X-RAY DIFFRACTION' ? 
r_mcangle_it                 1.243  2.000  ? 1065 'X-RAY DIFFRACTION' ? 
r_mcangle_other              ?      ?      ? ?    'X-RAY DIFFRACTION' ? 
r_scbond_it                  2.228  3.000  ? 395  'X-RAY DIFFRACTION' ? 
r_scbond_other               ?      ?      ? ?    'X-RAY DIFFRACTION' ? 
r_scangle_it                 3.104  4.500  ? 322  'X-RAY DIFFRACTION' ? 
r_scangle_other              ?      ?      ? ?    'X-RAY DIFFRACTION' ? 
r_long_range_B_refined       ?      ?      ? ?    'X-RAY DIFFRACTION' ? 
r_long_range_B_other         ?      ?      ? ?    'X-RAY DIFFRACTION' ? 
r_rigid_bond_restr           ?      ?      ? ?    'X-RAY DIFFRACTION' ? 
r_sphericity_free            ?      ?      ? ?    'X-RAY DIFFRACTION' ? 
r_sphericity_bonded          ?      ?      ? ?    'X-RAY DIFFRACTION' ? 
# 
_refine_ls_shell.pdbx_refine_id                   'X-RAY DIFFRACTION' 
_refine_ls_shell.pdbx_total_number_of_bins_used   20 
_refine_ls_shell.d_res_high                       1.90 
_refine_ls_shell.d_res_low                        1.95 
_refine_ls_shell.number_reflns_R_work             736 
_refine_ls_shell.R_factor_R_work                  0.1870 
_refine_ls_shell.percent_reflns_obs               ? 
_refine_ls_shell.R_factor_R_free                  0.2510 
_refine_ls_shell.R_factor_R_free_error            ? 
_refine_ls_shell.percent_reflns_R_free            ? 
_refine_ls_shell.number_reflns_R_free             40 
_refine_ls_shell.number_reflns_all                ? 
_refine_ls_shell.R_factor_all                     ? 
# 
_struct.entry_id                  2IY2 
_struct.title                     'Crystal structure of the N-terminal dimer domain of E.coli DsbG' 
_struct.pdbx_model_details        ? 
_struct.pdbx_CASP_flag            ? 
_struct.pdbx_model_type_details   ? 
# 
_struct_keywords.entry_id        2IY2 
_struct_keywords.pdbx_keywords   CHAPERONE 
_struct_keywords.text            'DSBC, DSBG, CHAPERONE, PERIPLASMIC, REDOX-ACTIVE CENTER, DISULFIDE BOND ISOMERASE' 
# 
loop_
_struct_asym.id 
_struct_asym.pdbx_blank_PDB_chainid_flag 
_struct_asym.pdbx_modified 
_struct_asym.entity_id 
_struct_asym.details 
A N N 1 ? 
B N N 1 ? 
C N N 2 ? 
D N N 2 ? 
E N N 2 ? 
F N N 2 ? 
G N N 3 ? 
H N N 3 ? 
# 
_struct_biol.id   1 
# 
loop_
_struct_conf.conf_type_id 
_struct_conf.id 
_struct_conf.pdbx_PDB_helix_id 
_struct_conf.beg_label_comp_id 
_struct_conf.beg_label_asym_id 
_struct_conf.beg_label_seq_id 
_struct_conf.pdbx_beg_PDB_ins_code 
_struct_conf.end_label_comp_id 
_struct_conf.end_label_asym_id 
_struct_conf.end_label_seq_id 
_struct_conf.pdbx_end_PDB_ins_code 
_struct_conf.beg_auth_comp_id 
_struct_conf.beg_auth_asym_id 
_struct_conf.beg_auth_seq_id 
_struct_conf.end_auth_comp_id 
_struct_conf.end_auth_asym_id 
_struct_conf.end_auth_seq_id 
_struct_conf.pdbx_PDB_helix_class 
_struct_conf.details 
_struct_conf.pdbx_PDB_helix_length 
HELX_P HELX_P1 1 PRO A 4  ? LYS A 12 ? PRO A 4  LYS A 12 1 ? 9  
HELX_P HELX_P2 2 ASN A 62 ? GLU A 71 ? ASN A 62 GLU A 71 1 ? 10 
HELX_P HELX_P3 3 PRO B 4  ? LYS B 12 ? PRO B 4  LYS B 12 1 ? 9  
HELX_P HELX_P4 4 PRO B 24 ? GLY B 26 ? PRO B 24 GLY B 26 5 ? 3  
HELX_P HELX_P5 5 ASN B 62 ? GLU B 71 ? ASN B 62 GLU B 71 1 ? 10 
# 
_struct_conf_type.id          HELX_P 
_struct_conf_type.criteria    ? 
_struct_conf_type.reference   ? 
# 
loop_
_struct_conn.id 
_struct_conn.conn_type_id 
_struct_conn.pdbx_leaving_atom_flag 
_struct_conn.pdbx_PDB_id 
_struct_conn.ptnr1_label_asym_id 
_struct_conn.ptnr1_label_comp_id 
_struct_conn.ptnr1_label_seq_id 
_struct_conn.ptnr1_label_atom_id 
_struct_conn.pdbx_ptnr1_label_alt_id 
_struct_conn.pdbx_ptnr1_PDB_ins_code 
_struct_conn.pdbx_ptnr1_standard_comp_id 
_struct_conn.ptnr1_symmetry 
_struct_conn.ptnr2_label_asym_id 
_struct_conn.ptnr2_label_comp_id 
_struct_conn.ptnr2_label_seq_id 
_struct_conn.ptnr2_label_atom_id 
_struct_conn.pdbx_ptnr2_label_alt_id 
_struct_conn.pdbx_ptnr2_PDB_ins_code 
_struct_conn.ptnr1_auth_asym_id 
_struct_conn.ptnr1_auth_comp_id 
_struct_conn.ptnr1_auth_seq_id 
_struct_conn.ptnr2_auth_asym_id 
_struct_conn.ptnr2_auth_comp_id 
_struct_conn.ptnr2_auth_seq_id 
_struct_conn.ptnr2_symmetry 
_struct_conn.pdbx_ptnr3_label_atom_id 
_struct_conn.pdbx_ptnr3_label_seq_id 
_struct_conn.pdbx_ptnr3_label_comp_id 
_struct_conn.pdbx_ptnr3_label_asym_id 
_struct_conn.pdbx_ptnr3_label_alt_id 
_struct_conn.pdbx_ptnr3_PDB_ins_code 
_struct_conn.details 
_struct_conn.pdbx_dist_value 
_struct_conn.pdbx_value_order 
_struct_conn.pdbx_role 
metalc1  metalc ? ? A ASP 22 OD2 ? ? ? 4_454 D CD  . CD ? ? A ASP 22   A CD  1073 1_555 ? ? ? ? ? ? ? 2.427 ? ? 
metalc2  metalc ? ? A ASP 22 OD1 ? ? ? 4_454 D CD  . CD ? ? A ASP 22   A CD  1073 1_555 ? ? ? ? ? ? ? 2.333 ? ? 
metalc3  metalc ? ? A ASP 46 OD1 ? ? ? 1_555 D CD  . CD ? ? A ASP 46   A CD  1073 1_555 ? ? ? ? ? ? ? 2.267 ? ? 
metalc4  metalc ? ? A HIS 49 NE2 ? ? ? 1_555 C CD  . CD ? ? A HIS 49   A CD  1072 1_555 ? ? ? ? ? ? ? 2.345 ? ? 
metalc5  metalc ? ? C CD  .  CD  ? ? ? 1_555 G HOH . O  ? ? A CD  1072 A HOH 2014 4_454 ? ? ? ? ? ? ? 2.334 ? ? 
metalc6  metalc ? ? C CD  .  CD  ? ? ? 1_555 G HOH . O  ? ? A CD  1072 A HOH 2023 1_555 ? ? ? ? ? ? ? 2.297 ? ? 
metalc7  metalc ? ? C CD  .  CD  ? ? ? 1_555 G HOH . O  ? ? A CD  1072 A HOH 2024 1_555 ? ? ? ? ? ? ? 2.081 ? ? 
metalc8  metalc ? ? D CD  .  CD  ? ? ? 1_555 G HOH . O  ? ? A CD  1073 A HOH 2015 4_454 ? ? ? ? ? ? ? 2.260 ? ? 
metalc9  metalc ? ? D CD  .  CD  ? ? ? 1_555 G HOH . O  ? ? A CD  1073 A HOH 2017 4_454 ? ? ? ? ? ? ? 2.540 ? ? 
metalc10 metalc ? ? G HOH .  O   ? ? ? 1_555 E CD  . CD ? ? A HOH 2026 B CD  1072 1_555 ? ? ? ? ? ? ? 2.343 ? ? 
metalc11 metalc ? ? B ASP 22 OD1 ? ? ? 3_565 F CD  . CD ? ? B ASP 22   B CD  1073 1_555 ? ? ? ? ? ? ? 2.504 ? ? 
metalc12 metalc ? ? B ASP 22 OD2 ? ? ? 3_565 F CD  . CD ? ? B ASP 22   B CD  1073 1_555 ? ? ? ? ? ? ? 2.321 ? ? 
metalc13 metalc ? ? B ASP 46 OD2 ? ? ? 1_555 F CD  . CD ? ? B ASP 46   B CD  1073 1_555 ? ? ? ? ? ? ? 2.280 ? ? 
metalc14 metalc ? ? B HIS 49 NE2 ? ? ? 1_555 E CD  . CD ? ? B HIS 49   B CD  1072 1_555 ? ? ? ? ? ? ? 2.337 ? ? 
metalc15 metalc ? ? E CD  .  CD  ? ? ? 1_555 H HOH . O  ? ? B CD  1072 B HOH 2009 3_565 ? ? ? ? ? ? ? 2.360 ? ? 
metalc16 metalc ? ? E CD  .  CD  ? ? ? 1_555 H HOH . O  ? ? B CD  1072 B HOH 2022 1_555 ? ? ? ? ? ? ? 2.267 ? ? 
metalc17 metalc ? ? F CD  .  CD  ? ? ? 1_555 H HOH . O  ? ? B CD  1073 B HOH 2008 3_565 ? ? ? ? ? ? ? 2.291 ? ? 
metalc18 metalc ? ? F CD  .  CD  ? ? ? 1_555 H HOH . O  ? ? B CD  1073 B HOH 2014 3_565 ? ? ? ? ? ? ? 2.501 ? ? 
metalc19 metalc ? ? F CD  .  CD  ? ? ? 1_555 H HOH . O  ? ? B CD  1073 B HOH 2020 1_555 ? ? ? ? ? ? ? 2.406 ? ? 
# 
_struct_conn_type.id          metalc 
_struct_conn_type.criteria    ? 
_struct_conn_type.reference   ? 
# 
_struct_sheet.id               AA 
_struct_sheet.type             ? 
_struct_sheet.number_strands   8 
_struct_sheet.details          ? 
# 
loop_
_struct_sheet_order.sheet_id 
_struct_sheet_order.range_id_1 
_struct_sheet_order.range_id_2 
_struct_sheet_order.offset 
_struct_sheet_order.sense 
AA 1 2 ? anti-parallel 
AA 2 3 ? anti-parallel 
AA 3 4 ? anti-parallel 
AA 4 5 ? anti-parallel 
AA 5 6 ? anti-parallel 
AA 6 7 ? anti-parallel 
AA 7 8 ? anti-parallel 
# 
loop_
_struct_sheet_range.sheet_id 
_struct_sheet_range.id 
_struct_sheet_range.beg_label_comp_id 
_struct_sheet_range.beg_label_asym_id 
_struct_sheet_range.beg_label_seq_id 
_struct_sheet_range.pdbx_beg_PDB_ins_code 
_struct_sheet_range.end_label_comp_id 
_struct_sheet_range.end_label_asym_id 
_struct_sheet_range.end_label_seq_id 
_struct_sheet_range.pdbx_end_PDB_ins_code 
_struct_sheet_range.beg_auth_comp_id 
_struct_sheet_range.beg_auth_asym_id 
_struct_sheet_range.beg_auth_seq_id 
_struct_sheet_range.end_auth_comp_id 
_struct_sheet_range.end_auth_asym_id 
_struct_sheet_range.end_auth_seq_id 
AA 1 THR A 16 ? ASP A 22 ? THR A 16 ASP A 22 
AA 2 LYS A 28 ? TYR A 34 ? LYS A 28 TYR A 34 
AA 3 MET A 37 ? LEU A 43 ? MET A 37 LEU A 43 
AA 4 ALA A 50 ? TYR A 56 ? ALA A 50 TYR A 56 
AA 5 ALA B 50 ? TYR B 56 ? ALA B 50 TYR B 56 
AA 6 GLY B 38 ? LEU B 43 ? GLY B 38 LEU B 43 
AA 7 LYS B 28 ? LYS B 33 ? LYS B 28 LYS B 33 
AA 8 THR B 16 ? ASP B 22 ? THR B 16 ASP B 22 
# 
loop_
_pdbx_struct_sheet_hbond.sheet_id 
_pdbx_struct_sheet_hbond.range_id_1 
_pdbx_struct_sheet_hbond.range_id_2 
_pdbx_struct_sheet_hbond.range_1_label_atom_id 
_pdbx_struct_sheet_hbond.range_1_label_comp_id 
_pdbx_struct_sheet_hbond.range_1_label_asym_id 
_pdbx_struct_sheet_hbond.range_1_label_seq_id 
_pdbx_struct_sheet_hbond.range_1_PDB_ins_code 
_pdbx_struct_sheet_hbond.range_1_auth_atom_id 
_pdbx_struct_sheet_hbond.range_1_auth_comp_id 
_pdbx_struct_sheet_hbond.range_1_auth_asym_id 
_pdbx_struct_sheet_hbond.range_1_auth_seq_id 
_pdbx_struct_sheet_hbond.range_2_label_atom_id 
_pdbx_struct_sheet_hbond.range_2_label_comp_id 
_pdbx_struct_sheet_hbond.range_2_label_asym_id 
_pdbx_struct_sheet_hbond.range_2_label_seq_id 
_pdbx_struct_sheet_hbond.range_2_PDB_ins_code 
_pdbx_struct_sheet_hbond.range_2_auth_atom_id 
_pdbx_struct_sheet_hbond.range_2_auth_comp_id 
_pdbx_struct_sheet_hbond.range_2_auth_asym_id 
_pdbx_struct_sheet_hbond.range_2_auth_seq_id 
AA 1 2 N PHE A 21 ? N PHE A 21 O GLY A 29 ? O GLY A 29 
AA 2 3 N TYR A 34 ? N TYR A 34 O MET A 37 ? O MET A 37 
AA 3 4 N TYR A 42 ? N TYR A 42 O ILE A 51 ? O ILE A 51 
AA 4 5 N TYR A 56 ? N TYR A 56 O ALA B 50 ? O ALA B 50 
AA 5 6 N GLY B 53 ? N GLY B 53 O THR B 40 ? O THR B 40 
AA 6 7 N LEU B 43 ? N LEU B 43 O LYS B 28 ? O LYS B 28 
AA 7 8 N LYS B 33 ? N LYS B 33 O THR B 16 ? O THR B 16 
# 
loop_
_struct_site.id 
_struct_site.pdbx_evidence_code 
_struct_site.pdbx_auth_asym_id 
_struct_site.pdbx_auth_comp_id 
_struct_site.pdbx_auth_seq_id 
_struct_site.pdbx_auth_ins_code 
_struct_site.pdbx_num_residues 
_struct_site.details 
AC1 Software ? ? ? ? 4 'BINDING SITE FOR RESIDUE CD A1072' 
AC2 Software ? ? ? ? 4 'BINDING SITE FOR RESIDUE CD A1073' 
AC3 Software ? ? ? ? 4 'BINDING SITE FOR RESIDUE CD B1072' 
AC4 Software ? ? ? ? 5 'BINDING SITE FOR RESIDUE CD B1073' 
# 
loop_
_struct_site_gen.id 
_struct_site_gen.site_id 
_struct_site_gen.pdbx_num_res 
_struct_site_gen.label_comp_id 
_struct_site_gen.label_asym_id 
_struct_site_gen.label_seq_id 
_struct_site_gen.pdbx_auth_ins_code 
_struct_site_gen.auth_comp_id 
_struct_site_gen.auth_asym_id 
_struct_site_gen.auth_seq_id 
_struct_site_gen.label_atom_id 
_struct_site_gen.label_alt_id 
_struct_site_gen.symmetry 
_struct_site_gen.details 
1  AC1 4 HIS A 49 ? HIS A 49   . ? 1_555 ? 
2  AC1 4 HOH G .  ? HOH A 2014 . ? 1_555 ? 
3  AC1 4 HOH G .  ? HOH A 2023 . ? 1_555 ? 
4  AC1 4 HOH G .  ? HOH A 2024 . ? 1_555 ? 
5  AC2 4 ASP A 22 ? ASP A 22   . ? 1_555 ? 
6  AC2 4 ASP A 46 ? ASP A 46   . ? 1_555 ? 
7  AC2 4 HOH G .  ? HOH A 2015 . ? 1_555 ? 
8  AC2 4 HOH G .  ? HOH A 2017 . ? 1_555 ? 
9  AC3 4 HOH G .  ? HOH A 2026 . ? 1_555 ? 
10 AC3 4 HIS B 49 ? HIS B 49   . ? 1_555 ? 
11 AC3 4 HOH H .  ? HOH B 2009 . ? 1_555 ? 
12 AC3 4 HOH H .  ? HOH B 2022 . ? 1_555 ? 
13 AC4 5 ASP B 22 ? ASP B 22   . ? 1_555 ? 
14 AC4 5 ASP B 46 ? ASP B 46   . ? 1_555 ? 
15 AC4 5 HOH H .  ? HOH B 2008 . ? 1_555 ? 
16 AC4 5 HOH H .  ? HOH B 2014 . ? 1_555 ? 
17 AC4 5 HOH H .  ? HOH B 2020 . ? 1_555 ? 
# 
_atom_sites.entry_id                    2IY2 
_atom_sites.fract_transf_matrix[1][1]   -0.00868826 
_atom_sites.fract_transf_matrix[1][2]   0.01451279 
_atom_sites.fract_transf_matrix[1][3]   0.00483805 
_atom_sites.fract_transf_matrix[2][1]   0.00469695 
_atom_sites.fract_transf_matrix[2][2]   0.00782578 
_atom_sites.fract_transf_matrix[2][3]   -0.01504026 
_atom_sites.fract_transf_matrix[3][1]   -0.01968077 
_atom_sites.fract_transf_matrix[3][2]   -0.00829448 
_atom_sites.fract_transf_matrix[3][3]   -0.01046195 
_atom_sites.fract_transf_vector[1]      -0.283399 
_atom_sites.fract_transf_vector[2]      0.213266 
_atom_sites.fract_transf_vector[3]      -0.075506 
# 
loop_
_atom_type.symbol 
C  
CD 
N  
O  
S  
# 
loop_
_atom_site.group_PDB 
_atom_site.id 
_atom_site.type_symbol 
_atom_site.label_atom_id 
_atom_site.label_alt_id 
_atom_site.label_comp_id 
_atom_site.label_asym_id 
_atom_site.label_entity_id 
_atom_site.label_seq_id 
_atom_site.pdbx_PDB_ins_code 
_atom_site.Cartn_x 
_atom_site.Cartn_y 
_atom_site.Cartn_z 
_atom_site.occupancy 
_atom_site.B_iso_or_equiv 
_atom_site.pdbx_formal_charge 
_atom_site.auth_seq_id 
_atom_site.auth_comp_id 
_atom_site.auth_asym_id 
_atom_site.auth_atom_id 
_atom_site.pdbx_PDB_model_num 
ATOM   1    N  N   . LEU A 1 3  ? -10.285 -11.138 -11.287 1.00 19.33 ? 3    LEU A N   1 
ATOM   2    C  CA  . LEU A 1 3  ? -9.293  -10.240 -10.607 1.00 19.40 ? 3    LEU A CA  1 
ATOM   3    C  C   . LEU A 1 3  ? -7.924  -10.926 -10.493 1.00 18.86 ? 3    LEU A C   1 
ATOM   4    O  O   . LEU A 1 3  ? -7.847  -12.159 -10.456 1.00 19.15 ? 3    LEU A O   1 
ATOM   5    C  CB  . LEU A 1 3  ? -9.820  -9.840  -9.214  1.00 19.98 ? 3    LEU A CB  1 
ATOM   6    C  CG  . LEU A 1 3  ? -11.104 -9.004  -9.169  1.00 21.28 ? 3    LEU A CG  1 
ATOM   7    C  CD1 . LEU A 1 3  ? -11.692 -9.015  -7.786  1.00 24.21 ? 3    LEU A CD1 1 
ATOM   8    C  CD2 . LEU A 1 3  ? -10.851 -7.575  -9.644  1.00 23.01 ? 3    LEU A CD2 1 
ATOM   9    N  N   . PRO A 1 4  ? -6.839  -10.137 -10.435 1.00 18.78 ? 4    PRO A N   1 
ATOM   10   C  CA  . PRO A 1 4  ? -5.515  -10.676 -10.186 1.00 18.10 ? 4    PRO A CA  1 
ATOM   11   C  C   . PRO A 1 4  ? -5.510  -11.434 -8.866  1.00 17.67 ? 4    PRO A C   1 
ATOM   12   O  O   . PRO A 1 4  ? -6.204  -11.047 -7.940  1.00 17.67 ? 4    PRO A O   1 
ATOM   13   C  CB  . PRO A 1 4  ? -4.664  -9.414  -10.029 1.00 18.50 ? 4    PRO A CB  1 
ATOM   14   C  CG  . PRO A 1 4  ? -5.353  -8.420  -10.822 1.00 20.02 ? 4    PRO A CG  1 
ATOM   15   C  CD  . PRO A 1 4  ? -6.794  -8.670  -10.578 1.00 18.33 ? 4    PRO A CD  1 
ATOM   16   N  N   . ALA A 1 5  ? -4.693  -12.481 -8.779  1.00 17.44 ? 5    ALA A N   1 
ATOM   17   C  CA  . ALA A 1 5  ? -4.650  -13.390 -7.620  1.00 17.03 ? 5    ALA A CA  1 
ATOM   18   C  C   . ALA A 1 5  ? -4.657  -12.739 -6.213  1.00 16.40 ? 5    ALA A C   1 
ATOM   19   O  O   . ALA A 1 5  ? -5.487  -13.114 -5.366  1.00 16.13 ? 5    ALA A O   1 
ATOM   20   C  CB  . ALA A 1 5  ? -3.468  -14.383 -7.769  1.00 17.52 ? 5    ALA A CB  1 
ATOM   21   N  N   . PRO A 1 6  ? -3.739  -11.792 -5.945  1.00 15.77 ? 6    PRO A N   1 
ATOM   22   C  CA  . PRO A 1 6  ? -3.753  -11.210 -4.600  1.00 15.47 ? 6    PRO A CA  1 
ATOM   23   C  C   . PRO A 1 6  ? -5.004  -10.411 -4.303  1.00 15.60 ? 6    PRO A C   1 
ATOM   24   O  O   . PRO A 1 6  ? -5.464  -10.402 -3.164  1.00 15.13 ? 6    PRO A O   1 
ATOM   25   C  CB  . PRO A 1 6  ? -2.536  -10.283 -4.611  1.00 16.18 ? 6    PRO A CB  1 
ATOM   26   C  CG  . PRO A 1 6  ? -2.314  -9.971  -6.075  1.00 15.99 ? 6    PRO A CG  1 
ATOM   27   C  CD  . PRO A 1 6  ? -2.630  -11.247 -6.758  1.00 15.76 ? 6    PRO A CD  1 
ATOM   28   N  N   . VAL A 1 7  ? -5.560  -9.763  -5.325  1.00 14.62 ? 7    VAL A N   1 
ATOM   29   C  CA  . VAL A 1 7  ? -6.797  -8.987  -5.146  1.00 15.48 ? 7    VAL A CA  1 
ATOM   30   C  C   . VAL A 1 7  ? -7.978  -9.951  -4.933  1.00 15.77 ? 7    VAL A C   1 
ATOM   31   O  O   . VAL A 1 7  ? -8.812  -9.747  -4.044  1.00 15.89 ? 7    VAL A O   1 
ATOM   32   C  CB  . VAL A 1 7  ? -7.036  -7.987  -6.306  1.00 15.52 ? 7    VAL A CB  1 
ATOM   33   C  CG1 . VAL A 1 7  ? -8.362  -7.217  -6.113  1.00 16.05 ? 7    VAL A CG1 1 
ATOM   34   C  CG2 . VAL A 1 7  ? -5.897  -6.982  -6.391  1.00 18.22 ? 7    VAL A CG2 1 
ATOM   35   N  N   . LYS A 1 8  ? -8.019  -11.031 -5.711  1.00 15.74 ? 8    LYS A N   1 
ATOM   36   C  CA  . LYS A 1 8  ? -9.004  -12.085 -5.494  1.00 15.88 ? 8    LYS A CA  1 
ATOM   37   C  C   . LYS A 1 8  ? -8.929  -12.705 -4.109  1.00 15.86 ? 8    LYS A C   1 
ATOM   38   O  O   . LYS A 1 8  ? -9.951  -12.939 -3.483  1.00 14.77 ? 8    LYS A O   1 
ATOM   39   C  CB  . LYS A 1 8  ? -8.928  -13.159 -6.581  1.00 16.73 ? 8    LYS A CB  1 
ATOM   40   C  CG  . LYS A 1 8  ? -9.880  -12.882 -7.752  1.00 19.10 ? 8    LYS A CG  1 
ATOM   41   C  CD  . LYS A 1 8  ? -9.893  -14.007 -8.783  1.00 18.26 ? 8    LYS A CD  1 
ATOM   42   C  CE  . LYS A 1 8  ? -11.312 -14.251 -9.312  1.00 23.34 ? 8    LYS A CE  1 
ATOM   43   N  NZ  . LYS A 1 8  ? -11.772 -13.276 -10.363 1.00 22.53 ? 8    LYS A NZ  1 
ATOM   44   N  N   . ALA A 1 9  ? -7.713  -12.948 -3.624  1.00 15.56 ? 9    ALA A N   1 
ATOM   45   C  CA  . ALA A 1 9  ? -7.505  -13.503 -2.295  1.00 16.49 ? 9    ALA A CA  1 
ATOM   46   C  C   . ALA A 1 9  ? -7.964  -12.518 -1.210  1.00 16.41 ? 9    ALA A C   1 
ATOM   47   O  O   . ALA A 1 9  ? -8.576  -12.919 -0.226  1.00 17.18 ? 9    ALA A O   1 
ATOM   48   C  CB  . ALA A 1 9  ? -6.024  -13.871 -2.105  1.00 16.18 ? 9    ALA A CB  1 
ATOM   49   N  N   . ILE A 1 10 ? -7.671  -11.236 -1.396  1.00 16.25 ? 10   ILE A N   1 
ATOM   50   C  CA  . ILE A 1 10 ? -8.163  -10.192 -0.489  1.00 16.77 ? 10   ILE A CA  1 
ATOM   51   C  C   . ILE A 1 10 ? -9.715  -10.161 -0.514  1.00 17.18 ? 10   ILE A C   1 
ATOM   52   O  O   . ILE A 1 10 ? -10.349 -10.120 0.542   1.00 15.83 ? 10   ILE A O   1 
ATOM   53   C  CB  . ILE A 1 10 ? -7.580  -8.788  -0.869  1.00 17.05 ? 10   ILE A CB  1 
ATOM   54   C  CG1 . ILE A 1 10 ? -6.078  -8.676  -0.498  1.00 17.30 ? 10   ILE A CG1 1 
ATOM   55   C  CG2 . ILE A 1 10 ? -8.386  -7.646  -0.237  1.00 17.19 ? 10   ILE A CG2 1 
ATOM   56   C  CD1 . ILE A 1 10 ? -5.359  -7.420  -1.095  1.00 17.62 ? 10   ILE A CD1 1 
ATOM   57   N  N   . GLU A 1 11 ? -10.312 -10.159 -1.709  1.00 17.53 ? 11   GLU A N   1 
ATOM   58   C  CA  . GLU A 1 11 ? -11.792 -10.215 -1.822  1.00 18.79 ? 11   GLU A CA  1 
ATOM   59   C  C   . GLU A 1 11 ? -12.416 -11.350 -0.983  1.00 18.75 ? 11   GLU A C   1 
ATOM   60   O  O   . GLU A 1 11 ? -13.416 -11.123 -0.296  1.00 19.83 ? 11   GLU A O   1 
ATOM   61   C  CB  . GLU A 1 11 ? -12.283 -10.286 -3.280  1.00 18.52 ? 11   GLU A CB  1 
ATOM   62   C  CG  . GLU A 1 11 ? -13.839 -10.250 -3.416  1.00 20.92 ? 11   GLU A CG  1 
ATOM   63   C  CD  . GLU A 1 11 ? -14.328 -9.573  -4.696  1.00 27.78 ? 11   GLU A CD  1 
ATOM   64   O  OE1 . GLU A 1 11 ? -15.419 -8.938  -4.679  1.00 30.28 ? 11   GLU A OE1 1 
ATOM   65   O  OE2 . GLU A 1 11 ? -13.619 -9.667  -5.719  1.00 31.33 ? 11   GLU A OE2 1 
ATOM   66   N  N   . LYS A 1 12 ? -11.814 -12.541 -1.028  1.00 18.53 ? 12   LYS A N   1 
ATOM   67   C  CA  . LYS A 1 12 ? -12.265 -13.708 -0.245  1.00 19.49 ? 12   LYS A CA  1 
ATOM   68   C  C   . LYS A 1 12 ? -12.148 -13.518 1.268   1.00 19.03 ? 12   LYS A C   1 
ATOM   69   O  O   . LYS A 1 12 ? -12.637 -14.346 2.035   1.00 18.29 ? 12   LYS A O   1 
ATOM   70   C  CB  . LYS A 1 12 ? -11.499 -14.970 -0.637  1.00 19.46 ? 12   LYS A CB  1 
ATOM   71   C  CG  . LYS A 1 12 ? -11.713 -15.451 -2.082  1.00 21.16 ? 12   LYS A CG  1 
ATOM   72   C  CD  . LYS A 1 12 ? -11.198 -16.888 -2.263  1.00 21.79 ? 12   LYS A CD  1 
ATOM   73   C  CE  . LYS A 1 12 ? -9.677  -17.003 -2.044  1.00 26.29 ? 12   LYS A CE  1 
ATOM   74   N  NZ  . LYS A 1 12 ? -9.251  -18.432 -1.912  1.00 28.88 ? 12   LYS A NZ  1 
ATOM   75   N  N   . GLN A 1 13 ? -11.476 -12.448 1.681   1.00 18.95 ? 13   GLN A N   1 
ATOM   76   C  CA  . GLN A 1 13 ? -11.325 -12.111 3.091   1.00 20.46 ? 13   GLN A CA  1 
ATOM   77   C  C   . GLN A 1 13 ? -12.211 -10.929 3.456   1.00 20.00 ? 13   GLN A C   1 
ATOM   78   O  O   . GLN A 1 13 ? -11.931 -10.207 4.402   1.00 20.51 ? 13   GLN A O   1 
ATOM   79   C  CB  . GLN A 1 13 ? -9.856  -11.813 3.425   1.00 20.25 ? 13   GLN A CB  1 
ATOM   80   C  CG  . GLN A 1 13 ? -8.938  -13.030 3.297   1.00 21.70 ? 13   GLN A CG  1 
ATOM   81   C  CD  . GLN A 1 13 ? -7.467  -12.694 3.533   1.00 23.61 ? 13   GLN A CD  1 
ATOM   82   O  OE1 . GLN A 1 13 ? -7.112  -12.013 4.500   1.00 26.51 ? 13   GLN A OE1 1 
ATOM   83   N  NE2 . GLN A 1 13 ? -6.600  -13.175 2.642   1.00 27.93 ? 13   GLN A NE2 1 
ATOM   84   N  N   . GLY A 1 14 ? -13.289 -10.737 2.705   1.00 19.40 ? 14   GLY A N   1 
ATOM   85   C  CA  . GLY A 1 14 ? -14.332 -9.811  3.120   1.00 19.07 ? 14   GLY A CA  1 
ATOM   86   C  C   . GLY A 1 14 ? -14.279 -8.377  2.616   1.00 18.63 ? 14   GLY A C   1 
ATOM   87   O  O   . GLY A 1 14 ? -15.012 -7.527  3.110   1.00 18.56 ? 14   GLY A O   1 
ATOM   88   N  N   . ILE A 1 15 ? -13.443 -8.108  1.622   1.00 18.63 ? 15   ILE A N   1 
ATOM   89   C  CA  . ILE A 1 15 ? -13.429 -6.797  0.969   1.00 18.77 ? 15   ILE A CA  1 
ATOM   90   C  C   . ILE A 1 15 ? -14.204 -6.864  -0.354  1.00 18.30 ? 15   ILE A C   1 
ATOM   91   O  O   . ILE A 1 15 ? -13.907 -7.689  -1.198  1.00 18.88 ? 15   ILE A O   1 
ATOM   92   C  CB  . ILE A 1 15 ? -11.970 -6.313  0.723   1.00 18.58 ? 15   ILE A CB  1 
ATOM   93   C  CG1 . ILE A 1 15 ? -11.280 -6.045  2.056   1.00 20.03 ? 15   ILE A CG1 1 
ATOM   94   C  CG2 . ILE A 1 15 ? -11.929 -5.057  -0.132  1.00 18.35 ? 15   ILE A CG2 1 
ATOM   95   C  CD1 . ILE A 1 15 ? -9.791  -5.573  1.892   1.00 21.30 ? 15   ILE A CD1 1 
ATOM   96   N  N   . THR A 1 16 ? -15.197 -6.011  -0.544  1.00 17.51 ? 16   THR A N   1 
ATOM   97   C  CA  . THR A 1 16 ? -15.913 -6.014  -1.821  1.00 17.44 ? 16   THR A CA  1 
ATOM   98   C  C   . THR A 1 16 ? -15.138 -5.107  -2.777  1.00 17.61 ? 16   THR A C   1 
ATOM   99   O  O   . THR A 1 16 ? -14.902 -3.957  -2.437  1.00 17.10 ? 16   THR A O   1 
ATOM   100  C  CB  . THR A 1 16 ? -17.330 -5.451  -1.679  1.00 17.79 ? 16   THR A CB  1 
ATOM   101  O  OG1 . THR A 1 16 ? -18.063 -6.221  -0.713  1.00 19.02 ? 16   THR A OG1 1 
ATOM   102  C  CG2 . THR A 1 16 ? -18.057 -5.503  -3.008  1.00 18.10 ? 16   THR A CG2 1 
ATOM   103  N  N   . ILE A 1 17 ? -14.748 -5.618  -3.947  1.00 17.16 ? 17   ILE A N   1 
ATOM   104  C  CA  . ILE A 1 17 ? -14.051 -4.794  -4.951  1.00 17.76 ? 17   ILE A CA  1 
ATOM   105  C  C   . ILE A 1 17 ? -15.059 -4.028  -5.812  1.00 17.60 ? 17   ILE A C   1 
ATOM   106  O  O   . ILE A 1 17 ? -15.987 -4.623  -6.373  1.00 18.72 ? 17   ILE A O   1 
ATOM   107  C  CB  . ILE A 1 17 ? -13.099 -5.625  -5.842  1.00 18.62 ? 17   ILE A CB  1 
ATOM   108  C  CG1 . ILE A 1 17 ? -12.111 -6.437  -4.993  1.00 18.78 ? 17   ILE A CG1 1 
ATOM   109  C  CG2 . ILE A 1 17 ? -12.359 -4.701  -6.869  1.00 20.51 ? 17   ILE A CG2 1 
ATOM   110  C  CD1 . ILE A 1 17 ? -11.246 -5.614  -3.960  1.00 22.30 ? 17   ILE A CD1 1 
ATOM   111  N  N   . ILE A 1 18 ? -14.894 -2.712  -5.873  1.00 16.83 ? 18   ILE A N   1 
ATOM   112  C  CA  . ILE A 1 18 ? -15.866 -1.796  -6.509  1.00 17.93 ? 18   ILE A CA  1 
ATOM   113  C  C   . ILE A 1 18 ? -15.466 -1.412  -7.943  1.00 18.15 ? 18   ILE A C   1 
ATOM   114  O  O   . ILE A 1 18 ? -16.290 -1.453  -8.866  1.00 17.62 ? 18   ILE A O   1 
ATOM   115  C  CB  . ILE A 1 18 ? -16.081 -0.510  -5.634  1.00 17.99 ? 18   ILE A CB  1 
ATOM   116  C  CG1 . ILE A 1 18 ? -16.680 -0.873  -4.267  1.00 17.18 ? 18   ILE A CG1 1 
ATOM   117  C  CG2 . ILE A 1 18 ? -17.002 0.521   -6.324  1.00 19.62 ? 18   ILE A CG2 1 
ATOM   118  C  CD1 . ILE A 1 18 ? -18.000 -1.639  -4.326  1.00 16.91 ? 18   ILE A CD1 1 
ATOM   119  N  N   . LYS A 1 19 ? -14.209 -1.035  -8.131  1.00 18.19 ? 19   LYS A N   1 
ATOM   120  C  CA  . LYS A 1 19 ? -13.762 -0.599  -9.455  1.00 19.61 ? 19   LYS A CA  1 
ATOM   121  C  C   . LYS A 1 19 ? -12.246 -0.642  -9.541  1.00 19.45 ? 19   LYS A C   1 
ATOM   122  O  O   . LYS A 1 19 ? -11.568 -0.722  -8.508  1.00 17.80 ? 19   LYS A O   1 
ATOM   123  C  CB  . LYS A 1 19 ? -14.307 0.801   -9.788  1.00 19.82 ? 19   LYS A CB  1 
ATOM   124  C  CG  . LYS A 1 19 ? -13.825 1.952   -8.869  1.00 21.94 ? 19   LYS A CG  1 
ATOM   125  C  CD  . LYS A 1 19 ? -14.525 3.301   -9.246  1.00 22.84 ? 19   LYS A CD  1 
ATOM   126  C  CE  . LYS A 1 19 ? -13.799 4.089   -10.377 1.00 26.32 ? 19   LYS A CE  1 
ATOM   127  N  NZ  . LYS A 1 19 ? -12.323 4.179   -10.139 1.00 29.96 ? 19   LYS A NZ  1 
ATOM   128  N  N   . THR A 1 20 ? -11.714 -0.589  -10.761 1.00 19.46 ? 20   THR A N   1 
ATOM   129  C  CA  . THR A 1 20 ? -10.274 -0.481  -10.926 1.00 20.29 ? 20   THR A CA  1 
ATOM   130  C  C   . THR A 1 20 ? -9.928  0.932   -11.367 1.00 20.05 ? 20   THR A C   1 
ATOM   131  O  O   . THR A 1 20 ? -10.769 1.615   -11.937 1.00 19.71 ? 20   THR A O   1 
ATOM   132  C  CB  . THR A 1 20 ? -9.700  -1.528  -11.909 1.00 21.52 ? 20   THR A CB  1 
ATOM   133  O  OG1 . THR A 1 20 ? -10.366 -1.439  -13.179 1.00 22.76 ? 20   THR A OG1 1 
ATOM   134  C  CG2 . THR A 1 20 ? -9.921  -2.912  -11.361 1.00 23.70 ? 20   THR A CG2 1 
ATOM   135  N  N   . PHE A 1 21 ? -8.717  1.388   -11.059 1.00 19.45 ? 21   PHE A N   1 
ATOM   136  C  CA  . PHE A 1 21 ? -8.244  2.694   -11.534 1.00 20.18 ? 21   PHE A CA  1 
ATOM   137  C  C   . PHE A 1 21 ? -6.733  2.603   -11.797 1.00 19.99 ? 21   PHE A C   1 
ATOM   138  O  O   . PHE A 1 21 ? -6.077  1.725   -11.257 1.00 20.27 ? 21   PHE A O   1 
ATOM   139  C  CB  . PHE A 1 21 ? -8.603  3.835   -10.563 1.00 19.92 ? 21   PHE A CB  1 
ATOM   140  C  CG  . PHE A 1 21 ? -8.056  3.675   -9.183  1.00 20.71 ? 21   PHE A CG  1 
ATOM   141  C  CD1 . PHE A 1 21 ? -6.862  4.304   -8.812  1.00 19.59 ? 21   PHE A CD1 1 
ATOM   142  C  CD2 . PHE A 1 21 ? -8.734  2.928   -8.231  1.00 18.55 ? 21   PHE A CD2 1 
ATOM   143  C  CE1 . PHE A 1 21 ? -6.349  4.156   -7.529  1.00 18.86 ? 21   PHE A CE1 1 
ATOM   144  C  CE2 . PHE A 1 21 ? -8.251  2.780   -6.963  1.00 15.92 ? 21   PHE A CE2 1 
ATOM   145  C  CZ  . PHE A 1 21 ? -7.038  3.401   -6.594  1.00 20.70 ? 21   PHE A CZ  1 
ATOM   146  N  N   . ASP A 1 22 ? -6.210  3.454   -12.679 1.00 19.43 ? 22   ASP A N   1 
ATOM   147  C  CA  . ASP A 1 22 ? -4.760  3.513   -12.916 1.00 18.89 ? 22   ASP A CA  1 
ATOM   148  C  C   . ASP A 1 22 ? -4.201  4.494   -11.913 1.00 19.13 ? 22   ASP A C   1 
ATOM   149  O  O   . ASP A 1 22 ? -4.745  5.587   -11.751 1.00 20.21 ? 22   ASP A O   1 
ATOM   150  C  CB  . ASP A 1 22 ? -4.439  3.966   -14.357 1.00 18.48 ? 22   ASP A CB  1 
ATOM   151  C  CG  . ASP A 1 22 ? -4.816  2.903   -15.403 1.00 19.74 ? 22   ASP A CG  1 
ATOM   152  O  OD1 . ASP A 1 22 ? -5.009  3.256   -16.575 1.00 16.70 ? 22   ASP A OD1 1 
ATOM   153  O  OD2 . ASP A 1 22 ? -4.904  1.706   -15.062 1.00 18.67 ? 22   ASP A OD2 1 
ATOM   154  N  N   . ALA A 1 23 ? -3.145  4.093   -11.214 1.00 18.36 ? 23   ALA A N   1 
ATOM   155  C  CA  . ALA A 1 23 ? -2.547  4.929   -10.175 1.00 17.10 ? 23   ALA A CA  1 
ATOM   156  C  C   . ALA A 1 23 ? -1.149  5.278   -10.655 1.00 16.95 ? 23   ALA A C   1 
ATOM   157  O  O   . ALA A 1 23 ? -0.631  4.573   -11.540 1.00 15.22 ? 23   ALA A O   1 
ATOM   158  C  CB  . ALA A 1 23 ? -2.477  4.159   -8.870  1.00 16.69 ? 23   ALA A CB  1 
ATOM   159  N  N   . PRO A 1 24 ? -0.508  6.304   -10.047 1.00 15.99 ? 24   PRO A N   1 
ATOM   160  C  CA  . PRO A 1 24 ? 0.854   6.618   -10.458 1.00 16.56 ? 24   PRO A CA  1 
ATOM   161  C  C   . PRO A 1 24 ? 1.893   5.630   -9.923  1.00 16.12 ? 24   PRO A C   1 
ATOM   162  O  O   . PRO A 1 24 ? 1.564   4.736   -9.161  1.00 15.71 ? 24   PRO A O   1 
ATOM   163  C  CB  . PRO A 1 24 ? 1.065   8.064   -9.931  1.00 17.02 ? 24   PRO A CB  1 
ATOM   164  C  CG  . PRO A 1 24 ? 0.241   8.125   -8.709  1.00 17.00 ? 24   PRO A CG  1 
ATOM   165  C  CD  . PRO A 1 24 ? -0.994  7.255   -9.017  1.00 17.85 ? 24   PRO A CD  1 
ATOM   166  N  N   . GLY A 1 25 ? 3.122   5.737   -10.401 1.00 15.63 ? 25   GLY A N   1 
ATOM   167  C  CA  . GLY A 1 25 ? 4.178   4.836   -9.983  1.00 16.00 ? 25   GLY A CA  1 
ATOM   168  C  C   . GLY A 1 25 ? 4.104   3.448   -10.583 1.00 17.29 ? 25   GLY A C   1 
ATOM   169  O  O   . GLY A 1 25 ? 4.733   2.518   -10.074 1.00 17.84 ? 25   GLY A O   1 
ATOM   170  N  N   . GLY A 1 26 ? 3.317   3.289   -11.641 1.00 17.27 ? 26   GLY A N   1 
ATOM   171  C  CA  . GLY A 1 26 ? 3.148   1.985   -12.300 1.00 18.03 ? 26   GLY A CA  1 
ATOM   172  C  C   . GLY A 1 26 ? 2.248   0.999   -11.564 1.00 18.75 ? 26   GLY A C   1 
ATOM   173  O  O   . GLY A 1 26 ? 2.257   -0.192  -11.886 1.00 18.96 ? 26   GLY A O   1 
ATOM   174  N  N   . MET A 1 27 ? 1.475   1.486   -10.587 1.00 18.27 ? 27   MET A N   1 
ATOM   175  C  CA  . MET A 1 27 ? 0.597   0.651   -9.752  1.00 19.48 ? 27   MET A CA  1 
ATOM   176  C  C   . MET A 1 27 ? -0.821  0.623   -10.345 1.00 19.90 ? 27   MET A C   1 
ATOM   177  O  O   . MET A 1 27 ? -1.309  1.625   -10.881 1.00 19.87 ? 27   MET A O   1 
ATOM   178  C  CB  . MET A 1 27 ? 0.526   1.191   -8.328  1.00 19.23 ? 27   MET A CB  1 
ATOM   179  C  CG  . MET A 1 27 ? 1.887   1.430   -7.616  1.00 20.92 ? 27   MET A CG  1 
ATOM   180  S  SD  . MET A 1 27 ? 2.843   -0.077  -7.411  1.00 20.90 ? 27   MET A SD  1 
ATOM   181  C  CE  . MET A 1 27 ? 1.940   -0.860  -6.032  1.00 16.09 ? 27   MET A CE  1 
ATOM   182  N  N   . LYS A 1 28 ? -1.465  -0.527  -10.293 1.00 19.64 ? 28   LYS A N   1 
ATOM   183  C  CA  . LYS A 1 28 ? -2.870  -0.613  -10.719 1.00 18.66 ? 28   LYS A CA  1 
ATOM   184  C  C   . LYS A 1 28 ? -3.722  -0.551  -9.445  1.00 18.31 ? 28   LYS A C   1 
ATOM   185  O  O   . LYS A 1 28 ? -3.527  -1.340  -8.503  1.00 17.55 ? 28   LYS A O   1 
ATOM   186  C  CB  . LYS A 1 28 ? -3.114  -1.918  -11.493 1.00 19.33 ? 28   LYS A CB  1 
ATOM   187  C  CG  . LYS A 1 28 ? -4.523  -2.078  -12.077 1.00 22.16 ? 28   LYS A CG  1 
ATOM   188  N  N   . GLY A 1 29 ? -4.678  0.377   -9.415  1.00 17.34 ? 29   GLY A N   1 
ATOM   189  C  CA  . GLY A 1 29 ? -5.473  0.588   -8.198  1.00 16.66 ? 29   GLY A CA  1 
ATOM   190  C  C   . GLY A 1 29 ? -6.810  -0.132  -8.237  1.00 16.69 ? 29   GLY A C   1 
ATOM   191  O  O   . GLY A 1 29 ? -7.428  -0.261  -9.302  1.00 15.15 ? 29   GLY A O   1 
ATOM   192  N  N   . TYR A 1 30 ? -7.267  -0.576  -7.068  1.00 15.45 ? 30   TYR A N   1 
ATOM   193  C  CA  . TYR A 1 30 ? -8.574  -1.190  -6.911  1.00 16.95 ? 30   TYR A CA  1 
ATOM   194  C  C   . TYR A 1 30 ? -9.247  -0.492  -5.752  1.00 16.17 ? 30   TYR A C   1 
ATOM   195  O  O   . TYR A 1 30 ? -8.643  -0.289  -4.703  1.00 16.39 ? 30   TYR A O   1 
ATOM   196  C  CB  . TYR A 1 30 ? -8.431  -2.683  -6.583  1.00 18.14 ? 30   TYR A CB  1 
ATOM   197  C  CG  . TYR A 1 30 ? -7.959  -3.482  -7.770  1.00 19.96 ? 30   TYR A CG  1 
ATOM   198  C  CD1 . TYR A 1 30 ? -6.593  -3.608  -8.058  1.00 20.73 ? 30   TYR A CD1 1 
ATOM   199  C  CD2 . TYR A 1 30 ? -8.869  -4.088  -8.615  1.00 22.23 ? 30   TYR A CD2 1 
ATOM   200  C  CE1 . TYR A 1 30 ? -6.164  -4.309  -9.164  1.00 19.58 ? 30   TYR A CE1 1 
ATOM   201  C  CE2 . TYR A 1 30 ? -8.438  -4.811  -9.725  1.00 23.80 ? 30   TYR A CE2 1 
ATOM   202  C  CZ  . TYR A 1 30 ? -7.083  -4.905  -9.981  1.00 21.08 ? 30   TYR A CZ  1 
ATOM   203  O  OH  . TYR A 1 30 ? -6.667  -5.594  -11.089 1.00 21.48 ? 30   TYR A OH  1 
ATOM   204  N  N   . LEU A 1 31 ? -10.490 -0.102  -5.956  1.00 15.97 ? 31   LEU A N   1 
ATOM   205  C  CA  . LEU A 1 31 ? -11.241 0.543   -4.916  1.00 16.06 ? 31   LEU A CA  1 
ATOM   206  C  C   . LEU A 1 31 ? -12.176 -0.519  -4.341  1.00 16.16 ? 31   LEU A C   1 
ATOM   207  O  O   . LEU A 1 31 ? -12.896 -1.189  -5.081  1.00 15.50 ? 31   LEU A O   1 
ATOM   208  C  CB  . LEU A 1 31 ? -12.043 1.719   -5.504  1.00 16.17 ? 31   LEU A CB  1 
ATOM   209  C  CG  . LEU A 1 31 ? -13.000 2.403   -4.523  1.00 15.77 ? 31   LEU A CG  1 
ATOM   210  C  CD1 . LEU A 1 31 ? -12.208 3.142   -3.434  1.00 18.67 ? 31   LEU A CD1 1 
ATOM   211  C  CD2 . LEU A 1 31 ? -13.993 3.337   -5.246  1.00 17.38 ? 31   LEU A CD2 1 
ATOM   212  N  N   . GLY A 1 32 ? -12.159 -0.666  -3.028  1.00 15.84 ? 32   GLY A N   1 
ATOM   213  C  CA  . GLY A 1 32 ? -12.972 -1.675  -2.380  1.00 16.85 ? 32   GLY A CA  1 
ATOM   214  C  C   . GLY A 1 32 ? -13.697 -1.089  -1.204  1.00 17.08 ? 32   GLY A C   1 
ATOM   215  O  O   . GLY A 1 32 ? -13.565 0.099   -0.908  1.00 16.65 ? 32   GLY A O   1 
ATOM   216  N  N   . LYS A 1 33 ? -14.500 -1.909  -0.544  1.00 17.71 ? 33   LYS A N   1 
ATOM   217  C  CA  . LYS A 1 33 ? -15.041 -1.484  0.735   1.00 18.81 ? 33   LYS A CA  1 
ATOM   218  C  C   . LYS A 1 33 ? -14.941 -2.570  1.796   1.00 19.85 ? 33   LYS A C   1 
ATOM   219  O  O   . LYS A 1 33 ? -15.101 -3.753  1.500   1.00 20.13 ? 33   LYS A O   1 
ATOM   220  C  CB  . LYS A 1 33 ? -16.453 -0.922  0.601   1.00 19.18 ? 33   LYS A CB  1 
ATOM   221  C  CG  . LYS A 1 33 ? -17.397 -1.802  -0.179  1.00 19.30 ? 33   LYS A CG  1 
ATOM   222  C  CD  . LYS A 1 33 ? -18.821 -1.369  -0.024  1.00 20.75 ? 33   LYS A CD  1 
ATOM   223  C  CE  . LYS A 1 33 ? -19.708 -2.321  -0.815  1.00 21.68 ? 33   LYS A CE  1 
ATOM   224  N  NZ  . LYS A 1 33 ? -21.130 -2.241  -0.396  1.00 24.42 ? 33   LYS A NZ  1 
ATOM   225  N  N   . TYR A 1 34 ? -14.631 -2.137  3.013   1.00 20.72 ? 34   TYR A N   1 
ATOM   226  C  CA  . TYR A 1 34 ? -14.545 -2.988  4.192   1.00 22.12 ? 34   TYR A CA  1 
ATOM   227  C  C   . TYR A 1 34 ? -15.392 -2.322  5.258   1.00 22.75 ? 34   TYR A C   1 
ATOM   228  O  O   . TYR A 1 34 ? -15.101 -1.201  5.687   1.00 23.21 ? 34   TYR A O   1 
ATOM   229  C  CB  . TYR A 1 34 ? -13.087 -3.142  4.662   1.00 23.00 ? 34   TYR A CB  1 
ATOM   230  C  CG  . TYR A 1 34 ? -12.928 -3.936  5.957   1.00 24.81 ? 34   TYR A CG  1 
ATOM   231  C  CD1 . TYR A 1 34 ? -12.974 -5.335  5.955   1.00 26.27 ? 34   TYR A CD1 1 
ATOM   232  C  CD2 . TYR A 1 34 ? -12.726 -3.292  7.177   1.00 24.49 ? 34   TYR A CD2 1 
ATOM   233  C  CE1 . TYR A 1 34 ? -12.833 -6.065  7.138   1.00 25.38 ? 34   TYR A CE1 1 
ATOM   234  C  CE2 . TYR A 1 34 ? -12.569 -4.017  8.349   1.00 26.01 ? 34   TYR A CE2 1 
ATOM   235  C  CZ  . TYR A 1 34 ? -12.634 -5.406  8.320   1.00 25.06 ? 34   TYR A CZ  1 
ATOM   236  O  OH  . TYR A 1 34 ? -12.485 -6.131  9.486   1.00 25.65 ? 34   TYR A OH  1 
ATOM   237  N  N   . GLN A 1 35 ? -16.456 -3.018  5.655   1.00 23.02 ? 35   GLN A N   1 
ATOM   238  C  CA  . GLN A 1 35 ? -17.481 -2.520  6.586   1.00 24.27 ? 35   GLN A CA  1 
ATOM   239  C  C   . GLN A 1 35 ? -17.987 -1.098  6.277   1.00 24.23 ? 35   GLN A C   1 
ATOM   240  O  O   . GLN A 1 35 ? -17.948 -0.204  7.125   1.00 24.62 ? 35   GLN A O   1 
ATOM   241  C  CB  . GLN A 1 35 ? -17.026 -2.682  8.045   1.00 24.26 ? 35   GLN A CB  1 
ATOM   242  C  CG  . GLN A 1 35 ? -16.535 -4.095  8.356   1.00 25.96 ? 35   GLN A CG  1 
ATOM   243  C  CD  . GLN A 1 35 ? -16.371 -4.355  9.834   1.00 27.29 ? 35   GLN A CD  1 
ATOM   244  O  OE1 . GLN A 1 35 ? -15.841 -3.523  10.561  1.00 28.78 ? 35   GLN A OE1 1 
ATOM   245  N  NE2 . GLN A 1 35 ? -16.823 -5.524  10.285  1.00 27.16 ? 35   GLN A NE2 1 
ATOM   246  N  N   . ASP A 1 36 ? -18.472 -0.916  5.050   1.00 24.15 ? 36   ASP A N   1 
ATOM   247  C  CA  . ASP A 1 36 ? -19.010 0.365   4.578   1.00 23.89 ? 36   ASP A CA  1 
ATOM   248  C  C   . ASP A 1 36 ? -17.960 1.501   4.561   1.00 23.01 ? 36   ASP A C   1 
ATOM   249  O  O   . ASP A 1 36 ? -18.311 2.673   4.452   1.00 23.33 ? 36   ASP A O   1 
ATOM   250  C  CB  . ASP A 1 36 ? -20.285 0.767   5.356   1.00 24.76 ? 36   ASP A CB  1 
ATOM   251  C  CG  . ASP A 1 36 ? -21.574 0.085   4.823   1.00 25.75 ? 36   ASP A CG  1 
ATOM   252  O  OD1 . ASP A 1 36 ? -21.561 -0.528  3.729   1.00 28.13 ? 36   ASP A OD1 1 
ATOM   253  O  OD2 . ASP A 1 36 ? -22.623 0.178   5.504   1.00 28.77 ? 36   ASP A OD2 1 
ATOM   254  N  N   . MET A 1 37 ? -16.679 1.148   4.662   1.00 21.37 ? 37   MET A N   1 
ATOM   255  C  CA  . MET A 1 37 ? -15.592 2.124   4.534   1.00 19.66 ? 37   MET A CA  1 
ATOM   256  C  C   . MET A 1 37 ? -14.801 1.856   3.263   1.00 18.79 ? 37   MET A C   1 
ATOM   257  O  O   . MET A 1 37 ? -14.569 0.701   2.900   1.00 18.51 ? 37   MET A O   1 
ATOM   258  C  CB  . MET A 1 37 ? -14.662 2.090   5.750   1.00 19.54 ? 37   MET A CB  1 
ATOM   259  N  N   . GLY A 1 38 ? -14.404 2.920   2.581   1.00 17.32 ? 38   GLY A N   1 
ATOM   260  C  CA  . GLY A 1 38 ? -13.687 2.789   1.333   1.00 16.47 ? 38   GLY A CA  1 
ATOM   261  C  C   . GLY A 1 38 ? -12.254 2.376   1.598   1.00 16.11 ? 38   GLY A C   1 
ATOM   262  O  O   . GLY A 1 38 ? -11.659 2.835   2.564   1.00 15.71 ? 38   GLY A O   1 
ATOM   263  N  N   . VAL A 1 39 ? -11.710 1.493   0.761   1.00 15.96 ? 39   VAL A N   1 
ATOM   264  C  CA  . VAL A 1 39 ? -10.289 1.097   0.849   1.00 16.42 ? 39   VAL A CA  1 
ATOM   265  C  C   . VAL A 1 39 ? -9.632  1.082   -0.546  1.00 16.56 ? 39   VAL A C   1 
ATOM   266  O  O   . VAL A 1 39 ? -10.313 0.845   -1.556  1.00 16.58 ? 39   VAL A O   1 
ATOM   267  C  CB  . VAL A 1 39 ? -10.062 -0.282  1.552   1.00 17.22 ? 39   VAL A CB  1 
ATOM   268  C  CG1 . VAL A 1 39 ? -10.494 -0.248  3.021   1.00 16.85 ? 39   VAL A CG1 1 
ATOM   269  C  CG2 . VAL A 1 39 ? -10.761 -1.376  0.834   1.00 18.25 ? 39   VAL A CG2 1 
ATOM   270  N  N   . THR A 1 40 ? -8.341  1.407   -0.616  1.00 15.09 ? 40   THR A N   1 
ATOM   271  C  CA  . THR A 1 40 ? -7.644  1.408   -1.898  1.00 15.25 ? 40   THR A CA  1 
ATOM   272  C  C   . THR A 1 40 ? -6.549  0.358   -1.799  1.00 15.54 ? 40   THR A C   1 
ATOM   273  O  O   . THR A 1 40 ? -5.798  0.332   -0.818  1.00 15.04 ? 40   THR A O   1 
ATOM   274  C  CB  . THR A 1 40 ? -6.993  2.778   -2.236  1.00 15.22 ? 40   THR A CB  1 
ATOM   275  O  OG1 . THR A 1 40 ? -6.315  3.271   -1.079  1.00 18.22 ? 40   THR A OG1 1 
ATOM   276  C  CG2 . THR A 1 40 ? -8.047  3.829   -2.661  1.00 15.14 ? 40   THR A CG2 1 
ATOM   277  N  N   . ILE A 1 41 ? -6.492  -0.503  -2.807  1.00 14.52 ? 41   ILE A N   1 
ATOM   278  C  CA  . ILE A 1 41 ? -5.535  -1.588  -2.884  1.00 15.03 ? 41   ILE A CA  1 
ATOM   279  C  C   . ILE A 1 41 ? -4.723  -1.406  -4.160  1.00 14.38 ? 41   ILE A C   1 
ATOM   280  O  O   . ILE A 1 41 ? -5.292  -1.158  -5.229  1.00 15.76 ? 41   ILE A O   1 
ATOM   281  C  CB  . ILE A 1 41 ? -6.226  -2.933  -2.916  1.00 15.29 ? 41   ILE A CB  1 
ATOM   282  C  CG1 . ILE A 1 41 ? -6.966  -3.168  -1.580  1.00 16.89 ? 41   ILE A CG1 1 
ATOM   283  C  CG2 . ILE A 1 41 ? -5.184  -4.045  -3.238  1.00 15.71 ? 41   ILE A CG2 1 
ATOM   284  C  CD1 . ILE A 1 41 ? -8.252  -4.036  -1.716  1.00 18.76 ? 41   ILE A CD1 1 
ATOM   285  N  N   . TYR A 1 42 ? -3.395  -1.511  -4.054  1.00 14.61 ? 42   TYR A N   1 
ATOM   286  C  CA  . TYR A 1 42 ? -2.508  -1.219  -5.204  1.00 14.09 ? 42   TYR A CA  1 
ATOM   287  C  C   . TYR A 1 42 ? -1.749  -2.467  -5.602  1.00 14.70 ? 42   TYR A C   1 
ATOM   288  O  O   . TYR A 1 42 ? -1.029  -3.042  -4.785  1.00 15.03 ? 42   TYR A O   1 
ATOM   289  C  CB  . TYR A 1 42 ? -1.513  -0.117  -4.821  1.00 15.30 ? 42   TYR A CB  1 
ATOM   290  C  CG  . TYR A 1 42 ? -2.241  1.177   -4.564  1.00 15.76 ? 42   TYR A CG  1 
ATOM   291  C  CD1 . TYR A 1 42 ? -2.635  1.534   -3.261  1.00 17.04 ? 42   TYR A CD1 1 
ATOM   292  C  CD2 . TYR A 1 42 ? -2.604  2.004   -5.627  1.00 17.20 ? 42   TYR A CD2 1 
ATOM   293  C  CE1 . TYR A 1 42 ? -3.337  2.737   -3.026  1.00 14.09 ? 42   TYR A CE1 1 
ATOM   294  C  CE2 . TYR A 1 42 ? -3.299  3.219   -5.404  1.00 17.83 ? 42   TYR A CE2 1 
ATOM   295  C  CZ  . TYR A 1 42 ? -3.664  3.559   -4.105  1.00 16.51 ? 42   TYR A CZ  1 
ATOM   296  O  OH  . TYR A 1 42 ? -4.377  4.723   -3.865  1.00 17.56 ? 42   TYR A OH  1 
ATOM   297  N  N   . LEU A 1 43 ? -1.872  -2.841  -6.862  1.00 13.53 ? 43   LEU A N   1 
ATOM   298  C  CA  . LEU A 1 43 ? -1.291  -4.070  -7.368  1.00 14.55 ? 43   LEU A CA  1 
ATOM   299  C  C   . LEU A 1 43 ? 0.088   -3.738  -7.855  1.00 15.32 ? 43   LEU A C   1 
ATOM   300  O  O   . LEU A 1 43 ? 0.243   -2.768  -8.632  1.00 16.01 ? 43   LEU A O   1 
ATOM   301  C  CB  . LEU A 1 43 ? -2.134  -4.553  -8.573  1.00 14.74 ? 43   LEU A CB  1 
ATOM   302  C  CG  . LEU A 1 43 ? -1.785  -5.910  -9.191  1.00 14.76 ? 43   LEU A CG  1 
ATOM   303  C  CD1 . LEU A 1 43 ? -2.088  -7.044  -8.199  1.00 15.58 ? 43   LEU A CD1 1 
ATOM   304  C  CD2 . LEU A 1 43 ? -2.534  -6.127  -10.536 1.00 16.20 ? 43   LEU A CD2 1 
ATOM   305  N  N   . THR A 1 44 ? 1.075   -4.559  -7.500  1.00 14.86 ? 44   THR A N   1 
ATOM   306  C  CA  . THR A 1 44 ? 2.422   -4.347  -8.020  1.00 16.92 ? 44   THR A CA  1 
ATOM   307  C  C   . THR A 1 44 ? 2.479   -4.714  -9.518  1.00 18.39 ? 44   THR A C   1 
ATOM   308  O  O   . THR A 1 44 ? 1.623   -5.440  -10.005 1.00 18.30 ? 44   THR A O   1 
ATOM   309  C  CB  . THR A 1 44 ? 3.452   -5.108  -7.192  1.00 16.35 ? 44   THR A CB  1 
ATOM   310  O  OG1 . THR A 1 44 ? 3.110   -6.505  -7.133  1.00 15.97 ? 44   THR A OG1 1 
ATOM   311  C  CG2 . THR A 1 44 ? 3.476   -4.523  -5.788  1.00 16.73 ? 44   THR A CG2 1 
ATOM   312  N  N   . PRO A 1 45 ? 3.464   -4.172  -10.278 1.00 20.66 ? 45   PRO A N   1 
ATOM   313  C  CA  . PRO A 1 45 ? 3.569   -4.463  -11.713 1.00 21.11 ? 45   PRO A CA  1 
ATOM   314  C  C   . PRO A 1 45 ? 3.525   -5.945  -12.113 1.00 21.68 ? 45   PRO A C   1 
ATOM   315  O  O   . PRO A 1 45 ? 2.937   -6.292  -13.158 1.00 22.40 ? 45   PRO A O   1 
ATOM   316  C  CB  . PRO A 1 45 ? 4.899   -3.828  -12.099 1.00 21.42 ? 45   PRO A CB  1 
ATOM   317  C  CG  . PRO A 1 45 ? 5.061   -2.752  -11.180 1.00 21.34 ? 45   PRO A CG  1 
ATOM   318  C  CD  . PRO A 1 45 ? 4.467   -3.184  -9.858  1.00 20.56 ? 45   PRO A CD  1 
ATOM   319  N  N   . ASP A 1 46 ? 4.100   -6.831  -11.292 1.00 21.18 ? 46   ASP A N   1 
ATOM   320  C  CA  . ASP A 1 46 ? 4.079   -8.268  -11.603 1.00 19.21 ? 46   ASP A CA  1 
ATOM   321  C  C   . ASP A 1 46 ? 2.683   -8.902  -11.495 1.00 19.30 ? 46   ASP A C   1 
ATOM   322  O  O   . ASP A 1 46 ? 2.488   -10.068 -11.883 1.00 19.40 ? 46   ASP A O   1 
ATOM   323  C  CB  . ASP A 1 46 ? 5.102   -9.043  -10.753 1.00 18.90 ? 46   ASP A CB  1 
ATOM   324  C  CG  . ASP A 1 46 ? 4.788   -8.993  -9.238  1.00 16.35 ? 46   ASP A CG  1 
ATOM   325  O  OD1 . ASP A 1 46 ? 5.561   -9.511  -8.426  1.00 12.11 ? 46   ASP A OD1 1 
ATOM   326  O  OD2 . ASP A 1 46 ? 3.789   -8.406  -8.848  1.00 14.23 ? 46   ASP A OD2 1 
ATOM   327  N  N   . GLY A 1 47 ? 1.717   -8.165  -10.956 1.00 18.79 ? 47   GLY A N   1 
ATOM   328  C  CA  . GLY A 1 47 ? 0.348   -8.694  -10.824 1.00 17.98 ? 47   GLY A CA  1 
ATOM   329  C  C   . GLY A 1 47 ? 0.200   -9.726  -9.718  1.00 18.13 ? 47   GLY A C   1 
ATOM   330  O  O   . GLY A 1 47 ? -0.826  -10.393 -9.631  1.00 17.44 ? 47   GLY A O   1 
ATOM   331  N  N   . LYS A 1 48 ? 1.215   -9.829  -8.853  1.00 16.75 ? 48   LYS A N   1 
ATOM   332  C  CA  . LYS A 1 48 ? 1.271   -10.886 -7.836  1.00 16.53 ? 48   LYS A CA  1 
ATOM   333  C  C   . LYS A 1 48 ? 1.172   -10.430 -6.371  1.00 15.87 ? 48   LYS A C   1 
ATOM   334  O  O   . LYS A 1 48 ? 1.002   -11.261 -5.491  1.00 15.52 ? 48   LYS A O   1 
ATOM   335  C  CB  . LYS A 1 48 ? 2.529   -11.703 -8.015  1.00 16.34 ? 48   LYS A CB  1 
ATOM   336  C  CG  . LYS A 1 48 ? 2.515   -12.623 -9.239  1.00 18.55 ? 48   LYS A CG  1 
ATOM   337  C  CD  . LYS A 1 48 ? 3.924   -13.059 -9.491  1.00 23.00 ? 48   LYS A CD  1 
ATOM   338  C  CE  . LYS A 1 48 ? 4.029   -14.467 -10.021 1.00 25.93 ? 48   LYS A CE  1 
ATOM   339  N  NZ  . LYS A 1 48 ? 5.465   -14.931 -9.975  1.00 26.57 ? 48   LYS A NZ  1 
ATOM   340  N  N   . HIS A 1 49 ? 1.308   -9.128  -6.121  1.00 14.57 ? 49   HIS A N   1 
ATOM   341  C  CA  . HIS A 1 49 ? 1.232   -8.576  -4.744  1.00 14.10 ? 49   HIS A CA  1 
ATOM   342  C  C   . HIS A 1 49 ? 0.339   -7.389  -4.766  1.00 14.37 ? 49   HIS A C   1 
ATOM   343  O  O   . HIS A 1 49 ? 0.200   -6.743  -5.786  1.00 14.36 ? 49   HIS A O   1 
ATOM   344  C  CB  . HIS A 1 49 ? 2.604   -8.162  -4.271  1.00 12.72 ? 49   HIS A CB  1 
ATOM   345  C  CG  . HIS A 1 49 ? 3.553   -9.284  -4.334  1.00 13.02 ? 49   HIS A CG  1 
ATOM   346  N  ND1 . HIS A 1 49 ? 4.247   -9.606  -5.481  1.00 12.87 ? 49   HIS A ND1 1 
ATOM   347  C  CD2 . HIS A 1 49 ? 3.813   -10.257 -3.439  1.00 12.70 ? 49   HIS A CD2 1 
ATOM   348  C  CE1 . HIS A 1 49 ? 4.932   -10.716 -5.267  1.00 13.96 ? 49   HIS A CE1 1 
ATOM   349  N  NE2 . HIS A 1 49 ? 4.677   -11.132 -4.039  1.00 9.39  ? 49   HIS A NE2 1 
ATOM   350  N  N   . ALA A 1 50 ? -0.270  -7.083  -3.628  1.00 14.67 ? 50   ALA A N   1 
ATOM   351  C  CA  . ALA A 1 50 ? -1.173  -5.959  -3.577  1.00 15.13 ? 50   ALA A CA  1 
ATOM   352  C  C   . ALA A 1 50 ? -1.019  -5.339  -2.215  1.00 15.75 ? 50   ALA A C   1 
ATOM   353  O  O   . ALA A 1 50 ? -0.844  -6.065  -1.225  1.00 15.81 ? 50   ALA A O   1 
ATOM   354  C  CB  . ALA A 1 50 ? -2.609  -6.419  -3.829  1.00 15.17 ? 50   ALA A CB  1 
ATOM   355  N  N   . ILE A 1 51 ? -1.033  -4.005  -2.162  1.00 15.71 ? 51   ILE A N   1 
ATOM   356  C  CA  . ILE A 1 51 ? -0.826  -3.283  -0.905  1.00 14.68 ? 51   ILE A CA  1 
ATOM   357  C  C   . ILE A 1 51 ? -2.085  -2.504  -0.649  1.00 15.12 ? 51   ILE A C   1 
ATOM   358  O  O   . ILE A 1 51 ? -2.481  -1.671  -1.474  1.00 14.69 ? 51   ILE A O   1 
ATOM   359  C  CB  . ILE A 1 51 ? 0.385   -2.336  -0.977  1.00 14.56 ? 51   ILE A CB  1 
ATOM   360  C  CG1 . ILE A 1 51 ? 1.614   -3.111  -1.454  1.00 15.87 ? 51   ILE A CG1 1 
ATOM   361  C  CG2 . ILE A 1 51 ? 0.655   -1.628  0.429   1.00 13.65 ? 51   ILE A CG2 1 
ATOM   362  C  CD1 . ILE A 1 51 ? 2.708   -2.259  -2.137  1.00 20.33 ? 51   ILE A CD1 1 
ATOM   363  N  N   . SER A 1 52 ? -2.715  -2.798  0.488   1.00 15.84 ? 52   SER A N   1 
ATOM   364  C  CA  . SER A 1 52 ? -3.911  -2.094  0.926   1.00 17.58 ? 52   SER A CA  1 
ATOM   365  C  C   . SER A 1 52 ? -3.453  -0.958  1.814   1.00 17.41 ? 52   SER A C   1 
ATOM   366  O  O   . SER A 1 52 ? -2.703  -1.186  2.760   1.00 18.17 ? 52   SER A O   1 
ATOM   367  C  CB  . SER A 1 52 ? -4.802  -3.049  1.718   1.00 18.48 ? 52   SER A CB  1 
ATOM   368  O  OG  . SER A 1 52 ? -5.942  -2.343  2.215   1.00 23.00 ? 52   SER A OG  1 
ATOM   369  N  N   . GLY A 1 53 ? -3.900  0.264   1.553   1.00 17.68 ? 53   GLY A N   1 
ATOM   370  C  CA  . GLY A 1 53 ? -3.449  1.397   2.357   1.00 17.78 ? 53   GLY A CA  1 
ATOM   371  C  C   . GLY A 1 53 ? -3.541  2.721   1.624   1.00 18.12 ? 53   GLY A C   1 
ATOM   372  O  O   . GLY A 1 53 ? -4.378  2.880   0.738   1.00 18.69 ? 53   GLY A O   1 
ATOM   373  N  N   . TYR A 1 54 ? -2.683  3.666   1.987   1.00 16.38 ? 54   TYR A N   1 
ATOM   374  C  CA  . TYR A 1 54 ? -2.782  5.018   1.459   1.00 16.72 ? 54   TYR A CA  1 
ATOM   375  C  C   . TYR A 1 54 ? -1.540  5.392   0.665   1.00 15.46 ? 54   TYR A C   1 
ATOM   376  O  O   . TYR A 1 54 ? -0.441  5.356   1.194   1.00 15.71 ? 54   TYR A O   1 
ATOM   377  C  CB  . TYR A 1 54 ? -2.983  6.014   2.605   1.00 18.37 ? 54   TYR A CB  1 
ATOM   378  C  CG  . TYR A 1 54 ? -4.245  5.721   3.409   1.00 21.97 ? 54   TYR A CG  1 
ATOM   379  C  CD1 . TYR A 1 54 ? -4.191  4.914   4.546   1.00 26.54 ? 54   TYR A CD1 1 
ATOM   380  C  CD2 . TYR A 1 54 ? -5.486  6.207   3.006   1.00 24.08 ? 54   TYR A CD2 1 
ATOM   381  C  CE1 . TYR A 1 54 ? -5.341  4.624   5.288   1.00 27.03 ? 54   TYR A CE1 1 
ATOM   382  C  CE2 . TYR A 1 54 ? -6.663  5.930   3.759   1.00 24.50 ? 54   TYR A CE2 1 
ATOM   383  C  CZ  . TYR A 1 54 ? -6.568  5.127   4.887   1.00 25.13 ? 54   TYR A CZ  1 
ATOM   384  O  OH  . TYR A 1 54 ? -7.692  4.833   5.660   1.00 27.59 ? 54   TYR A OH  1 
ATOM   385  N  N   . MET A 1 55 ? -1.742  5.763   -0.585  1.00 14.78 ? 55   MET A N   1 
ATOM   386  C  CA  . MET A 1 55 ? -0.670  6.266   -1.448  1.00 15.28 ? 55   MET A CA  1 
ATOM   387  C  C   . MET A 1 55 ? -0.496  7.766   -1.275  1.00 15.40 ? 55   MET A C   1 
ATOM   388  O  O   . MET A 1 55 ? -1.470  8.532   -1.431  1.00 14.32 ? 55   MET A O   1 
ATOM   389  C  CB  . MET A 1 55 ? -0.974  6.000   -2.920  1.00 14.56 ? 55   MET A CB  1 
ATOM   390  C  CG  . MET A 1 55 ? 0.206   6.413   -3.796  1.00 16.23 ? 55   MET A CG  1 
ATOM   391  S  SD  . MET A 1 55 ? -0.065  6.140   -5.552  1.00 18.76 ? 55   MET A SD  1 
ATOM   392  C  CE  . MET A 1 55 ? 0.475   4.431   -5.738  1.00 15.57 ? 55   MET A CE  1 
ATOM   393  N  N   . TYR A 1 56 ? 0.747   8.166   -1.006  1.00 15.84 ? 56   TYR A N   1 
ATOM   394  C  CA  . TYR A 1 56 ? 1.153   9.567   -0.913  1.00 16.34 ? 56   TYR A CA  1 
ATOM   395  C  C   . TYR A 1 56 ? 2.063   9.870   -2.082  1.00 16.19 ? 56   TYR A C   1 
ATOM   396  O  O   . TYR A 1 56 ? 2.825   8.999   -2.530  1.00 15.10 ? 56   TYR A O   1 
ATOM   397  C  CB  . TYR A 1 56 ? 1.900   9.856   0.403   1.00 17.34 ? 56   TYR A CB  1 
ATOM   398  C  CG  . TYR A 1 56 ? 1.017   9.815   1.624   1.00 18.61 ? 56   TYR A CG  1 
ATOM   399  C  CD1 . TYR A 1 56 ? 0.651   8.599   2.191   1.00 21.51 ? 56   TYR A CD1 1 
ATOM   400  C  CD2 . TYR A 1 56 ? 0.548   10.981  2.218   1.00 20.58 ? 56   TYR A CD2 1 
ATOM   401  C  CE1 . TYR A 1 56 ? -0.144  8.530   3.308   1.00 20.69 ? 56   TYR A CE1 1 
ATOM   402  C  CE2 . TYR A 1 56 ? -0.266  10.925  3.343   1.00 21.81 ? 56   TYR A CE2 1 
ATOM   403  C  CZ  . TYR A 1 56 ? -0.614  9.678   3.868   1.00 21.22 ? 56   TYR A CZ  1 
ATOM   404  O  OH  . TYR A 1 56 ? -1.411  9.578   4.983   1.00 24.27 ? 56   TYR A OH  1 
ATOM   405  N  N   . ASN A 1 57 ? 1.995   11.096  -2.577  1.00 14.55 ? 57   ASN A N   1 
ATOM   406  C  CA  . ASN A 1 57 ? 2.814   11.465  -3.704  1.00 15.25 ? 57   ASN A CA  1 
ATOM   407  C  C   . ASN A 1 57 ? 3.988   12.337  -3.283  1.00 15.91 ? 57   ASN A C   1 
ATOM   408  O  O   . ASN A 1 57 ? 4.250   12.496  -2.080  1.00 16.82 ? 57   ASN A O   1 
ATOM   409  C  CB  . ASN A 1 57 ? 1.960   12.109  -4.815  1.00 15.01 ? 57   ASN A CB  1 
ATOM   410  C  CG  . ASN A 1 57 ? 1.515   13.528  -4.503  1.00 16.53 ? 57   ASN A CG  1 
ATOM   411  O  OD1 . ASN A 1 57 ? 1.836   14.099  -3.452  1.00 17.39 ? 57   ASN A OD1 1 
ATOM   412  N  ND2 . ASN A 1 57 ? 0.780   14.121  -5.448  1.00 15.75 ? 57   ASN A ND2 1 
ATOM   413  N  N   . GLU A 1 58 ? 4.673   12.926  -4.270  1.00 16.51 ? 58   GLU A N   1 
ATOM   414  C  CA  . GLU A 1 58 ? 5.811   13.794  -4.013  1.00 17.04 ? 58   GLU A CA  1 
ATOM   415  C  C   . GLU A 1 58 ? 5.439   15.103  -3.272  1.00 17.00 ? 58   GLU A C   1 
ATOM   416  O  O   . GLU A 1 58 ? 6.301   15.699  -2.619  1.00 17.93 ? 58   GLU A O   1 
ATOM   417  C  CB  . GLU A 1 58 ? 6.542   14.105  -5.331  1.00 17.31 ? 58   GLU A CB  1 
ATOM   418  N  N   . LYS A 1 59 ? 4.177   15.542  -3.368  1.00 16.99 ? 59   LYS A N   1 
ATOM   419  C  CA  . LYS A 1 59 ? 3.711   16.793  -2.709  1.00 17.49 ? 59   LYS A CA  1 
ATOM   420  C  C   . LYS A 1 59 ? 3.079   16.522  -1.354  1.00 17.22 ? 59   LYS A C   1 
ATOM   421  O  O   . LYS A 1 59 ? 2.559   17.442  -0.689  1.00 17.01 ? 59   LYS A O   1 
ATOM   422  C  CB  . LYS A 1 59 ? 2.690   17.529  -3.587  1.00 17.98 ? 59   LYS A CB  1 
ATOM   423  C  CG  . LYS A 1 59 ? 3.123   17.716  -5.041  1.00 19.56 ? 59   LYS A CG  1 
ATOM   424  C  CD  . LYS A 1 59 ? 3.898   19.001  -5.257  1.00 23.50 ? 59   LYS A CD  1 
ATOM   425  C  CE  . LYS A 1 59 ? 5.330   18.916  -4.764  1.00 25.53 ? 59   LYS A CE  1 
ATOM   426  N  NZ  . LYS A 1 59 ? 5.901   20.281  -4.591  1.00 26.37 ? 59   LYS A NZ  1 
ATOM   427  N  N   . GLY A 1 60 ? 3.107   15.261  -0.945  1.00 16.21 ? 60   GLY A N   1 
ATOM   428  C  CA  . GLY A 1 60 ? 2.558   14.868  0.338   1.00 16.53 ? 60   GLY A CA  1 
ATOM   429  C  C   . GLY A 1 60 ? 1.057   14.668  0.333   1.00 16.31 ? 60   GLY A C   1 
ATOM   430  O  O   . GLY A 1 60 ? 0.468   14.483  1.398   1.00 16.72 ? 60   GLY A O   1 
ATOM   431  N  N   . GLU A 1 61 ? 0.436   14.725  -0.846  1.00 14.93 ? 61   GLU A N   1 
ATOM   432  C  CA  . GLU A 1 61 ? -0.990  14.462  -0.956  1.00 15.68 ? 61   GLU A CA  1 
ATOM   433  C  C   . GLU A 1 61 ? -1.250  12.975  -0.767  1.00 14.89 ? 61   GLU A C   1 
ATOM   434  O  O   . GLU A 1 61 ? -0.541  12.155  -1.329  1.00 14.14 ? 61   GLU A O   1 
ATOM   435  C  CB  . GLU A 1 61 ? -1.543  14.904  -2.318  1.00 16.09 ? 61   GLU A CB  1 
ATOM   436  C  CG  . GLU A 1 61 ? -3.091  14.709  -2.471  1.00 17.43 ? 61   GLU A CG  1 
ATOM   437  C  CD  . GLU A 1 61 ? -3.643  15.153  -3.827  1.00 18.46 ? 61   GLU A CD  1 
ATOM   438  O  OE1 . GLU A 1 61 ? -2.960  15.938  -4.520  1.00 23.09 ? 61   GLU A OE1 1 
ATOM   439  O  OE2 . GLU A 1 61 ? -4.784  14.751  -4.178  1.00 22.77 ? 61   GLU A OE2 1 
ATOM   440  N  N   . ASN A 1 62 ? -2.272  12.678  0.028   1.00 13.82 ? 62   ASN A N   1 
ATOM   441  C  CA  . ASN A 1 62 ? -2.833  11.361  0.231   1.00 14.04 ? 62   ASN A CA  1 
ATOM   442  C  C   . ASN A 1 62 ? -3.806  11.110  -0.926  1.00 14.16 ? 62   ASN A C   1 
ATOM   443  O  O   . ASN A 1 62 ? -4.989  11.517  -0.872  1.00 13.27 ? 62   ASN A O   1 
ATOM   444  C  CB  . ASN A 1 62 ? -3.573  11.333  1.580   1.00 14.03 ? 62   ASN A CB  1 
ATOM   445  C  CG  . ASN A 1 62 ? -4.073  9.953   1.934   1.00 14.96 ? 62   ASN A CG  1 
ATOM   446  O  OD1 . ASN A 1 62 ? -4.288  9.132   1.061   1.00 13.05 ? 62   ASN A OD1 1 
ATOM   447  N  ND2 . ASN A 1 62 ? -4.293  9.705   3.211   1.00 18.33 ? 62   ASN A ND2 1 
ATOM   448  N  N   . LEU A 1 63 ? -3.292  10.488  -1.984  1.00 13.11 ? 63   LEU A N   1 
ATOM   449  C  CA  . LEU A 1 63 ? -4.077  10.259  -3.203  1.00 14.07 ? 63   LEU A CA  1 
ATOM   450  C  C   . LEU A 1 63 ? -5.232  9.299   -2.945  1.00 13.95 ? 63   LEU A C   1 
ATOM   451  O  O   . LEU A 1 63 ? -6.278  9.372   -3.613  1.00 14.18 ? 63   LEU A O   1 
ATOM   452  C  CB  . LEU A 1 63 ? -3.172  9.748   -4.342  1.00 14.84 ? 63   LEU A CB  1 
ATOM   453  C  CG  . LEU A 1 63 ? -2.049  10.710  -4.763  1.00 14.26 ? 63   LEU A CG  1 
ATOM   454  C  CD1 . LEU A 1 63 ? -1.113  10.009  -5.755  1.00 15.84 ? 63   LEU A CD1 1 
ATOM   455  C  CD2 . LEU A 1 63 ? -2.604  11.993  -5.391  1.00 15.86 ? 63   LEU A CD2 1 
ATOM   456  N  N   . SER A 1 64 ? -5.054  8.395   -1.990  1.00 13.36 ? 64   SER A N   1 
ATOM   457  C  CA  . SER A 1 64 ? -6.106  7.412   -1.713  1.00 13.90 ? 64   SER A CA  1 
ATOM   458  C  C   . SER A 1 64 ? -7.292  8.082   -1.101  1.00 14.18 ? 64   SER A C   1 
ATOM   459  O  O   . SER A 1 64 ? -8.406  7.778   -1.473  1.00 14.21 ? 64   SER A O   1 
ATOM   460  C  CB  . SER A 1 64 ? -5.624  6.273   -0.806  1.00 14.67 ? 64   SER A CB  1 
ATOM   461  O  OG  . SER A 1 64 ? -4.477  5.677   -1.372  1.00 14.90 ? 64   SER A OG  1 
ATOM   462  N  N   . ASN A 1 65 ? -7.057  8.994   -0.157  1.00 14.76 ? 65   ASN A N   1 
ATOM   463  C  CA  . ASN A 1 65 ? -8.140  9.716   0.478   1.00 14.74 ? 65   ASN A CA  1 
ATOM   464  C  C   . ASN A 1 65 ? -8.923  10.496  -0.544  1.00 14.63 ? 65   ASN A C   1 
ATOM   465  O  O   . ASN A 1 65 ? -10.148 10.565  -0.479  1.00 14.21 ? 65   ASN A O   1 
ATOM   466  C  CB  . ASN A 1 65 ? -7.628  10.708  1.542   1.00 15.51 ? 65   ASN A CB  1 
ATOM   467  C  CG  . ASN A 1 65 ? -8.760  11.463  2.213   1.00 17.39 ? 65   ASN A CG  1 
ATOM   468  O  OD1 . ASN A 1 65 ? -8.899  12.689  2.072   1.00 22.12 ? 65   ASN A OD1 1 
ATOM   469  N  ND2 . ASN A 1 65 ? -9.581  10.739  2.949   1.00 18.58 ? 65   ASN A ND2 1 
ATOM   470  N  N   . THR A 1 66 ? -8.204  11.135  -1.459  1.00 13.86 ? 66   THR A N   1 
ATOM   471  C  CA  . THR A 1 66 ? -8.842  11.880  -2.508  1.00 13.99 ? 66   THR A CA  1 
ATOM   472  C  C   . THR A 1 66 ? -9.808  10.991  -3.286  1.00 14.23 ? 66   THR A C   1 
ATOM   473  O  O   . THR A 1 66 ? -10.960 11.352  -3.515  1.00 12.84 ? 66   THR A O   1 
ATOM   474  C  CB  . THR A 1 66 ? -7.808  12.512  -3.446  1.00 13.52 ? 66   THR A CB  1 
ATOM   475  O  OG1 . THR A 1 66 ? -6.937  13.370  -2.685  1.00 14.54 ? 66   THR A OG1 1 
ATOM   476  C  CG2 . THR A 1 66 ? -8.534  13.347  -4.502  1.00 14.40 ? 66   THR A CG2 1 
ATOM   477  N  N   . LEU A 1 67 ? -9.324  9.823   -3.695  1.00 14.39 ? 67   LEU A N   1 
ATOM   478  C  CA  . LEU A 1 67 ? -10.149 8.885   -4.448  1.00 15.69 ? 67   LEU A CA  1 
ATOM   479  C  C   . LEU A 1 67 ? -11.327 8.338   -3.629  1.00 15.40 ? 67   LEU A C   1 
ATOM   480  O  O   . LEU A 1 67 ? -12.440 8.304   -4.111  1.00 17.01 ? 67   LEU A O   1 
ATOM   481  C  CB  . LEU A 1 67 ? -9.288  7.727   -4.969  1.00 15.65 ? 67   LEU A CB  1 
ATOM   482  C  CG  . LEU A 1 67 ? -10.104 6.926   -5.996  1.00 20.77 ? 67   LEU A CG  1 
ATOM   483  C  CD1 . LEU A 1 67 ? -9.596  7.197   -7.411  1.00 23.95 ? 67   LEU A CD1 1 
ATOM   484  C  CD2 . LEU A 1 67 ? -10.105 5.436   -5.658  1.00 22.06 ? 67   LEU A CD2 1 
ATOM   485  N  N   . ILE A 1 68 ? -11.072 7.903   -2.404  1.00 16.17 ? 68   ILE A N   1 
ATOM   486  C  CA  . ILE A 1 68 ? -12.107 7.322   -1.555  1.00 16.59 ? 68   ILE A CA  1 
ATOM   487  C  C   . ILE A 1 68 ? -13.189 8.343   -1.247  1.00 18.13 ? 68   ILE A C   1 
ATOM   488  O  O   . ILE A 1 68 ? -14.384 8.028   -1.320  1.00 17.21 ? 68   ILE A O   1 
ATOM   489  C  CB  . ILE A 1 68 ? -11.538 6.754   -0.228  1.00 16.58 ? 68   ILE A CB  1 
ATOM   490  C  CG1 . ILE A 1 68 ? -10.732 5.469   -0.484  1.00 16.78 ? 68   ILE A CG1 1 
ATOM   491  C  CG2 . ILE A 1 68 ? -12.666 6.477   0.756   1.00 18.07 ? 68   ILE A CG2 1 
ATOM   492  C  CD1 . ILE A 1 68 ? -9.573  5.226   0.491   1.00 16.54 ? 68   ILE A CD1 1 
ATOM   493  N  N   . GLU A 1 69 ? -12.781 9.568   -0.919  1.00 19.17 ? 69   GLU A N   1 
ATOM   494  C  CA  . GLU A 1 69 ? -13.761 10.626  -0.619  1.00 20.42 ? 69   GLU A CA  1 
ATOM   495  C  C   . GLU A 1 69 ? -14.640 11.003  -1.807  1.00 21.73 ? 69   GLU A C   1 
ATOM   496  O  O   . GLU A 1 69 ? -15.860 11.191  -1.655  1.00 21.46 ? 69   GLU A O   1 
ATOM   497  C  CB  . GLU A 1 69 ? -13.071 11.863  -0.050  1.00 20.51 ? 69   GLU A CB  1 
ATOM   498  C  CG  . GLU A 1 69 ? -12.506 11.664  1.339   1.00 21.44 ? 69   GLU A CG  1 
ATOM   499  N  N   . LYS A 1 70 ? -14.021 11.153  -2.972  1.00 23.09 ? 70   LYS A N   1 
ATOM   500  C  CA  . LYS A 1 70 ? -14.738 11.318  -4.234  1.00 25.09 ? 70   LYS A CA  1 
ATOM   501  C  C   . LYS A 1 70 ? -15.617 10.095  -4.562  1.00 26.11 ? 70   LYS A C   1 
ATOM   502  O  O   . LYS A 1 70 ? -16.781 10.237  -4.965  1.00 26.58 ? 70   LYS A O   1 
ATOM   503  C  CB  . LYS A 1 70 ? -13.729 11.546  -5.354  1.00 25.30 ? 70   LYS A CB  1 
ATOM   504  C  CG  . LYS A 1 70 ? -14.346 11.675  -6.723  1.00 27.85 ? 70   LYS A CG  1 
ATOM   505  C  CD  . LYS A 1 70 ? -13.358 12.250  -7.717  1.00 30.94 ? 70   LYS A CD  1 
ATOM   506  C  CE  . LYS A 1 70 ? -12.361 11.215  -8.197  1.00 32.53 ? 70   LYS A CE  1 
ATOM   507  N  NZ  . LYS A 1 70 ? -11.899 11.594  -9.560  1.00 33.94 ? 70   LYS A NZ  1 
ATOM   508  N  N   . GLU A 1 71 ? -15.022 8.919   -4.376  1.00 27.57 ? 71   GLU A N   1 
ATOM   509  C  CA  . GLU A 1 71 ? -15.586 7.577   -4.626  1.00 28.59 ? 71   GLU A CA  1 
ATOM   510  C  C   . GLU A 1 71 ? -15.494 7.110   -6.062  1.00 28.84 ? 71   GLU A C   1 
ATOM   511  O  O   . GLU A 1 71 ? -14.402 6.778   -6.513  1.00 29.01 ? 71   GLU A O   1 
ATOM   512  C  CB  . GLU A 1 71 ? -16.989 7.396   -4.061  1.00 28.60 ? 71   GLU A CB  1 
ATOM   513  C  CG  . GLU A 1 71 ? -16.992 7.441   -2.562  1.00 30.34 ? 71   GLU A CG  1 
ATOM   514  C  CD  . GLU A 1 71 ? -17.636 6.222   -1.951  1.00 34.78 ? 71   GLU A CD  1 
ATOM   515  O  OE1 . GLU A 1 71 ? -17.067 5.694   -0.959  1.00 35.83 ? 71   GLU A OE1 1 
ATOM   516  O  OE2 . GLU A 1 71 ? -18.689 5.773   -2.471  1.00 36.17 ? 71   GLU A OE2 1 
ATOM   517  N  N   . LEU B 1 3  ? 15.864  10.499  2.622   1.00 25.71 ? 3    LEU B N   1 
ATOM   518  C  CA  . LEU B 1 3  ? 14.481  9.923   2.568   1.00 26.30 ? 3    LEU B CA  1 
ATOM   519  C  C   . LEU B 1 3  ? 13.698  10.480  1.373   1.00 25.39 ? 3    LEU B C   1 
ATOM   520  O  O   . LEU B 1 3  ? 13.640  11.693  1.190   1.00 25.92 ? 3    LEU B O   1 
ATOM   521  C  CB  . LEU B 1 3  ? 13.710  10.215  3.870   1.00 26.88 ? 3    LEU B CB  1 
ATOM   522  C  CG  . LEU B 1 3  ? 13.793  9.224   5.040   1.00 28.29 ? 3    LEU B CG  1 
ATOM   523  C  CD1 . LEU B 1 3  ? 12.893  9.651   6.207   1.00 29.24 ? 3    LEU B CD1 1 
ATOM   524  C  CD2 . LEU B 1 3  ? 13.445  7.811   4.582   1.00 29.96 ? 3    LEU B CD2 1 
ATOM   525  N  N   . PRO B 1 4  ? 13.099  9.600   0.553   1.00 24.74 ? 4    PRO B N   1 
ATOM   526  C  CA  . PRO B 1 4  ? 12.203  10.055  -0.507  1.00 24.06 ? 4    PRO B CA  1 
ATOM   527  C  C   . PRO B 1 4  ? 11.109  11.008  -0.038  1.00 23.14 ? 4    PRO B C   1 
ATOM   528  O  O   . PRO B 1 4  ? 10.630  10.908  1.098   1.00 22.73 ? 4    PRO B O   1 
ATOM   529  C  CB  . PRO B 1 4  ? 11.583  8.751   -1.008  1.00 24.05 ? 4    PRO B CB  1 
ATOM   530  C  CG  . PRO B 1 4  ? 12.669  7.763   -0.804  1.00 24.75 ? 4    PRO B CG  1 
ATOM   531  C  CD  . PRO B 1 4  ? 13.257  8.142   0.531   1.00 24.68 ? 4    PRO B CD  1 
ATOM   532  N  N   . ALA B 1 5  ? 10.726  11.924  -0.929  1.00 22.00 ? 5    ALA B N   1 
ATOM   533  C  CA  . ALA B 1 5  ? 9.670   12.908  -0.671  1.00 20.54 ? 5    ALA B CA  1 
ATOM   534  C  C   . ALA B 1 5  ? 8.374   12.330  -0.085  1.00 19.91 ? 5    ALA B C   1 
ATOM   535  O  O   . ALA B 1 5  ? 7.853   12.874  0.894   1.00 19.59 ? 5    ALA B O   1 
ATOM   536  C  CB  . ALA B 1 5  ? 9.366   13.709  -1.952  1.00 20.67 ? 5    ALA B CB  1 
ATOM   537  N  N   . PRO B 1 6  ? 7.823   11.247  -0.695  1.00 19.16 ? 6    PRO B N   1 
ATOM   538  C  CA  . PRO B 1 6  ? 6.553   10.732  -0.172  1.00 19.10 ? 6    PRO B CA  1 
ATOM   539  C  C   . PRO B 1 6  ? 6.678   10.124  1.225   1.00 19.61 ? 6    PRO B C   1 
ATOM   540  O  O   . PRO B 1 6  ? 5.693   10.081  1.973   1.00 20.29 ? 6    PRO B O   1 
ATOM   541  C  CB  . PRO B 1 6  ? 6.179   9.625   -1.176  1.00 18.30 ? 6    PRO B CB  1 
ATOM   542  C  CG  . PRO B 1 6  ? 7.487   9.189   -1.773  1.00 17.64 ? 6    PRO B CG  1 
ATOM   543  C  CD  . PRO B 1 6  ? 8.282   10.476  -1.870  1.00 19.16 ? 6    PRO B CD  1 
ATOM   544  N  N   . VAL B 1 7  ? 7.865   9.614   1.541   1.00 19.85 ? 7    VAL B N   1 
ATOM   545  C  CA  . VAL B 1 7  ? 8.142   9.009   2.850   1.00 20.38 ? 7    VAL B CA  1 
ATOM   546  C  C   . VAL B 1 7  ? 8.312   10.117  3.911   1.00 21.05 ? 7    VAL B C   1 
ATOM   547  O  O   . VAL B 1 7  ? 7.791   10.021  5.027   1.00 21.30 ? 7    VAL B O   1 
ATOM   548  C  CB  . VAL B 1 7  ? 9.376   8.051   2.762   1.00 20.83 ? 7    VAL B CB  1 
ATOM   549  C  CG1 . VAL B 1 7  ? 9.576   7.248   4.057   1.00 20.87 ? 7    VAL B CG1 1 
ATOM   550  C  CG2 . VAL B 1 7  ? 9.196   7.075   1.636   1.00 19.50 ? 7    VAL B CG2 1 
ATOM   551  N  N   . LYS B 1 8  ? 9.017   11.185  3.551   1.00 20.99 ? 8    LYS B N   1 
ATOM   552  C  CA  . LYS B 1 8  ? 9.092   12.384  4.392   1.00 21.77 ? 8    LYS B CA  1 
ATOM   553  C  C   . LYS B 1 8  ? 7.708   12.891  4.801   1.00 21.85 ? 8    LYS B C   1 
ATOM   554  O  O   . LYS B 1 8  ? 7.521   13.378  5.911   1.00 21.47 ? 8    LYS B O   1 
ATOM   555  C  CB  . LYS B 1 8  ? 9.824   13.484  3.648   1.00 21.79 ? 8    LYS B CB  1 
ATOM   556  C  CG  . LYS B 1 8  ? 11.323  13.476  3.828   1.00 23.60 ? 8    LYS B CG  1 
ATOM   557  C  CD  . LYS B 1 8  ? 11.909  14.687  3.128   1.00 25.94 ? 8    LYS B CD  1 
ATOM   558  C  CE  . LYS B 1 8  ? 13.331  14.959  3.568   1.00 27.61 ? 8    LYS B CE  1 
ATOM   559  N  NZ  . LYS B 1 8  ? 13.839  16.229  2.957   1.00 29.79 ? 8    LYS B NZ  1 
ATOM   560  N  N   . ALA B 1 9  ? 6.732   12.738  3.909   1.00 21.93 ? 9    ALA B N   1 
ATOM   561  C  CA  . ALA B 1 9  ? 5.394   13.266  4.147   1.00 22.50 ? 9    ALA B CA  1 
ATOM   562  C  C   . ALA B 1 9  ? 4.568   12.377  5.074   1.00 22.66 ? 9    ALA B C   1 
ATOM   563  O  O   . ALA B 1 9  ? 3.661   12.860  5.758   1.00 22.84 ? 9    ALA B O   1 
ATOM   564  C  CB  . ALA B 1 9  ? 4.674   13.490  2.832   1.00 22.58 ? 9    ALA B CB  1 
ATOM   565  N  N   . ILE B 1 10 ? 4.876   11.085  5.081   1.00 22.72 ? 10   ILE B N   1 
ATOM   566  C  CA  . ILE B 1 10 ? 4.301   10.151  6.047   1.00 22.79 ? 10   ILE B CA  1 
ATOM   567  C  C   . ILE B 1 10 ? 5.005   10.385  7.417   1.00 24.08 ? 10   ILE B C   1 
ATOM   568  O  O   . ILE B 1 10 ? 4.352   10.402  8.474   1.00 24.09 ? 10   ILE B O   1 
ATOM   569  C  CB  . ILE B 1 10 ? 4.388   8.681   5.524   1.00 22.69 ? 10   ILE B CB  1 
ATOM   570  C  CG1 . ILE B 1 10 ? 3.685   8.557   4.166   1.00 22.35 ? 10   ILE B CG1 1 
ATOM   571  C  CG2 . ILE B 1 10 ? 3.794   7.700   6.529   1.00 22.66 ? 10   ILE B CG2 1 
ATOM   572  C  CD1 . ILE B 1 10 ? 4.038   7.250   3.317   1.00 22.56 ? 10   ILE B CD1 1 
ATOM   573  N  N   . GLU B 1 11 ? 6.318   10.630  7.371   1.00 24.97 ? 11   GLU B N   1 
ATOM   574  C  CA  . GLU B 1 11 ? 7.129   10.974  8.549   1.00 26.45 ? 11   GLU B CA  1 
ATOM   575  C  C   . GLU B 1 11 ? 6.518   12.113  9.352   1.00 26.33 ? 11   GLU B C   1 
ATOM   576  O  O   . GLU B 1 11 ? 6.461   12.048  10.581  1.00 26.73 ? 11   GLU B O   1 
ATOM   577  C  CB  . GLU B 1 11 ? 8.534   11.382  8.111   1.00 26.95 ? 11   GLU B CB  1 
ATOM   578  C  CG  . GLU B 1 11 ? 9.547   10.265  8.068   1.00 30.39 ? 11   GLU B CG  1 
ATOM   579  C  CD  . GLU B 1 11 ? 10.501  10.342  9.241   1.00 34.38 ? 11   GLU B CD  1 
ATOM   580  O  OE1 . GLU B 1 11 ? 11.083  11.432  9.463   1.00 36.48 ? 11   GLU B OE1 1 
ATOM   581  O  OE2 . GLU B 1 11 ? 10.676  9.316   9.943   1.00 37.16 ? 11   GLU B OE2 1 
ATOM   582  N  N   . LYS B 1 12 ? 6.068   13.150  8.645   1.00 26.19 ? 12   LYS B N   1 
ATOM   583  C  CA  . LYS B 1 12 ? 5.425   14.316  9.246   1.00 26.87 ? 12   LYS B CA  1 
ATOM   584  C  C   . LYS B 1 12 ? 4.190   13.986  10.100  1.00 27.14 ? 12   LYS B C   1 
ATOM   585  O  O   . LYS B 1 12 ? 3.813   14.770  10.969  1.00 26.49 ? 12   LYS B O   1 
ATOM   586  C  CB  . LYS B 1 12 ? 5.058   15.335  8.161   1.00 26.90 ? 12   LYS B CB  1 
ATOM   587  C  CG  . LYS B 1 12 ? 6.254   16.019  7.505   1.00 26.85 ? 12   LYS B CG  1 
ATOM   588  N  N   . GLN B 1 13 ? 3.576   12.828  9.852   1.00 27.27 ? 13   GLN B N   1 
ATOM   589  C  CA  . GLN B 1 13 ? 2.400   12.387  10.610  1.00 27.83 ? 13   GLN B CA  1 
ATOM   590  C  C   . GLN B 1 13 ? 2.727   11.615  11.893  1.00 27.94 ? 13   GLN B C   1 
ATOM   591  O  O   . GLN B 1 13 ? 1.829   11.070  12.554  1.00 27.80 ? 13   GLN B O   1 
ATOM   592  C  CB  . GLN B 1 13 ? 1.477   11.567  9.725   1.00 27.99 ? 13   GLN B CB  1 
ATOM   593  C  CG  . GLN B 1 13 ? 0.653   12.416  8.778   1.00 29.75 ? 13   GLN B CG  1 
ATOM   594  C  CD  . GLN B 1 13 ? 0.335   11.682  7.504   1.00 32.43 ? 13   GLN B CD  1 
ATOM   595  O  OE1 . GLN B 1 13 ? 1.223   11.130  6.851   1.00 34.05 ? 13   GLN B OE1 1 
ATOM   596  N  NE2 . GLN B 1 13 ? -0.938  11.663  7.135   1.00 34.70 ? 13   GLN B NE2 1 
ATOM   597  N  N   . GLY B 1 14 ? 4.010   11.591  12.246  1.00 27.75 ? 14   GLY B N   1 
ATOM   598  C  CA  . GLY B 1 14 ? 4.459   11.005  13.499  1.00 27.77 ? 14   GLY B CA  1 
ATOM   599  C  C   . GLY B 1 14 ? 4.949   9.584   13.308  1.00 27.51 ? 14   GLY B C   1 
ATOM   600  O  O   . GLY B 1 14 ? 4.826   8.756   14.211  1.00 27.39 ? 14   GLY B O   1 
ATOM   601  N  N   . ILE B 1 15 ? 5.496   9.304   12.124  1.00 27.46 ? 15   ILE B N   1 
ATOM   602  C  CA  . ILE B 1 15 ? 6.132   8.022   11.842  1.00 27.41 ? 15   ILE B CA  1 
ATOM   603  C  C   . ILE B 1 15 ? 7.652   8.198   11.831  1.00 26.72 ? 15   ILE B C   1 
ATOM   604  O  O   . ILE B 1 15 ? 8.177   9.044   11.107  1.00 26.90 ? 15   ILE B O   1 
ATOM   605  C  CB  . ILE B 1 15 ? 5.627   7.421   10.501  1.00 27.48 ? 15   ILE B CB  1 
ATOM   606  C  CG1 . ILE B 1 15 ? 4.105   7.233   10.548  1.00 28.37 ? 15   ILE B CG1 1 
ATOM   607  C  CG2 . ILE B 1 15 ? 6.318   6.100   10.194  1.00 27.00 ? 15   ILE B CG2 1 
ATOM   608  C  CD1 . ILE B 1 15 ? 3.536   6.316   9.479   1.00 28.80 ? 15   ILE B CD1 1 
ATOM   609  N  N   . THR B 1 16 ? 8.344   7.422   12.663  1.00 26.09 ? 16   THR B N   1 
ATOM   610  C  CA  . THR B 1 16 ? 9.804   7.342   12.620  1.00 25.55 ? 16   THR B CA  1 
ATOM   611  C  C   . THR B 1 16 ? 10.199  6.165   11.733  1.00 24.30 ? 16   THR B C   1 
ATOM   612  O  O   . THR B 1 16 ? 9.708   5.061   11.916  1.00 22.99 ? 16   THR B O   1 
ATOM   613  C  CB  . THR B 1 16 ? 10.424  7.189   14.041  1.00 26.46 ? 16   THR B CB  1 
ATOM   614  O  OG1 . THR B 1 16 ? 11.837  7.466   14.012  1.00 29.16 ? 16   THR B OG1 1 
ATOM   615  C  CG2 . THR B 1 16 ? 10.189  5.793   14.624  1.00 26.58 ? 16   THR B CG2 1 
ATOM   616  N  N   . ILE B 1 17 ? 11.077  6.416   10.775  1.00 23.30 ? 17   ILE B N   1 
ATOM   617  C  CA  . ILE B 1 17 ? 11.583  5.364   9.895   1.00 23.15 ? 17   ILE B CA  1 
ATOM   618  C  C   . ILE B 1 17 ? 12.756  4.658   10.562  1.00 22.97 ? 17   ILE B C   1 
ATOM   619  O  O   . ILE B 1 17 ? 13.702  5.317   11.019  1.00 23.32 ? 17   ILE B O   1 
ATOM   620  C  CB  . ILE B 1 17 ? 12.020  5.962   8.535   1.00 23.47 ? 17   ILE B CB  1 
ATOM   621  C  CG1 . ILE B 1 17 ? 10.859  6.709   7.874   1.00 23.72 ? 17   ILE B CG1 1 
ATOM   622  C  CG2 . ILE B 1 17 ? 12.640  4.886   7.640   1.00 22.68 ? 17   ILE B CG2 1 
ATOM   623  C  CD1 . ILE B 1 17 ? 9.667   5.828   7.470   1.00 25.28 ? 17   ILE B CD1 1 
ATOM   624  N  N   . ILE B 1 18 ? 12.698  3.330   10.644  1.00 22.46 ? 18   ILE B N   1 
ATOM   625  C  CA  . ILE B 1 18 ? 13.704  2.557   11.394  1.00 22.97 ? 18   ILE B CA  1 
ATOM   626  C  C   . ILE B 1 18 ? 14.687  1.884   10.447  1.00 22.60 ? 18   ILE B C   1 
ATOM   627  O  O   . ILE B 1 18 ? 15.883  1.899   10.691  1.00 21.52 ? 18   ILE B O   1 
ATOM   628  C  CB  . ILE B 1 18 ? 13.069  1.407   12.232  1.00 23.47 ? 18   ILE B CB  1 
ATOM   629  C  CG1 . ILE B 1 18 ? 11.995  1.914   13.191  1.00 24.58 ? 18   ILE B CG1 1 
ATOM   630  C  CG2 . ILE B 1 18 ? 14.138  0.613   12.990  1.00 24.05 ? 18   ILE B CG2 1 
ATOM   631  C  CD1 . ILE B 1 18 ? 10.944  0.839   13.481  1.00 28.44 ? 18   ILE B CD1 1 
ATOM   632  N  N   . LYS B 1 19 ? 14.173  1.274   9.379   1.00 20.74 ? 19   LYS B N   1 
ATOM   633  C  CA  . LYS B 1 19 ? 14.976  0.377   8.550   1.00 21.58 ? 19   LYS B CA  1 
ATOM   634  C  C   . LYS B 1 19 ? 14.374  0.328   7.164   1.00 20.23 ? 19   LYS B C   1 
ATOM   635  O  O   . LYS B 1 19 ? 13.182  0.592   6.982   1.00 18.99 ? 19   LYS B O   1 
ATOM   636  C  CB  . LYS B 1 19 ? 14.966  -1.059  9.131   1.00 20.73 ? 19   LYS B CB  1 
ATOM   637  C  CG  . LYS B 1 19 ? 15.922  -1.295  10.261  1.00 24.72 ? 19   LYS B CG  1 
ATOM   638  C  CD  . LYS B 1 19 ? 15.559  -2.509  11.150  1.00 24.01 ? 19   LYS B CD  1 
ATOM   639  C  CE  . LYS B 1 19 ? 16.294  -2.400  12.480  1.00 27.71 ? 19   LYS B CE  1 
ATOM   640  N  NZ  . LYS B 1 19 ? 16.017  -3.519  13.429  1.00 29.58 ? 19   LYS B NZ  1 
ATOM   641  N  N   . THR B 1 20 ? 15.189  -0.029  6.184   1.00 20.48 ? 20   THR B N   1 
ATOM   642  C  CA  . THR B 1 20 ? 14.655  -0.322  4.849   1.00 20.05 ? 20   THR B CA  1 
ATOM   643  C  C   . THR B 1 20 ? 14.775  -1.824  4.607   1.00 20.64 ? 20   THR B C   1 
ATOM   644  O  O   . THR B 1 20 ? 15.596  -2.507  5.249   1.00 20.06 ? 20   THR B O   1 
ATOM   645  C  CB  . THR B 1 20 ? 15.432  0.411   3.771   1.00 20.66 ? 20   THR B CB  1 
ATOM   646  O  OG1 . THR B 1 20 ? 16.814  0.035   3.874   1.00 21.60 ? 20   THR B OG1 1 
ATOM   647  C  CG2 . THR B 1 20 ? 15.344  1.910   3.999   1.00 21.91 ? 20   THR B CG2 1 
ATOM   648  N  N   . PHE B 1 21 ? 13.981  -2.337  3.670   1.00 19.98 ? 21   PHE B N   1 
ATOM   649  C  CA  . PHE B 1 21 ? 14.088  -3.737  3.293   1.00 20.63 ? 21   PHE B CA  1 
ATOM   650  C  C   . PHE B 1 21 ? 13.649  -3.892  1.831   1.00 20.75 ? 21   PHE B C   1 
ATOM   651  O  O   . PHE B 1 21 ? 13.012  -2.997  1.267   1.00 21.87 ? 21   PHE B O   1 
ATOM   652  C  CB  . PHE B 1 21 ? 13.276  -4.637  4.246   1.00 19.76 ? 21   PHE B CB  1 
ATOM   653  C  CG  . PHE B 1 21 ? 11.810  -4.360  4.242   1.00 20.74 ? 21   PHE B CG  1 
ATOM   654  C  CD1 . PHE B 1 21 ? 10.955  -5.098  3.414   1.00 22.50 ? 21   PHE B CD1 1 
ATOM   655  C  CD2 . PHE B 1 21 ? 11.269  -3.354  5.059   1.00 20.28 ? 21   PHE B CD2 1 
ATOM   656  C  CE1 . PHE B 1 21 ? 9.608   -4.839  3.383   1.00 22.51 ? 21   PHE B CE1 1 
ATOM   657  C  CE2 . PHE B 1 21 ? 9.910   -3.082  5.053   1.00 19.69 ? 21   PHE B CE2 1 
ATOM   658  C  CZ  . PHE B 1 21 ? 9.072   -3.820  4.204   1.00 20.76 ? 21   PHE B CZ  1 
ATOM   659  N  N   . ASP B 1 22 ? 14.018  -5.012  1.218   1.00 21.04 ? 22   ASP B N   1 
ATOM   660  C  CA  . ASP B 1 22 ? 13.611  -5.293  -0.161  1.00 19.88 ? 22   ASP B CA  1 
ATOM   661  C  C   . ASP B 1 22 ? 12.314  -6.023  -0.076  1.00 20.64 ? 22   ASP B C   1 
ATOM   662  O  O   . ASP B 1 22 ? 12.226  -7.059  0.590   1.00 20.76 ? 22   ASP B O   1 
ATOM   663  C  CB  . ASP B 1 22 ? 14.678  -6.149  -0.877  1.00 19.75 ? 22   ASP B CB  1 
ATOM   664  C  CG  . ASP B 1 22 ? 15.984  -5.383  -1.093  1.00 17.13 ? 22   ASP B CG  1 
ATOM   665  O  OD1 . ASP B 1 22 ? 15.928  -4.140  -1.132  1.00 15.19 ? 22   ASP B OD1 1 
ATOM   666  O  OD2 . ASP B 1 22 ? 17.071  -5.986  -1.239  1.00 14.31 ? 22   ASP B OD2 1 
ATOM   667  N  N   . ALA B 1 23 ? 11.306  -5.487  -0.761  1.00 20.91 ? 23   ALA B N   1 
ATOM   668  C  CA  . ALA B 1 23 ? 9.949   -6.032  -0.733  1.00 21.58 ? 23   ALA B CA  1 
ATOM   669  C  C   . ALA B 1 23 ? 9.655   -6.766  -2.051  1.00 21.50 ? 23   ALA B C   1 
ATOM   670  O  O   . ALA B 1 23 ? 10.330  -6.514  -3.051  1.00 21.52 ? 23   ALA B O   1 
ATOM   671  C  CB  . ALA B 1 23 ? 8.952   -4.900  -0.513  1.00 20.59 ? 23   ALA B CB  1 
ATOM   672  N  N   . PRO B 1 24 ? 8.674   -7.699  -2.061  1.00 22.38 ? 24   PRO B N   1 
ATOM   673  C  CA  . PRO B 1 24 ? 8.360   -8.298  -3.356  1.00 22.32 ? 24   PRO B CA  1 
ATOM   674  C  C   . PRO B 1 24 ? 7.704   -7.288  -4.258  1.00 22.82 ? 24   PRO B C   1 
ATOM   675  O  O   . PRO B 1 24 ? 7.349   -6.170  -3.816  1.00 22.71 ? 24   PRO B O   1 
ATOM   676  C  CB  . PRO B 1 24 ? 7.355   -9.418  -3.011  1.00 22.97 ? 24   PRO B CB  1 
ATOM   677  C  CG  . PRO B 1 24 ? 7.475   -9.629  -1.575  1.00 22.32 ? 24   PRO B CG  1 
ATOM   678  C  CD  . PRO B 1 24 ? 7.866   -8.304  -0.982  1.00 22.77 ? 24   PRO B CD  1 
ATOM   679  N  N   . GLY B 1 25 ? 7.524   -7.686  -5.509  1.00 22.76 ? 25   GLY B N   1 
ATOM   680  C  CA  . GLY B 1 25 ? 6.795   -6.893  -6.475  1.00 23.42 ? 25   GLY B CA  1 
ATOM   681  C  C   . GLY B 1 25 ? 7.610   -5.706  -6.958  1.00 24.22 ? 25   GLY B C   1 
ATOM   682  O  O   . GLY B 1 25 ? 7.046   -4.767  -7.511  1.00 25.16 ? 25   GLY B O   1 
ATOM   683  N  N   . GLY B 1 26 ? 8.928   -5.734  -6.719  1.00 24.45 ? 26   GLY B N   1 
ATOM   684  C  CA  . GLY B 1 26 ? 9.834   -4.611  -7.046  1.00 24.13 ? 26   GLY B CA  1 
ATOM   685  C  C   . GLY B 1 26 ? 9.701   -3.344  -6.212  1.00 24.67 ? 26   GLY B C   1 
ATOM   686  O  O   . GLY B 1 26 ? 10.137  -2.265  -6.646  1.00 25.34 ? 26   GLY B O   1 
ATOM   687  N  N   . MET B 1 27 ? 9.123   -3.451  -5.016  1.00 23.39 ? 27   MET B N   1 
ATOM   688  C  CA  . MET B 1 27 ? 8.924   -2.264  -4.156  1.00 23.24 ? 27   MET B CA  1 
ATOM   689  C  C   . MET B 1 27 ? 10.084  -2.127  -3.157  1.00 22.78 ? 27   MET B C   1 
ATOM   690  O  O   . MET B 1 27 ? 10.627  -3.144  -2.694  1.00 23.72 ? 27   MET B O   1 
ATOM   691  C  CB  . MET B 1 27 ? 7.616   -2.400  -3.349  1.00 23.23 ? 27   MET B CB  1 
ATOM   692  C  CG  . MET B 1 27 ? 6.368   -2.758  -4.161  1.00 23.25 ? 27   MET B CG  1 
ATOM   693  S  SD  . MET B 1 27 ? 5.911   -1.406  -5.294  1.00 24.09 ? 27   MET B SD  1 
ATOM   694  C  CE  . MET B 1 27 ? 5.418   -0.158  -4.062  1.00 20.82 ? 27   MET B CE  1 
ATOM   695  N  N   . LYS B 1 28 ? 10.438  -0.895  -2.800  1.00 20.98 ? 28   LYS B N   1 
ATOM   696  C  CA  . LYS B 1 28 ? 11.396  -0.702  -1.717  1.00 20.85 ? 28   LYS B CA  1 
ATOM   697  C  C   . LYS B 1 28 ? 10.632  -0.498  -0.433  1.00 20.40 ? 28   LYS B C   1 
ATOM   698  O  O   . LYS B 1 28 ? 9.773   0.397   -0.357  1.00 20.90 ? 28   LYS B O   1 
ATOM   699  C  CB  . LYS B 1 28 ? 12.340  0.493   -1.963  1.00 20.11 ? 28   LYS B CB  1 
ATOM   700  C  CG  . LYS B 1 28 ? 13.555  0.521   -0.984  1.00 22.10 ? 28   LYS B CG  1 
ATOM   701  C  CD  . LYS B 1 28 ? 14.520  1.667   -1.333  1.00 22.41 ? 28   LYS B CD  1 
ATOM   702  C  CE  . LYS B 1 28 ? 15.727  1.720   -0.380  1.00 23.55 ? 28   LYS B CE  1 
ATOM   703  N  NZ  . LYS B 1 28 ? 16.766  0.688   -0.750  1.00 23.85 ? 28   LYS B NZ  1 
ATOM   704  N  N   . GLY B 1 29 ? 10.933  -1.316  0.581   1.00 19.17 ? 29   GLY B N   1 
ATOM   705  C  CA  . GLY B 1 29 ? 10.212  -1.276  1.840   1.00 18.21 ? 29   GLY B CA  1 
ATOM   706  C  C   . GLY B 1 29 ? 10.894  -0.413  2.904   1.00 17.91 ? 29   GLY B C   1 
ATOM   707  O  O   . GLY B 1 29 ? 12.120  -0.383  3.011   1.00 17.25 ? 29   GLY B O   1 
ATOM   708  N  N   . TYR B 1 30 ? 10.079  0.283   3.690   1.00 16.91 ? 30   TYR B N   1 
ATOM   709  C  CA  . TYR B 1 30 ? 10.536  1.051   4.847   1.00 17.62 ? 30   TYR B CA  1 
ATOM   710  C  C   . TYR B 1 30 ? 9.744   0.582   6.054   1.00 17.83 ? 30   TYR B C   1 
ATOM   711  O  O   . TYR B 1 30 ? 8.508   0.521   6.007   1.00 17.71 ? 30   TYR B O   1 
ATOM   712  C  CB  . TYR B 1 30 ? 10.325  2.563   4.646   1.00 18.46 ? 30   TYR B CB  1 
ATOM   713  C  CG  . TYR B 1 30 ? 11.155  3.140   3.535   1.00 20.76 ? 30   TYR B CG  1 
ATOM   714  C  CD1 . TYR B 1 30 ? 10.768  3.002   2.195   1.00 20.28 ? 30   TYR B CD1 1 
ATOM   715  C  CD2 . TYR B 1 30 ? 12.315  3.836   3.817   1.00 21.01 ? 30   TYR B CD2 1 
ATOM   716  C  CE1 . TYR B 1 30 ? 11.549  3.532   1.162   1.00 21.40 ? 30   TYR B CE1 1 
ATOM   717  C  CE2 . TYR B 1 30 ? 13.092  4.371   2.800   1.00 22.63 ? 30   TYR B CE2 1 
ATOM   718  C  CZ  . TYR B 1 30 ? 12.700  4.207   1.481   1.00 20.93 ? 30   TYR B CZ  1 
ATOM   719  O  OH  . TYR B 1 30 ? 13.484  4.740   0.490   1.00 24.01 ? 30   TYR B OH  1 
ATOM   720  N  N   . LEU B 1 31 ? 10.447  0.236   7.123   1.00 17.32 ? 31   LEU B N   1 
ATOM   721  C  CA  . LEU B 1 31 ? 9.808   -0.097  8.376   1.00 17.78 ? 31   LEU B CA  1 
ATOM   722  C  C   . LEU B 1 31 ? 9.881   1.139   9.250   1.00 17.75 ? 31   LEU B C   1 
ATOM   723  O  O   . LEU B 1 31 ? 10.957  1.713   9.437   1.00 18.28 ? 31   LEU B O   1 
ATOM   724  C  CB  . LEU B 1 31 ? 10.510  -1.297  9.049   1.00 17.68 ? 31   LEU B CB  1 
ATOM   725  C  CG  . LEU B 1 31 ? 9.982   -1.786  10.410  1.00 19.31 ? 31   LEU B CG  1 
ATOM   726  C  CD1 . LEU B 1 31 ? 8.625   -2.518  10.243  1.00 18.23 ? 31   LEU B CD1 1 
ATOM   727  C  CD2 . LEU B 1 31 ? 11.007  -2.668  11.179  1.00 18.48 ? 31   LEU B CD2 1 
ATOM   728  N  N   . GLY B 1 32 ? 8.738   1.542   9.780   1.00 18.28 ? 32   GLY B N   1 
ATOM   729  C  CA  . GLY B 1 32 ? 8.648   2.669   10.697  1.00 18.93 ? 32   GLY B CA  1 
ATOM   730  C  C   . GLY B 1 32 ? 7.886   2.302   11.943  1.00 20.50 ? 32   GLY B C   1 
ATOM   731  O  O   . GLY B 1 32 ? 7.433   1.168   12.097  1.00 20.15 ? 32   GLY B O   1 
ATOM   732  N  N   . LYS B 1 33 ? 7.762   3.270   12.851  1.00 21.99 ? 33   LYS B N   1 
ATOM   733  C  CA  . LYS B 1 33 ? 7.068   3.071   14.107  1.00 23.73 ? 33   LYS B CA  1 
ATOM   734  C  C   . LYS B 1 33 ? 6.052   4.173   14.324  1.00 24.96 ? 33   LYS B C   1 
ATOM   735  O  O   . LYS B 1 33 ? 6.290   5.343   14.010  1.00 25.03 ? 33   LYS B O   1 
ATOM   736  C  CB  . LYS B 1 33 ? 8.051   3.042   15.287  1.00 24.05 ? 33   LYS B CB  1 
ATOM   737  N  N   . TYR B 1 34 ? 4.893   3.763   14.809  1.00 26.41 ? 34   TYR B N   1 
ATOM   738  C  CA  . TYR B 1 34 ? 3.943   4.667   15.432  1.00 27.96 ? 34   TYR B CA  1 
ATOM   739  C  C   . TYR B 1 34 ? 3.608   4.096   16.813  1.00 27.51 ? 34   TYR B C   1 
ATOM   740  O  O   . TYR B 1 34 ? 3.557   4.818   17.813  1.00 27.80 ? 34   TYR B O   1 
ATOM   741  C  CB  . TYR B 1 34 ? 2.698   4.827   14.556  1.00 28.78 ? 34   TYR B CB  1 
ATOM   742  C  CG  . TYR B 1 34 ? 1.492   5.435   15.252  1.00 30.66 ? 34   TYR B CG  1 
ATOM   743  C  CD1 . TYR B 1 34 ? 0.196   4.953   15.004  1.00 32.28 ? 34   TYR B CD1 1 
ATOM   744  C  CD2 . TYR B 1 34 ? 1.635   6.492   16.146  1.00 31.47 ? 34   TYR B CD2 1 
ATOM   745  C  CE1 . TYR B 1 34 ? -0.921  5.507   15.652  1.00 32.18 ? 34   TYR B CE1 1 
ATOM   746  C  CE2 . TYR B 1 34 ? 0.528   7.047   16.797  1.00 32.60 ? 34   TYR B CE2 1 
ATOM   747  C  CZ  . TYR B 1 34 ? -0.742  6.553   16.536  1.00 31.51 ? 34   TYR B CZ  1 
ATOM   748  O  OH  . TYR B 1 34 ? -1.823  7.118   17.179  1.00 32.49 ? 34   TYR B OH  1 
ATOM   749  N  N   . MET B 1 37 ? 3.935   1.218   17.646  1.00 25.49 ? 37   MET B N   1 
ATOM   750  C  CA  . MET B 1 37 ? 3.379   0.205   16.754  1.00 25.75 ? 37   MET B CA  1 
ATOM   751  C  C   . MET B 1 37 ? 4.077   0.225   15.391  1.00 23.93 ? 37   MET B C   1 
ATOM   752  O  O   . MET B 1 37 ? 4.283   1.288   14.809  1.00 23.81 ? 37   MET B O   1 
ATOM   753  C  CB  . MET B 1 37 ? 1.868   0.398   16.597  1.00 25.50 ? 37   MET B CB  1 
ATOM   754  C  CG  . MET B 1 37 ? 1.100   0.384   17.922  1.00 27.61 ? 37   MET B CG  1 
ATOM   755  S  SD  . MET B 1 37 ? -0.597  -0.204  17.726  1.00 30.77 ? 37   MET B SD  1 
ATOM   756  C  CE  . MET B 1 37 ? -1.228  -0.007  19.401  1.00 28.33 ? 37   MET B CE  1 
ATOM   757  N  N   . GLY B 1 38 ? 4.434   -0.953  14.887  1.00 22.40 ? 38   GLY B N   1 
ATOM   758  C  CA  . GLY B 1 38 ? 5.134   -1.062  13.614  1.00 20.93 ? 38   GLY B CA  1 
ATOM   759  C  C   . GLY B 1 38 ? 4.245   -0.761  12.416  1.00 20.55 ? 38   GLY B C   1 
ATOM   760  O  O   . GLY B 1 38 ? 3.058   -1.114  12.416  1.00 20.65 ? 38   GLY B O   1 
ATOM   761  N  N   . VAL B 1 39 ? 4.825   -0.099  11.413  1.00 19.02 ? 39   VAL B N   1 
ATOM   762  C  CA  . VAL B 1 39 ? 4.148   0.249   10.153  1.00 18.25 ? 39   VAL B CA  1 
ATOM   763  C  C   . VAL B 1 39 ? 5.105   -0.047  8.993   1.00 18.34 ? 39   VAL B C   1 
ATOM   764  O  O   . VAL B 1 39 ? 6.320   0.051   9.162   1.00 16.59 ? 39   VAL B O   1 
ATOM   765  C  CB  . VAL B 1 39 ? 3.688   1.757   10.099  1.00 19.58 ? 39   VAL B CB  1 
ATOM   766  C  CG1 . VAL B 1 39 ? 2.839   2.114   11.300  1.00 18.49 ? 39   VAL B CG1 1 
ATOM   767  C  CG2 . VAL B 1 39 ? 4.868   2.735   10.028  1.00 20.74 ? 39   VAL B CG2 1 
ATOM   768  N  N   . THR B 1 40 ? 4.565   -0.427  7.829   1.00 17.53 ? 40   THR B N   1 
ATOM   769  C  CA  . THR B 1 40 ? 5.377   -0.669  6.664   1.00 17.67 ? 40   THR B CA  1 
ATOM   770  C  C   . THR B 1 40 ? 4.933   0.262   5.573   1.00 17.81 ? 40   THR B C   1 
ATOM   771  O  O   . THR B 1 40 ? 3.728   0.505   5.391   1.00 17.85 ? 40   THR B O   1 
ATOM   772  C  CB  . THR B 1 40 ? 5.249   -2.112  6.162   1.00 18.53 ? 40   THR B CB  1 
ATOM   773  O  OG1 . THR B 1 40 ? 3.850   -2.459  6.140   1.00 18.32 ? 40   THR B OG1 1 
ATOM   774  C  CG2 . THR B 1 40 ? 6.015   -3.035  7.119   1.00 18.78 ? 40   THR B CG2 1 
ATOM   775  N  N   . ILE B 1 41 ? 5.911   0.849   4.909   1.00 16.42 ? 41   ILE B N   1 
ATOM   776  C  CA  . ILE B 1 41 ? 5.664   1.777   3.803   1.00 17.72 ? 41   ILE B CA  1 
ATOM   777  C  C   . ILE B 1 41 ? 6.421   1.268   2.590   1.00 17.73 ? 41   ILE B C   1 
ATOM   778  O  O   . ILE B 1 41 ? 7.576   0.871   2.713   1.00 18.57 ? 41   ILE B O   1 
ATOM   779  C  CB  . ILE B 1 41 ? 6.193   3.167   4.161   1.00 17.81 ? 41   ILE B CB  1 
ATOM   780  C  CG1 . ILE B 1 41 ? 5.441   3.704   5.386   1.00 19.83 ? 41   ILE B CG1 1 
ATOM   781  C  CG2 . ILE B 1 41 ? 6.068   4.128   2.967   1.00 17.26 ? 41   ILE B CG2 1 
ATOM   782  C  CD1 . ILE B 1 41 ? 6.181   4.831   6.123   1.00 21.75 ? 41   ILE B CD1 1 
ATOM   783  N  N   . TYR B 1 42 ? 5.763   1.260   1.435   1.00 18.07 ? 42   TYR B N   1 
ATOM   784  C  CA  . TYR B 1 42 ? 6.334   0.661   0.231   1.00 18.28 ? 42   TYR B CA  1 
ATOM   785  C  C   . TYR B 1 42 ? 6.500   1.746   -0.821  1.00 18.52 ? 42   TYR B C   1 
ATOM   786  O  O   . TYR B 1 42 ? 5.524   2.391   -1.225  1.00 17.70 ? 42   TYR B O   1 
ATOM   787  C  CB  . TYR B 1 42 ? 5.409   -0.441  -0.290  1.00 18.25 ? 42   TYR B CB  1 
ATOM   788  C  CG  . TYR B 1 42 ? 5.328   -1.569  0.701   1.00 18.28 ? 42   TYR B CG  1 
ATOM   789  C  CD1 . TYR B 1 42 ? 4.333   -1.604  1.665   1.00 18.00 ? 42   TYR B CD1 1 
ATOM   790  C  CD2 . TYR B 1 42 ? 6.326   -2.545  0.724   1.00 18.85 ? 42   TYR B CD2 1 
ATOM   791  C  CE1 . TYR B 1 42 ? 4.292   -2.655  2.622   1.00 18.50 ? 42   TYR B CE1 1 
ATOM   792  C  CE2 . TYR B 1 42 ? 6.292   -3.610  1.651   1.00 19.01 ? 42   TYR B CE2 1 
ATOM   793  C  CZ  . TYR B 1 42 ? 5.270   -3.651  2.595   1.00 20.60 ? 42   TYR B CZ  1 
ATOM   794  O  OH  . TYR B 1 42 ? 5.278   -4.692  3.533   1.00 18.78 ? 42   TYR B OH  1 
ATOM   795  N  N   . LEU B 1 43 ? 7.736   1.924   -1.264  1.00 17.78 ? 43   LEU B N   1 
ATOM   796  C  CA  . LEU B 1 43 ? 8.045   2.972   -2.265  1.00 17.66 ? 43   LEU B CA  1 
ATOM   797  C  C   . LEU B 1 43 ? 7.950   2.391   -3.667  1.00 17.26 ? 43   LEU B C   1 
ATOM   798  O  O   . LEU B 1 43 ? 8.473   1.299   -3.923  1.00 17.93 ? 43   LEU B O   1 
ATOM   799  C  CB  . LEU B 1 43 ? 9.453   3.525   -2.004  1.00 18.21 ? 43   LEU B CB  1 
ATOM   800  C  CG  . LEU B 1 43 ? 9.981   4.691   -2.840  1.00 17.87 ? 43   LEU B CG  1 
ATOM   801  C  CD1 . LEU B 1 43 ? 9.360   6.002   -2.379  1.00 16.95 ? 43   LEU B CD1 1 
ATOM   802  C  CD2 . LEU B 1 43 ? 11.485  4.723   -2.725  1.00 19.37 ? 43   LEU B CD2 1 
ATOM   803  N  N   . THR B 1 44 ? 7.292   3.098   -4.583  1.00 16.65 ? 44   THR B N   1 
ATOM   804  C  CA  . THR B 1 44 ? 7.213   2.637   -5.982  1.00 17.20 ? 44   THR B CA  1 
ATOM   805  C  C   . THR B 1 44 ? 8.614   2.720   -6.631  1.00 17.95 ? 44   THR B C   1 
ATOM   806  O  O   . THR B 1 44 ? 9.438   3.481   -6.178  1.00 18.72 ? 44   THR B O   1 
ATOM   807  C  CB  . THR B 1 44 ? 6.179   3.476   -6.758  1.00 17.16 ? 44   THR B CB  1 
ATOM   808  O  OG1 . THR B 1 44 ? 6.503   4.875   -6.647  1.00 16.86 ? 44   THR B OG1 1 
ATOM   809  C  CG2 . THR B 1 44 ? 4.796   3.247   -6.134  1.00 17.38 ? 44   THR B CG2 1 
ATOM   810  N  N   . PRO B 1 45 ? 8.890   1.932   -7.691  1.00 19.04 ? 45   PRO B N   1 
ATOM   811  C  CA  . PRO B 1 45 ? 10.212  1.995   -8.351  1.00 19.74 ? 45   PRO B CA  1 
ATOM   812  C  C   . PRO B 1 45 ? 10.678  3.398   -8.826  1.00 19.05 ? 45   PRO B C   1 
ATOM   813  O  O   . PRO B 1 45 ? 11.880  3.674   -8.796  1.00 18.62 ? 45   PRO B O   1 
ATOM   814  C  CB  . PRO B 1 45 ? 10.064  1.019   -9.531  1.00 19.53 ? 45   PRO B CB  1 
ATOM   815  C  CG  . PRO B 1 45 ? 9.018   0.087   -9.107  1.00 20.53 ? 45   PRO B CG  1 
ATOM   816  C  CD  . PRO B 1 45 ? 8.024   0.912   -8.302  1.00 19.95 ? 45   PRO B CD  1 
ATOM   817  N  N   . ASP B 1 46 ? 9.758   4.278   -9.255  1.00 18.38 ? 46   ASP B N   1 
ATOM   818  C  CA  . ASP B 1 46 ? 10.156  5.630   -9.663  1.00 17.34 ? 46   ASP B CA  1 
ATOM   819  C  C   . ASP B 1 46 ? 10.642  6.464   -8.449  1.00 17.30 ? 46   ASP B C   1 
ATOM   820  O  O   . ASP B 1 46 ? 11.216  7.538   -8.611  1.00 17.45 ? 46   ASP B O   1 
ATOM   821  C  CB  . ASP B 1 46 ? 9.044   6.351   -10.467 1.00 17.26 ? 46   ASP B CB  1 
ATOM   822  C  CG  . ASP B 1 46 ? 7.813   6.676   -9.618  1.00 15.64 ? 46   ASP B CG  1 
ATOM   823  O  OD1 . ASP B 1 46 ? 7.854   6.486   -8.388  1.00 15.03 ? 46   ASP B OD1 1 
ATOM   824  O  OD2 . ASP B 1 46 ? 6.814   7.173   -10.162 1.00 12.68 ? 46   ASP B OD2 1 
ATOM   825  N  N   . GLY B 1 47 ? 10.436  5.938   -7.248  1.00 16.58 ? 47   GLY B N   1 
ATOM   826  C  CA  . GLY B 1 47 ? 10.862  6.603   -6.019  1.00 15.85 ? 47   GLY B CA  1 
ATOM   827  C  C   . GLY B 1 47 ? 10.071  7.845   -5.631  1.00 15.47 ? 47   GLY B C   1 
ATOM   828  O  O   . GLY B 1 47 ? 10.497  8.580   -4.743  1.00 14.59 ? 47   GLY B O   1 
ATOM   829  N  N   . LYS B 1 48 ? 8.908   8.071   -6.257  1.00 14.35 ? 48   LYS B N   1 
ATOM   830  C  CA  . LYS B 1 48 ? 8.135   9.335   -6.091  1.00 14.19 ? 48   LYS B CA  1 
ATOM   831  C  C   . LYS B 1 48 ? 6.774   9.140   -5.397  1.00 14.20 ? 48   LYS B C   1 
ATOM   832  O  O   . LYS B 1 48 ? 6.055   10.113  -5.093  1.00 14.06 ? 48   LYS B O   1 
ATOM   833  C  CB  . LYS B 1 48 ? 7.884   9.993   -7.448  1.00 13.35 ? 48   LYS B CB  1 
ATOM   834  C  CG  . LYS B 1 48 ? 9.148   10.393  -8.191  1.00 15.48 ? 48   LYS B CG  1 
ATOM   835  C  CD  . LYS B 1 48 ? 8.839   10.814  -9.619  1.00 14.95 ? 48   LYS B CD  1 
ATOM   836  C  CE  . LYS B 1 48 ? 10.085  10.749  -10.491 1.00 15.48 ? 48   LYS B CE  1 
ATOM   837  N  NZ  . LYS B 1 48 ? 9.908   11.365  -11.837 1.00 14.73 ? 48   LYS B NZ  1 
ATOM   838  N  N   . HIS B 1 49 ? 6.416   7.881   -5.182  1.00 13.91 ? 49   HIS B N   1 
ATOM   839  C  CA  . HIS B 1 49 ? 5.132   7.513   -4.556  1.00 14.12 ? 49   HIS B CA  1 
ATOM   840  C  C   . HIS B 1 49 ? 5.377   6.456   -3.518  1.00 14.42 ? 49   HIS B C   1 
ATOM   841  O  O   . HIS B 1 49 ? 6.218   5.588   -3.725  1.00 15.80 ? 49   HIS B O   1 
ATOM   842  C  CB  . HIS B 1 49 ? 4.172   6.960   -5.619  1.00 12.45 ? 49   HIS B CB  1 
ATOM   843  C  CG  . HIS B 1 49 ? 3.998   7.910   -6.741  1.00 12.47 ? 49   HIS B CG  1 
ATOM   844  N  ND1 . HIS B 1 49 ? 4.819   7.912   -7.855  1.00 9.33  ? 49   HIS B ND1 1 
ATOM   845  C  CD2 . HIS B 1 49 ? 3.210   9.000   -6.842  1.00 8.74  ? 49   HIS B CD2 1 
ATOM   846  C  CE1 . HIS B 1 49 ? 4.510   8.950   -8.610  1.00 9.05  ? 49   HIS B CE1 1 
ATOM   847  N  NE2 . HIS B 1 49 ? 3.546   9.630   -8.007  1.00 6.20  ? 49   HIS B NE2 1 
ATOM   848  N  N   . ALA B 1 50 ? 4.629   6.512   -2.408  1.00 14.96 ? 50   ALA B N   1 
ATOM   849  C  CA  . ALA B 1 50 ? 4.785   5.543   -1.326  1.00 14.27 ? 50   ALA B CA  1 
ATOM   850  C  C   . ALA B 1 50 ? 3.412   5.216   -0.741  1.00 15.51 ? 50   ALA B C   1 
ATOM   851  O  O   . ALA B 1 50 ? 2.515   6.095   -0.654  1.00 15.54 ? 50   ALA B O   1 
ATOM   852  C  CB  . ALA B 1 50 ? 5.712   6.072   -0.259  1.00 15.65 ? 50   ALA B CB  1 
ATOM   853  N  N   . ILE B 1 51 ? 3.265   3.957   -0.339  1.00 14.97 ? 51   ILE B N   1 
ATOM   854  C  CA  . ILE B 1 51 ? 2.008   3.452   0.159   1.00 15.51 ? 51   ILE B CA  1 
ATOM   855  C  C   . ILE B 1 51 ? 2.218   2.956   1.562   1.00 16.28 ? 51   ILE B C   1 
ATOM   856  O  O   . ILE B 1 51 ? 3.044   2.066   1.766   1.00 16.37 ? 51   ILE B O   1 
ATOM   857  C  CB  . ILE B 1 51 ? 1.465   2.308   -0.719  1.00 16.00 ? 51   ILE B CB  1 
ATOM   858  C  CG1 . ILE B 1 51 ? 1.315   2.790   -2.165  1.00 15.65 ? 51   ILE B CG1 1 
ATOM   859  C  CG2 . ILE B 1 51 ? 0.067   1.848   -0.217  1.00 16.17 ? 51   ILE B CG2 1 
ATOM   860  C  CD1 . ILE B 1 51 ? 1.457   1.698   -3.164  1.00 20.05 ? 51   ILE B CD1 1 
ATOM   861  N  N   . SER B 1 52 ? 1.521   3.571   2.520   1.00 16.76 ? 52   SER B N   1 
ATOM   862  C  CA  . SER B 1 52 ? 1.575   3.139   3.912   1.00 18.35 ? 52   SER B CA  1 
ATOM   863  C  C   . SER B 1 52 ? 0.479   2.084   4.046   1.00 18.45 ? 52   SER B C   1 
ATOM   864  O  O   . SER B 1 52 ? -0.691  2.383   3.818   1.00 17.43 ? 52   SER B O   1 
ATOM   865  C  CB  . SER B 1 52 ? 1.285   4.306   4.837   1.00 18.93 ? 52   SER B CB  1 
ATOM   866  O  OG  . SER B 1 52 ? 1.330   3.872   6.191   1.00 23.92 ? 52   SER B OG  1 
ATOM   867  N  N   . GLY B 1 53 ? 0.838   0.855   4.408   1.00 18.02 ? 53   GLY B N   1 
ATOM   868  C  CA  . GLY B 1 53 ? -0.188  -0.145  4.619   1.00 18.72 ? 53   GLY B CA  1 
ATOM   869  C  C   . GLY B 1 53 ? 0.381   -1.537  4.601   1.00 19.01 ? 53   GLY B C   1 
ATOM   870  O  O   . GLY B 1 53 ? 1.524   -1.752  5.004   1.00 20.18 ? 53   GLY B O   1 
ATOM   871  N  N   . TYR B 1 54 ? -0.405  -2.475  4.099   1.00 17.83 ? 54   TYR B N   1 
ATOM   872  C  CA  . TYR B 1 54 ? -0.104  -3.893  4.273   1.00 17.98 ? 54   TYR B CA  1 
ATOM   873  C  C   . TYR B 1 54 ? -0.006  -4.556  2.925   1.00 17.29 ? 54   TYR B C   1 
ATOM   874  O  O   . TYR B 1 54 ? -0.951  -4.496  2.145   1.00 16.73 ? 54   TYR B O   1 
ATOM   875  C  CB  . TYR B 1 54 ? -1.241  -4.562  5.049   1.00 18.07 ? 54   TYR B CB  1 
ATOM   876  C  CG  . TYR B 1 54 ? -1.440  -3.988  6.432   1.00 20.82 ? 54   TYR B CG  1 
ATOM   877  C  CD1 . TYR B 1 54 ? -2.572  -3.237  6.738   1.00 23.19 ? 54   TYR B CD1 1 
ATOM   878  C  CD2 . TYR B 1 54 ? -0.497  -4.197  7.433   1.00 21.78 ? 54   TYR B CD2 1 
ATOM   879  C  CE1 . TYR B 1 54 ? -2.756  -2.701  8.021   1.00 23.60 ? 54   TYR B CE1 1 
ATOM   880  C  CE2 . TYR B 1 54 ? -0.668  -3.668  8.711   1.00 22.81 ? 54   TYR B CE2 1 
ATOM   881  C  CZ  . TYR B 1 54 ? -1.792  -2.924  8.993   1.00 23.29 ? 54   TYR B CZ  1 
ATOM   882  O  OH  . TYR B 1 54 ? -1.961  -2.413  10.273  1.00 25.29 ? 54   TYR B OH  1 
ATOM   883  N  N   . MET B 1 55 ? 1.102   -5.233  2.683   1.00 16.79 ? 55   MET B N   1 
ATOM   884  C  CA  . MET B 1 55 ? 1.253   -5.999  1.458   1.00 17.04 ? 55   MET B CA  1 
ATOM   885  C  C   . MET B 1 55 ? 0.807   -7.449  1.642   1.00 17.16 ? 55   MET B C   1 
ATOM   886  O  O   . MET B 1 55 ? 1.175   -8.102  2.632   1.00 16.72 ? 55   MET B O   1 
ATOM   887  C  CB  . MET B 1 55 ? 2.712   -5.989  1.004   1.00 16.28 ? 55   MET B CB  1 
ATOM   888  C  CG  . MET B 1 55 ? 2.918   -6.851  -0.258  1.00 18.08 ? 55   MET B CG  1 
ATOM   889  S  SD  . MET B 1 55 ? 4.625   -6.923  -0.816  1.00 20.41 ? 55   MET B SD  1 
ATOM   890  C  CE  . MET B 1 55 ? 4.812   -5.312  -1.612  1.00 21.67 ? 55   MET B CE  1 
ATOM   891  N  N   . TYR B 1 56 ? 0.039   -7.934  0.665   1.00 16.91 ? 56   TYR B N   1 
ATOM   892  C  CA  . TYR B 1 56 ? -0.507  -9.295  0.606   1.00 16.80 ? 56   TYR B CA  1 
ATOM   893  C  C   . TYR B 1 56 ? 0.092   -9.955  -0.616  1.00 17.05 ? 56   TYR B C   1 
ATOM   894  O  O   . TYR B 1 56 ? 0.244   -9.286  -1.658  1.00 17.42 ? 56   TYR B O   1 
ATOM   895  C  CB  . TYR B 1 56 ? -2.026  -9.235  0.420   1.00 17.23 ? 56   TYR B CB  1 
ATOM   896  C  CG  . TYR B 1 56 ? -2.754  -8.681  1.633   1.00 18.08 ? 56   TYR B CG  1 
ATOM   897  C  CD1 . TYR B 1 56 ? -2.934  -7.308  1.808   1.00 17.99 ? 56   TYR B CD1 1 
ATOM   898  C  CD2 . TYR B 1 56 ? -3.218  -9.540  2.625   1.00 18.55 ? 56   TYR B CD2 1 
ATOM   899  C  CE1 . TYR B 1 56 ? -3.580  -6.812  2.943   1.00 16.76 ? 56   TYR B CE1 1 
ATOM   900  C  CE2 . TYR B 1 56 ? -3.868  -9.063  3.747   1.00 20.54 ? 56   TYR B CE2 1 
ATOM   901  C  CZ  . TYR B 1 56 ? -4.033  -7.703  3.900   1.00 18.73 ? 56   TYR B CZ  1 
ATOM   902  O  OH  . TYR B 1 56 ? -4.675  -7.262  5.035   1.00 19.92 ? 56   TYR B OH  1 
ATOM   903  N  N   . ASN B 1 57 ? 0.392   -11.251 -0.500  1.00 16.12 ? 57   ASN B N   1 
ATOM   904  C  CA  . ASN B 1 57 ? 0.914   -12.043 -1.608  1.00 15.85 ? 57   ASN B CA  1 
ATOM   905  C  C   . ASN B 1 57 ? -0.212  -12.678 -2.404  1.00 16.22 ? 57   ASN B C   1 
ATOM   906  O  O   . ASN B 1 57 ? -1.408  -12.393 -2.174  1.00 16.49 ? 57   ASN B O   1 
ATOM   907  C  CB  . ASN B 1 57 ? 1.942   -13.090 -1.122  1.00 15.51 ? 57   ASN B CB  1 
ATOM   908  C  CG  . ASN B 1 57 ? 1.333   -14.194 -0.305  1.00 15.39 ? 57   ASN B CG  1 
ATOM   909  O  OD1 . ASN B 1 57 ? 0.108   -14.328 -0.202  1.00 14.44 ? 57   ASN B OD1 1 
ATOM   910  N  ND2 . ASN B 1 57 ? 2.198   -15.028 0.284   1.00 15.29 ? 57   ASN B ND2 1 
ATOM   911  N  N   . GLU B 1 58 ? 0.161   -13.572 -3.310  1.00 17.10 ? 58   GLU B N   1 
ATOM   912  C  CA  . GLU B 1 58 ? -0.757  -14.168 -4.254  1.00 17.32 ? 58   GLU B CA  1 
ATOM   913  C  C   . GLU B 1 58 ? -1.825  -15.037 -3.612  1.00 17.89 ? 58   GLU B C   1 
ATOM   914  O  O   . GLU B 1 58 ? -2.879  -15.273 -4.208  1.00 19.10 ? 58   GLU B O   1 
ATOM   915  C  CB  . GLU B 1 58 ? 0.037   -15.012 -5.275  1.00 18.51 ? 58   GLU B CB  1 
ATOM   916  N  N   . LYS B 1 59 ? -1.551  -15.550 -2.417  1.00 17.94 ? 59   LYS B N   1 
ATOM   917  C  CA  . LYS B 1 59 ? -2.529  -16.382 -1.718  1.00 17.24 ? 59   LYS B CA  1 
ATOM   918  C  C   . LYS B 1 59 ? -3.174  -15.663 -0.524  1.00 17.36 ? 59   LYS B C   1 
ATOM   919  O  O   . LYS B 1 59 ? -3.865  -16.270 0.281   1.00 17.36 ? 59   LYS B O   1 
ATOM   920  C  CB  . LYS B 1 59 ? -1.943  -17.758 -1.354  1.00 17.73 ? 59   LYS B CB  1 
ATOM   921  C  CG  . LYS B 1 59 ? -0.651  -17.723 -0.581  1.00 17.47 ? 59   LYS B CG  1 
ATOM   922  C  CD  . LYS B 1 59 ? 0.162   -18.977 -0.854  0.50 17.69 ? 59   LYS B CD  1 
ATOM   923  N  N   . GLY B 1 60 ? -2.970  -14.353 -0.447  1.00 17.63 ? 60   GLY B N   1 
ATOM   924  C  CA  . GLY B 1 60 ? -3.625  -13.526 0.555   1.00 18.27 ? 60   GLY B CA  1 
ATOM   925  C  C   . GLY B 1 60 ? -2.988  -13.490 1.934   1.00 18.18 ? 60   GLY B C   1 
ATOM   926  O  O   . GLY B 1 60 ? -3.623  -13.020 2.869   1.00 18.91 ? 60   GLY B O   1 
ATOM   927  N  N   . GLU B 1 61 ? -1.744  -13.964 2.059   1.00 17.60 ? 61   GLU B N   1 
ATOM   928  C  CA  . GLU B 1 61 ? -0.972  -13.806 3.303   1.00 17.49 ? 61   GLU B CA  1 
ATOM   929  C  C   . GLU B 1 61 ? -0.562  -12.346 3.472   1.00 17.25 ? 61   GLU B C   1 
ATOM   930  O  O   . GLU B 1 61 ? -0.139  -11.710 2.504   1.00 16.24 ? 61   GLU B O   1 
ATOM   931  C  CB  . GLU B 1 61 ? 0.283   -14.668 3.268   1.00 17.94 ? 61   GLU B CB  1 
ATOM   932  C  CG  . GLU B 1 61 ? 0.996   -14.826 4.625   1.00 19.42 ? 61   GLU B CG  1 
ATOM   933  N  N   . ASN B 1 62 ? -0.710  -11.822 4.689   1.00 16.06 ? 62   ASN B N   1 
ATOM   934  C  CA  . ASN B 1 62 ? -0.355  -10.443 4.976   1.00 15.77 ? 62   ASN B CA  1 
ATOM   935  C  C   . ASN B 1 62 ? 1.118   -10.453 5.308   1.00 16.20 ? 62   ASN B C   1 
ATOM   936  O  O   . ASN B 1 62 ? 1.505   -10.880 6.398   1.00 16.14 ? 62   ASN B O   1 
ATOM   937  C  CB  . ASN B 1 62 ? -1.162  -9.924  6.169   1.00 16.48 ? 62   ASN B CB  1 
ATOM   938  C  CG  . ASN B 1 62 ? -0.942  -8.461  6.422   1.00 16.65 ? 62   ASN B CG  1 
ATOM   939  O  OD1 . ASN B 1 62 ? 0.149   -7.933  6.207   1.00 15.54 ? 62   ASN B OD1 1 
ATOM   940  N  ND2 . ASN B 1 62 ? -1.976  -7.787  6.896   1.00 17.77 ? 62   ASN B ND2 1 
ATOM   941  N  N   . LEU B 1 63 ? 1.933   -10.022 4.358   1.00 15.61 ? 63   LEU B N   1 
ATOM   942  C  CA  . LEU B 1 63 ? 3.395   -10.094 4.468   1.00 16.47 ? 63   LEU B CA  1 
ATOM   943  C  C   . LEU B 1 63 ? 3.947   -9.063  5.433   1.00 16.48 ? 63   LEU B C   1 
ATOM   944  O  O   . LEU B 1 63 ? 4.988   -9.287  6.077   1.00 16.15 ? 63   LEU B O   1 
ATOM   945  C  CB  . LEU B 1 63 ? 4.032   -9.832  3.100   1.00 17.66 ? 63   LEU B CB  1 
ATOM   946  C  CG  . LEU B 1 63 ? 3.739   -10.866 2.006   1.00 18.29 ? 63   LEU B CG  1 
ATOM   947  C  CD1 . LEU B 1 63 ? 4.397   -10.483 0.697   1.00 21.51 ? 63   LEU B CD1 1 
ATOM   948  C  CD2 . LEU B 1 63 ? 4.155   -12.259 2.416   1.00 22.77 ? 63   LEU B CD2 1 
ATOM   949  N  N   . SER B 1 64 ? 3.266   -7.920  5.483   1.00 16.23 ? 64   SER B N   1 
ATOM   950  C  CA  . SER B 1 64 ? 3.664   -6.813  6.353   1.00 16.94 ? 64   SER B CA  1 
ATOM   951  C  C   . SER B 1 64 ? 3.575   -7.200  7.806   1.00 17.65 ? 64   SER B C   1 
ATOM   952  O  O   . SER B 1 64 ? 4.457   -6.864  8.575   1.00 17.53 ? 64   SER B O   1 
ATOM   953  C  CB  . SER B 1 64 ? 2.768   -5.584  6.105   1.00 17.44 ? 64   SER B CB  1 
ATOM   954  O  OG  . SER B 1 64 ? 3.038   -5.018  4.829   1.00 17.97 ? 64   SER B OG  1 
ATOM   955  N  N   . ASN B 1 65 ? 2.506   -7.907  8.174   1.00 17.60 ? 65   ASN B N   1 
ATOM   956  C  CA  . ASN B 1 65 ? 2.297   -8.351  9.561   1.00 19.48 ? 65   ASN B CA  1 
ATOM   957  C  C   . ASN B 1 65 ? 3.457   -9.196  10.028  1.00 19.55 ? 65   ASN B C   1 
ATOM   958  O  O   . ASN B 1 65 ? 3.975   -8.997  11.128  1.00 19.95 ? 65   ASN B O   1 
ATOM   959  C  CB  . ASN B 1 65 ? 1.010   -9.174  9.692   1.00 19.23 ? 65   ASN B CB  1 
ATOM   960  C  CG  . ASN B 1 65 ? -0.221  -8.315  9.947   1.00 23.30 ? 65   ASN B CG  1 
ATOM   961  O  OD1 . ASN B 1 65 ? -0.141  -7.081  10.030  1.00 24.42 ? 65   ASN B OD1 1 
ATOM   962  N  ND2 . ASN B 1 65 ? -1.381  -8.974  10.081  1.00 23.86 ? 65   ASN B ND2 1 
ATOM   963  N  N   . THR B 1 66 ? 3.869   -10.128 9.172   1.00 19.86 ? 66   THR B N   1 
ATOM   964  C  CA  . THR B 1 66 ? 4.938   -11.064 9.491   1.00 21.54 ? 66   THR B CA  1 
ATOM   965  C  C   . THR B 1 66 ? 6.243   -10.285 9.750   1.00 21.69 ? 66   THR B C   1 
ATOM   966  O  O   . THR B 1 66 ? 6.890   -10.490 10.763  1.00 21.26 ? 66   THR B O   1 
ATOM   967  C  CB  . THR B 1 66 ? 5.119   -12.100 8.355   1.00 21.19 ? 66   THR B CB  1 
ATOM   968  O  OG1 . THR B 1 66 ? 3.857   -12.701 8.081   1.00 23.62 ? 66   THR B OG1 1 
ATOM   969  C  CG2 . THR B 1 66 ? 6.116   -13.210 8.757   1.00 22.44 ? 66   THR B CG2 1 
ATOM   970  N  N   . LEU B 1 67 ? 6.588   -9.378  8.837   1.00 21.58 ? 67   LEU B N   1 
ATOM   971  C  CA  . LEU B 1 67 ? 7.756   -8.511  8.986   1.00 22.85 ? 67   LEU B CA  1 
ATOM   972  C  C   . LEU B 1 67 ? 7.721   -7.657  10.265  1.00 22.03 ? 67   LEU B C   1 
ATOM   973  O  O   . LEU B 1 67 ? 8.730   -7.558  10.977  1.00 21.46 ? 67   LEU B O   1 
ATOM   974  C  CB  . LEU B 1 67 ? 7.914   -7.611  7.744   1.00 23.90 ? 67   LEU B CB  1 
ATOM   975  C  CG  . LEU B 1 67 ? 9.216   -6.789  7.645   1.00 27.95 ? 67   LEU B CG  1 
ATOM   976  C  CD1 . LEU B 1 67 ? 9.833   -6.931  6.258   1.00 29.63 ? 67   LEU B CD1 1 
ATOM   977  C  CD2 . LEU B 1 67 ? 8.971   -5.314  7.942   1.00 29.85 ? 67   LEU B CD2 1 
ATOM   978  N  N   . ILE B 1 68 ? 6.569   -7.041  10.538  1.00 21.62 ? 68   ILE B N   1 
ATOM   979  C  CA  . ILE B 1 68 ? 6.379   -6.185  11.705  1.00 21.71 ? 68   ILE B CA  1 
ATOM   980  C  C   . ILE B 1 68 ? 6.510   -7.039  12.969  1.00 22.58 ? 68   ILE B C   1 
ATOM   981  O  O   . ILE B 1 68 ? 7.145   -6.618  13.951  1.00 22.70 ? 68   ILE B O   1 
ATOM   982  C  CB  . ILE B 1 68 ? 5.009   -5.459  11.650  1.00 21.83 ? 68   ILE B CB  1 
ATOM   983  C  CG1 . ILE B 1 68 ? 4.992   -4.443  10.495  1.00 21.23 ? 68   ILE B CG1 1 
ATOM   984  C  CG2 . ILE B 1 68 ? 4.688   -4.800  13.000  1.00 21.68 ? 68   ILE B CG2 1 
ATOM   985  C  CD1 . ILE B 1 68 ? 3.606   -3.999  10.060  1.00 22.65 ? 68   ILE B CD1 1 
ATOM   986  N  N   . GLU B 1 69 ? 5.938   -8.243  12.921  1.00 23.55 ? 69   GLU B N   1 
ATOM   987  C  CA  . GLU B 1 69 ? 6.071   -9.250  14.006  1.00 25.46 ? 69   GLU B CA  1 
ATOM   988  C  C   . GLU B 1 69 ? 7.520   -9.551  14.386  1.00 25.79 ? 69   GLU B C   1 
ATOM   989  O  O   . GLU B 1 69 ? 7.853   -9.641  15.580  1.00 26.51 ? 69   GLU B O   1 
ATOM   990  C  CB  . GLU B 1 69 ? 5.381   -10.564 13.611  1.00 25.73 ? 69   GLU B CB  1 
ATOM   991  C  CG  . GLU B 1 69 ? 3.968   -10.741 14.134  1.00 28.33 ? 69   GLU B CG  1 
ATOM   992  C  CD  . GLU B 1 69 ? 3.139   -11.682 13.268  1.00 31.15 ? 69   GLU B CD  1 
ATOM   993  O  OE1 . GLU B 1 69 ? 3.029   -12.882 13.600  1.00 32.88 ? 69   GLU B OE1 1 
ATOM   994  O  OE2 . GLU B 1 69 ? 2.596   -11.221 12.244  1.00 34.23 ? 69   GLU B OE2 1 
ATOM   995  N  N   . LYS B 1 70 ? 8.377   -9.718  13.378  1.00 26.72 ? 70   LYS B N   1 
ATOM   996  C  CA  . LYS B 1 70 ? 9.796   -10.027 13.599  1.00 27.85 ? 70   LYS B CA  1 
ATOM   997  C  C   . LYS B 1 70 ? 10.560  -8.770  13.998  1.00 28.18 ? 70   LYS B C   1 
ATOM   998  O  O   . LYS B 1 70 ? 11.647  -8.850  14.589  1.00 28.48 ? 70   LYS B O   1 
ATOM   999  C  CB  . LYS B 1 70 ? 10.464  -10.660 12.358  1.00 28.11 ? 70   LYS B CB  1 
ATOM   1000 C  CG  . LYS B 1 70 ? 9.654   -11.709 11.535  1.00 29.34 ? 70   LYS B CG  1 
ATOM   1001 C  CD  . LYS B 1 70 ? 8.724   -12.679 12.322  1.00 31.78 ? 70   LYS B CD  1 
ATOM   1002 C  CE  . LYS B 1 70 ? 9.311   -13.306 13.615  1.00 30.99 ? 70   LYS B CE  1 
ATOM   1003 N  NZ  . LYS B 1 70 ? 10.167  -14.518 13.423  1.00 31.34 ? 70   LYS B NZ  1 
ATOM   1004 N  N   . GLU B 1 71 ? 9.940   -7.632  13.705  1.00 28.24 ? 71   GLU B N   1 
ATOM   1005 C  CA  . GLU B 1 71 ? 10.531  -6.291  13.782  1.00 28.30 ? 71   GLU B CA  1 
ATOM   1006 C  C   . GLU B 1 71 ? 11.769  -6.135  12.899  1.00 28.78 ? 71   GLU B C   1 
ATOM   1007 O  O   . GLU B 1 71 ? 11.673  -6.286  11.677  1.00 28.72 ? 71   GLU B O   1 
ATOM   1008 C  CB  . GLU B 1 71 ? 10.774  -5.837  15.219  1.00 27.64 ? 71   GLU B CB  1 
ATOM   1009 C  CG  . GLU B 1 71 ? 9.508   -5.365  15.913  1.00 26.84 ? 71   GLU B CG  1 
HETATM 1010 CD CD  . CD  C 2 .  ? 5.168   -13.420 -3.899  1.00 33.25 ? 1072 CD  A CD  1 
HETATM 1011 CD CD  . CD  D 2 .  ? 7.565   -10.408 -8.993  0.70 22.07 ? 1073 CD  A CD  1 
HETATM 1012 CD CD  . CD  E 2 .  ? 3.217   11.754  -8.926  1.00 25.75 ? 1072 CD  B CD  1 
HETATM 1013 CD CD  . CD  F 2 .  ? 6.568   7.642   -12.379 0.80 20.63 ? 1073 CD  B CD  1 
HETATM 1014 O  O   . HOH G 3 .  ? -25.658 -7.209  0.856   1.00 27.93 ? 2001 HOH A O   1 
HETATM 1015 O  O   . HOH G 3 .  ? -21.784 -6.949  1.214   1.00 29.75 ? 2002 HOH A O   1 
HETATM 1016 O  O   . HOH G 3 .  ? -23.625 -6.738  2.413   1.00 49.97 ? 2003 HOH A O   1 
HETATM 1017 O  O   . HOH G 3 .  ? -14.243 1.551   -14.835 1.00 57.02 ? 2004 HOH A O   1 
HETATM 1018 O  O   . HOH G 3 .  ? -16.692 -12.900 -3.881  1.00 54.04 ? 2005 HOH A O   1 
HETATM 1019 O  O   . HOH G 3 .  ? -17.505 -11.104 -1.798  1.00 40.95 ? 2006 HOH A O   1 
HETATM 1020 O  O   . HOH G 3 .  ? -2.690  -1.779  -17.780 1.00 38.67 ? 2007 HOH A O   1 
HETATM 1021 O  O   . HOH G 3 .  ? -4.641  7.768   -7.668  1.00 27.91 ? 2008 HOH A O   1 
HETATM 1022 O  O   . HOH G 3 .  ? -7.368  8.136   -10.821 1.00 49.35 ? 2009 HOH A O   1 
HETATM 1023 O  O   . HOH G 3 .  ? -12.563 -10.023 6.918   1.00 26.40 ? 2010 HOH A O   1 
HETATM 1024 O  O   . HOH G 3 .  ? -20.792 -4.493  3.698   1.00 20.01 ? 2011 HOH A O   1 
HETATM 1025 O  O   . HOH G 3 .  ? -13.721 -0.348  -12.871 1.00 34.69 ? 2012 HOH A O   1 
HETATM 1026 O  O   . HOH G 3 .  ? -6.186  -2.853  -14.672 1.00 33.02 ? 2013 HOH A O   1 
HETATM 1027 O  O   . HOH G 3 .  ? -8.407  4.381   -14.741 1.00 18.64 ? 2014 HOH A O   1 
HETATM 1028 O  O   . HOH G 3 .  ? -3.446  0.777   -18.014 1.00 20.31 ? 2015 HOH A O   1 
HETATM 1029 O  O   . HOH G 3 .  ? -5.204  7.076   -9.936  1.00 34.89 ? 2016 HOH A O   1 
HETATM 1030 O  O   . HOH G 3 .  ? -6.550  -1.216  -17.113 1.00 20.50 ? 2017 HOH A O   1 
HETATM 1031 O  O   . HOH G 3 .  ? 1.934   5.159   -13.401 1.00 28.89 ? 2018 HOH A O   1 
HETATM 1032 O  O   . HOH G 3 .  ? -18.815 -3.259  3.073   1.00 29.26 ? 2019 HOH A O   1 
HETATM 1033 O  O   . HOH G 3 .  ? -7.168  2.114   1.920   1.00 23.40 ? 2020 HOH A O   1 
HETATM 1034 O  O   . HOH G 3 .  ? -3.583  6.371   -5.733  1.00 28.28 ? 2021 HOH A O   1 
HETATM 1035 O  O   . HOH G 3 .  ? 0.643   -2.683  -11.208 1.00 27.72 ? 2022 HOH A O   1 
HETATM 1036 O  O   . HOH G 3 .  ? 5.364   -13.478 -1.611  1.00 19.44 ? 2023 HOH A O   1 
HETATM 1037 O  O   . HOH G 3 .  ? 3.361   -14.118 -4.659  1.00 31.39 ? 2024 HOH A O   1 
HETATM 1038 O  O   . HOH G 3 .  ? -6.622  0.360   3.586   1.00 35.93 ? 2025 HOH A O   1 
HETATM 1039 O  O   . HOH G 3 .  ? 4.758   12.748  -7.467  1.00 27.85 ? 2026 HOH A O   1 
HETATM 1040 O  O   . HOH G 3 .  ? -4.050  14.861  0.967   1.00 36.43 ? 2027 HOH A O   1 
HETATM 1041 O  O   . HOH G 3 .  ? -6.073  10.424  -6.388  1.00 29.82 ? 2028 HOH A O   1 
HETATM 1042 O  O   . HOH G 3 .  ? -11.832 14.127  -3.238  1.00 35.55 ? 2029 HOH A O   1 
HETATM 1043 O  O   . HOH G 3 .  ? -15.192 11.621  -12.591 1.00 29.81 ? 2030 HOH A O   1 
HETATM 1044 O  O   . HOH H 3 .  ? 19.195  11.685  2.618   1.00 59.42 ? 2001 HOH B O   1 
HETATM 1045 O  O   . HOH H 3 .  ? 13.640  18.424  5.751   1.00 50.08 ? 2002 HOH B O   1 
HETATM 1046 O  O   . HOH H 3 .  ? 15.691  -8.234  12.602  1.00 19.02 ? 2003 HOH B O   1 
HETATM 1047 O  O   . HOH H 3 .  ? 15.255  -1.427  -4.307  1.00 44.19 ? 2004 HOH B O   1 
HETATM 1048 O  O   . HOH H 3 .  ? 13.829  -4.669  -6.764  1.00 46.46 ? 2005 HOH B O   1 
HETATM 1049 O  O   . HOH H 3 .  ? 17.427  -6.665  13.952  1.00 53.64 ? 2006 HOH B O   1 
HETATM 1050 O  O   . HOH H 3 .  ? 16.794  -1.260  16.228  1.00 63.82 ? 2007 HOH B O   1 
HETATM 1051 O  O   . HOH H 3 .  ? 18.403  -4.446  0.815   1.00 29.69 ? 2008 HOH B O   1 
HETATM 1052 O  O   . HOH H 3 .  ? 16.516  -6.617  2.554   1.00 10.60 ? 2009 HOH B O   1 
HETATM 1053 O  O   . HOH H 3 .  ? 13.887  -3.021  -3.035  1.00 33.10 ? 2010 HOH B O   1 
HETATM 1054 O  O   . HOH H 3 .  ? 12.005  14.180  -5.301  1.00 37.57 ? 2011 HOH B O   1 
HETATM 1055 O  O   . HOH H 3 .  ? 12.426  -5.155  -4.052  1.00 30.89 ? 2012 HOH B O   1 
HETATM 1056 O  O   . HOH H 3 .  ? 12.283  -2.586  -8.361  1.00 36.49 ? 2013 HOH B O   1 
HETATM 1057 O  O   . HOH H 3 .  ? 19.108  -1.794  -0.790  1.00 18.42 ? 2014 HOH B O   1 
HETATM 1058 O  O   . HOH H 3 .  ? 15.694  6.051   1.693   1.00 37.16 ? 2015 HOH B O   1 
HETATM 1059 O  O   . HOH H 3 .  ? 1.040   -1.198  10.610  1.00 34.51 ? 2016 HOH B O   1 
HETATM 1060 O  O   . HOH H 3 .  ? 1.658   -0.640  8.012   1.00 21.86 ? 2017 HOH B O   1 
HETATM 1061 O  O   . HOH H 3 .  ? 6.386   -6.857  2.236   1.00 19.60 ? 2018 HOH B O   1 
HETATM 1062 O  O   . HOH H 3 .  ? 7.471   3.490   -10.397 1.00 26.93 ? 2019 HOH B O   1 
HETATM 1063 O  O   . HOH H 3 .  ? 6.424   5.334   -13.040 1.00 16.66 ? 2020 HOH B O   1 
HETATM 1064 O  O   . HOH H 3 .  ? 9.663   15.143  -8.710  1.00 41.87 ? 2021 HOH B O   1 
HETATM 1065 O  O   . HOH H 3 .  ? 1.043   11.980  -8.323  1.00 18.05 ? 2022 HOH B O   1 
HETATM 1066 O  O   . HOH H 3 .  ? -2.396  1.926   6.483   1.00 45.96 ? 2023 HOH B O   1 
HETATM 1067 O  O   . HOH H 3 .  ? 0.372   6.693   7.390   1.00 52.53 ? 2024 HOH B O   1 
HETATM 1068 O  O   . HOH H 3 .  ? 0.293   1.992   7.756   1.00 37.09 ? 2025 HOH B O   1 
HETATM 1069 O  O   . HOH H 3 .  ? 7.254   -10.702 5.078   1.00 29.22 ? 2026 HOH B O   1 
HETATM 1070 O  O   . HOH H 3 .  ? 4.185   -14.077 5.883   1.00 47.67 ? 2027 HOH B O   1 
HETATM 1071 O  O   . HOH H 3 .  ? 12.002  -16.309 12.289  1.00 38.68 ? 2028 HOH B O   1 
# 
loop_
_pdbx_poly_seq_scheme.asym_id 
_pdbx_poly_seq_scheme.entity_id 
_pdbx_poly_seq_scheme.seq_id 
_pdbx_poly_seq_scheme.mon_id 
_pdbx_poly_seq_scheme.ndb_seq_num 
_pdbx_poly_seq_scheme.pdb_seq_num 
_pdbx_poly_seq_scheme.auth_seq_num 
_pdbx_poly_seq_scheme.pdb_mon_id 
_pdbx_poly_seq_scheme.auth_mon_id 
_pdbx_poly_seq_scheme.pdb_strand_id 
_pdbx_poly_seq_scheme.pdb_ins_code 
_pdbx_poly_seq_scheme.hetero 
A 1 1  MET 1  1  ?  ?   ?   A . n 
A 1 2  GLU 2  2  ?  ?   ?   A . n 
A 1 3  LEU 3  3  3  LEU LEU A . n 
A 1 4  PRO 4  4  4  PRO PRO A . n 
A 1 5  ALA 5  5  5  ALA ALA A . n 
A 1 6  PRO 6  6  6  PRO PRO A . n 
A 1 7  VAL 7  7  7  VAL VAL A . n 
A 1 8  LYS 8  8  8  LYS LYS A . n 
A 1 9  ALA 9  9  9  ALA ALA A . n 
A 1 10 ILE 10 10 10 ILE ILE A . n 
A 1 11 GLU 11 11 11 GLU GLU A . n 
A 1 12 LYS 12 12 12 LYS LYS A . n 
A 1 13 GLN 13 13 13 GLN GLN A . n 
A 1 14 GLY 14 14 14 GLY GLY A . n 
A 1 15 ILE 15 15 15 ILE ILE A . n 
A 1 16 THR 16 16 16 THR THR A . n 
A 1 17 ILE 17 17 17 ILE ILE A . n 
A 1 18 ILE 18 18 18 ILE ILE A . n 
A 1 19 LYS 19 19 19 LYS LYS A . n 
A 1 20 THR 20 20 20 THR THR A . n 
A 1 21 PHE 21 21 21 PHE PHE A . n 
A 1 22 ASP 22 22 22 ASP ASP A . n 
A 1 23 ALA 23 23 23 ALA ALA A . n 
A 1 24 PRO 24 24 24 PRO PRO A . n 
A 1 25 GLY 25 25 25 GLY GLY A . n 
A 1 26 GLY 26 26 26 GLY GLY A . n 
A 1 27 MET 27 27 27 MET MET A . n 
A 1 28 LYS 28 28 28 LYS LYS A . n 
A 1 29 GLY 29 29 29 GLY GLY A . n 
A 1 30 TYR 30 30 30 TYR TYR A . n 
A 1 31 LEU 31 31 31 LEU LEU A . n 
A 1 32 GLY 32 32 32 GLY GLY A . n 
A 1 33 LYS 33 33 33 LYS LYS A . n 
A 1 34 TYR 34 34 34 TYR TYR A . n 
A 1 35 GLN 35 35 35 GLN GLN A . n 
A 1 36 ASP 36 36 36 ASP ASP A . n 
A 1 37 MET 37 37 37 MET MET A . n 
A 1 38 GLY 38 38 38 GLY GLY A . n 
A 1 39 VAL 39 39 39 VAL VAL A . n 
A 1 40 THR 40 40 40 THR THR A . n 
A 1 41 ILE 41 41 41 ILE ILE A . n 
A 1 42 TYR 42 42 42 TYR TYR A . n 
A 1 43 LEU 43 43 43 LEU LEU A . n 
A 1 44 THR 44 44 44 THR THR A . n 
A 1 45 PRO 45 45 45 PRO PRO A . n 
A 1 46 ASP 46 46 46 ASP ASP A . n 
A 1 47 GLY 47 47 47 GLY GLY A . n 
A 1 48 LYS 48 48 48 LYS LYS A . n 
A 1 49 HIS 49 49 49 HIS HIS A . n 
A 1 50 ALA 50 50 50 ALA ALA A . n 
A 1 51 ILE 51 51 51 ILE ILE A . n 
A 1 52 SER 52 52 52 SER SER A . n 
A 1 53 GLY 53 53 53 GLY GLY A . n 
A 1 54 TYR 54 54 54 TYR TYR A . n 
A 1 55 MET 55 55 55 MET MET A . n 
A 1 56 TYR 56 56 56 TYR TYR A . n 
A 1 57 ASN 57 57 57 ASN ASN A . n 
A 1 58 GLU 58 58 58 GLU GLU A . n 
A 1 59 LYS 59 59 59 LYS LYS A . n 
A 1 60 GLY 60 60 60 GLY GLY A . n 
A 1 61 GLU 61 61 61 GLU GLU A . n 
A 1 62 ASN 62 62 62 ASN ASN A . n 
A 1 63 LEU 63 63 63 LEU LEU A . n 
A 1 64 SER 64 64 64 SER SER A . n 
A 1 65 ASN 65 65 65 ASN ASN A . n 
A 1 66 THR 66 66 66 THR THR A . n 
A 1 67 LEU 67 67 67 LEU LEU A . n 
A 1 68 ILE 68 68 68 ILE ILE A . n 
A 1 69 GLU 69 69 69 GLU GLU A . n 
A 1 70 LYS 70 70 70 LYS LYS A . n 
A 1 71 GLU 71 71 71 GLU GLU A . n 
A 1 72 ILE 72 72 ?  ?   ?   A . n 
B 1 1  MET 1  1  ?  ?   ?   B . n 
B 1 2  GLU 2  2  ?  ?   ?   B . n 
B 1 3  LEU 3  3  3  LEU LEU B . n 
B 1 4  PRO 4  4  4  PRO PRO B . n 
B 1 5  ALA 5  5  5  ALA ALA B . n 
B 1 6  PRO 6  6  6  PRO PRO B . n 
B 1 7  VAL 7  7  7  VAL VAL B . n 
B 1 8  LYS 8  8  8  LYS LYS B . n 
B 1 9  ALA 9  9  9  ALA ALA B . n 
B 1 10 ILE 10 10 10 ILE ILE B . n 
B 1 11 GLU 11 11 11 GLU GLU B . n 
B 1 12 LYS 12 12 12 LYS LYS B . n 
B 1 13 GLN 13 13 13 GLN GLN B . n 
B 1 14 GLY 14 14 14 GLY GLY B . n 
B 1 15 ILE 15 15 15 ILE ILE B . n 
B 1 16 THR 16 16 16 THR THR B . n 
B 1 17 ILE 17 17 17 ILE ILE B . n 
B 1 18 ILE 18 18 18 ILE ILE B . n 
B 1 19 LYS 19 19 19 LYS LYS B . n 
B 1 20 THR 20 20 20 THR THR B . n 
B 1 21 PHE 21 21 21 PHE PHE B . n 
B 1 22 ASP 22 22 22 ASP ASP B . n 
B 1 23 ALA 23 23 23 ALA ALA B . n 
B 1 24 PRO 24 24 24 PRO PRO B . n 
B 1 25 GLY 25 25 25 GLY GLY B . n 
B 1 26 GLY 26 26 26 GLY GLY B . n 
B 1 27 MET 27 27 27 MET MET B . n 
B 1 28 LYS 28 28 28 LYS LYS B . n 
B 1 29 GLY 29 29 29 GLY GLY B . n 
B 1 30 TYR 30 30 30 TYR TYR B . n 
B 1 31 LEU 31 31 31 LEU LEU B . n 
B 1 32 GLY 32 32 32 GLY GLY B . n 
B 1 33 LYS 33 33 33 LYS LYS B . n 
B 1 34 TYR 34 34 34 TYR TYR B . n 
B 1 35 GLN 35 35 ?  ?   ?   B . n 
B 1 36 ASP 36 36 ?  ?   ?   B . n 
B 1 37 MET 37 37 37 MET MET B . n 
B 1 38 GLY 38 38 38 GLY GLY B . n 
B 1 39 VAL 39 39 39 VAL VAL B . n 
B 1 40 THR 40 40 40 THR THR B . n 
B 1 41 ILE 41 41 41 ILE ILE B . n 
B 1 42 TYR 42 42 42 TYR TYR B . n 
B 1 43 LEU 43 43 43 LEU LEU B . n 
B 1 44 THR 44 44 44 THR THR B . n 
B 1 45 PRO 45 45 45 PRO PRO B . n 
B 1 46 ASP 46 46 46 ASP ASP B . n 
B 1 47 GLY 47 47 47 GLY GLY B . n 
B 1 48 LYS 48 48 48 LYS LYS B . n 
B 1 49 HIS 49 49 49 HIS HIS B . n 
B 1 50 ALA 50 50 50 ALA ALA B . n 
B 1 51 ILE 51 51 51 ILE ILE B . n 
B 1 52 SER 52 52 52 SER SER B . n 
B 1 53 GLY 53 53 53 GLY GLY B . n 
B 1 54 TYR 54 54 54 TYR TYR B . n 
B 1 55 MET 55 55 55 MET MET B . n 
B 1 56 TYR 56 56 56 TYR TYR B . n 
B 1 57 ASN 57 57 57 ASN ASN B . n 
B 1 58 GLU 58 58 58 GLU GLU B . n 
B 1 59 LYS 59 59 59 LYS LYS B . n 
B 1 60 GLY 60 60 60 GLY GLY B . n 
B 1 61 GLU 61 61 61 GLU GLU B . n 
B 1 62 ASN 62 62 62 ASN ASN B . n 
B 1 63 LEU 63 63 63 LEU LEU B . n 
B 1 64 SER 64 64 64 SER SER B . n 
B 1 65 ASN 65 65 65 ASN ASN B . n 
B 1 66 THR 66 66 66 THR THR B . n 
B 1 67 LEU 67 67 67 LEU LEU B . n 
B 1 68 ILE 68 68 68 ILE ILE B . n 
B 1 69 GLU 69 69 69 GLU GLU B . n 
B 1 70 LYS 70 70 70 LYS LYS B . n 
B 1 71 GLU 71 71 71 GLU GLU B . n 
B 1 72 ILE 72 72 ?  ?   ?   B . n 
# 
loop_
_pdbx_nonpoly_scheme.asym_id 
_pdbx_nonpoly_scheme.entity_id 
_pdbx_nonpoly_scheme.mon_id 
_pdbx_nonpoly_scheme.ndb_seq_num 
_pdbx_nonpoly_scheme.pdb_seq_num 
_pdbx_nonpoly_scheme.auth_seq_num 
_pdbx_nonpoly_scheme.pdb_mon_id 
_pdbx_nonpoly_scheme.auth_mon_id 
_pdbx_nonpoly_scheme.pdb_strand_id 
_pdbx_nonpoly_scheme.pdb_ins_code 
C 2 CD  1  1072 1072 CD  CD  A . 
D 2 CD  1  1073 1073 CD  CD  A . 
E 2 CD  1  1072 1072 CD  CD  B . 
F 2 CD  1  1073 1073 CD  CD  B . 
G 3 HOH 1  2001 2001 HOH HOH A . 
G 3 HOH 2  2002 2002 HOH HOH A . 
G 3 HOH 3  2003 2003 HOH HOH A . 
G 3 HOH 4  2004 2004 HOH HOH A . 
G 3 HOH 5  2005 2005 HOH HOH A . 
G 3 HOH 6  2006 2006 HOH HOH A . 
G 3 HOH 7  2007 2007 HOH HOH A . 
G 3 HOH 8  2008 2008 HOH HOH A . 
G 3 HOH 9  2009 2009 HOH HOH A . 
G 3 HOH 10 2010 2010 HOH HOH A . 
G 3 HOH 11 2011 2011 HOH HOH A . 
G 3 HOH 12 2012 2012 HOH HOH A . 
G 3 HOH 13 2013 2013 HOH HOH A . 
G 3 HOH 14 2014 2014 HOH HOH A . 
G 3 HOH 15 2015 2015 HOH HOH A . 
G 3 HOH 16 2016 2016 HOH HOH A . 
G 3 HOH 17 2017 2017 HOH HOH A . 
G 3 HOH 18 2018 2018 HOH HOH A . 
G 3 HOH 19 2019 2019 HOH HOH A . 
G 3 HOH 20 2020 2020 HOH HOH A . 
G 3 HOH 21 2021 2021 HOH HOH A . 
G 3 HOH 22 2022 2022 HOH HOH A . 
G 3 HOH 23 2023 2023 HOH HOH A . 
G 3 HOH 24 2024 2024 HOH HOH A . 
G 3 HOH 25 2025 2025 HOH HOH A . 
G 3 HOH 26 2026 2026 HOH HOH A . 
G 3 HOH 27 2027 2027 HOH HOH A . 
G 3 HOH 28 2028 2028 HOH HOH A . 
G 3 HOH 29 2029 2029 HOH HOH A . 
G 3 HOH 30 2030 2030 HOH HOH A . 
H 3 HOH 1  2001 2001 HOH HOH B . 
H 3 HOH 2  2002 2002 HOH HOH B . 
H 3 HOH 3  2003 2003 HOH HOH B . 
H 3 HOH 4  2004 2004 HOH HOH B . 
H 3 HOH 5  2005 2005 HOH HOH B . 
H 3 HOH 6  2006 2006 HOH HOH B . 
H 3 HOH 7  2007 2007 HOH HOH B . 
H 3 HOH 8  2008 2008 HOH HOH B . 
H 3 HOH 9  2009 2009 HOH HOH B . 
H 3 HOH 10 2010 2010 HOH HOH B . 
H 3 HOH 11 2011 2011 HOH HOH B . 
H 3 HOH 12 2012 2012 HOH HOH B . 
H 3 HOH 13 2013 2013 HOH HOH B . 
H 3 HOH 14 2014 2014 HOH HOH B . 
H 3 HOH 15 2015 2015 HOH HOH B . 
H 3 HOH 16 2016 2016 HOH HOH B . 
H 3 HOH 17 2017 2017 HOH HOH B . 
H 3 HOH 18 2018 2018 HOH HOH B . 
H 3 HOH 19 2019 2019 HOH HOH B . 
H 3 HOH 20 2020 2020 HOH HOH B . 
H 3 HOH 21 2021 2021 HOH HOH B . 
H 3 HOH 22 2022 2022 HOH HOH B . 
H 3 HOH 23 2023 2023 HOH HOH B . 
H 3 HOH 24 2024 2024 HOH HOH B . 
H 3 HOH 25 2025 2025 HOH HOH B . 
H 3 HOH 26 2026 2026 HOH HOH B . 
H 3 HOH 27 2027 2027 HOH HOH B . 
H 3 HOH 28 2028 2028 HOH HOH B . 
# 
_pdbx_struct_assembly.id                   1 
_pdbx_struct_assembly.details              author_and_software_defined_assembly 
_pdbx_struct_assembly.method_details       PQS 
_pdbx_struct_assembly.oligomeric_details   dimeric 
_pdbx_struct_assembly.oligomeric_count     2 
# 
_pdbx_struct_assembly_gen.assembly_id       1 
_pdbx_struct_assembly_gen.oper_expression   1 
_pdbx_struct_assembly_gen.asym_id_list      A,B,C,D,E,F,G,H 
# 
_pdbx_struct_oper_list.id                   1 
_pdbx_struct_oper_list.type                 'identity operation' 
_pdbx_struct_oper_list.name                 1_555 
_pdbx_struct_oper_list.symmetry_operation   x,y,z 
_pdbx_struct_oper_list.matrix[1][1]         1.0000000000 
_pdbx_struct_oper_list.matrix[1][2]         0.0000000000 
_pdbx_struct_oper_list.matrix[1][3]         0.0000000000 
_pdbx_struct_oper_list.vector[1]            0.0000000000 
_pdbx_struct_oper_list.matrix[2][1]         0.0000000000 
_pdbx_struct_oper_list.matrix[2][2]         1.0000000000 
_pdbx_struct_oper_list.matrix[2][3]         0.0000000000 
_pdbx_struct_oper_list.vector[2]            0.0000000000 
_pdbx_struct_oper_list.matrix[3][1]         0.0000000000 
_pdbx_struct_oper_list.matrix[3][2]         0.0000000000 
_pdbx_struct_oper_list.matrix[3][3]         1.0000000000 
_pdbx_struct_oper_list.vector[3]            0.0000000000 
# 
loop_
_pdbx_struct_conn_angle.id 
_pdbx_struct_conn_angle.ptnr1_label_atom_id 
_pdbx_struct_conn_angle.ptnr1_label_alt_id 
_pdbx_struct_conn_angle.ptnr1_label_asym_id 
_pdbx_struct_conn_angle.ptnr1_label_comp_id 
_pdbx_struct_conn_angle.ptnr1_label_seq_id 
_pdbx_struct_conn_angle.ptnr1_auth_atom_id 
_pdbx_struct_conn_angle.ptnr1_auth_asym_id 
_pdbx_struct_conn_angle.ptnr1_auth_comp_id 
_pdbx_struct_conn_angle.ptnr1_auth_seq_id 
_pdbx_struct_conn_angle.ptnr1_PDB_ins_code 
_pdbx_struct_conn_angle.ptnr1_symmetry 
_pdbx_struct_conn_angle.ptnr2_label_atom_id 
_pdbx_struct_conn_angle.ptnr2_label_alt_id 
_pdbx_struct_conn_angle.ptnr2_label_asym_id 
_pdbx_struct_conn_angle.ptnr2_label_comp_id 
_pdbx_struct_conn_angle.ptnr2_label_seq_id 
_pdbx_struct_conn_angle.ptnr2_auth_atom_id 
_pdbx_struct_conn_angle.ptnr2_auth_asym_id 
_pdbx_struct_conn_angle.ptnr2_auth_comp_id 
_pdbx_struct_conn_angle.ptnr2_auth_seq_id 
_pdbx_struct_conn_angle.ptnr2_PDB_ins_code 
_pdbx_struct_conn_angle.ptnr2_symmetry 
_pdbx_struct_conn_angle.ptnr3_label_atom_id 
_pdbx_struct_conn_angle.ptnr3_label_alt_id 
_pdbx_struct_conn_angle.ptnr3_label_asym_id 
_pdbx_struct_conn_angle.ptnr3_label_comp_id 
_pdbx_struct_conn_angle.ptnr3_label_seq_id 
_pdbx_struct_conn_angle.ptnr3_auth_atom_id 
_pdbx_struct_conn_angle.ptnr3_auth_asym_id 
_pdbx_struct_conn_angle.ptnr3_auth_comp_id 
_pdbx_struct_conn_angle.ptnr3_auth_seq_id 
_pdbx_struct_conn_angle.ptnr3_PDB_ins_code 
_pdbx_struct_conn_angle.ptnr3_symmetry 
_pdbx_struct_conn_angle.value 
_pdbx_struct_conn_angle.value_esd 
1  OD2 ? A ASP 22 ? A ASP 22   ? 4_454 CD ? D CD . ? A CD 1073 ? 1_555 OD1 ? A ASP 22 ? A ASP 22   ? 4_454 54.2  ? 
2  OD2 ? A ASP 22 ? A ASP 22   ? 4_454 CD ? D CD . ? A CD 1073 ? 1_555 OD1 ? A ASP 46 ? A ASP 46   ? 1_555 140.5 ? 
3  OD1 ? A ASP 22 ? A ASP 22   ? 4_454 CD ? D CD . ? A CD 1073 ? 1_555 OD1 ? A ASP 46 ? A ASP 46   ? 1_555 87.4  ? 
4  OD2 ? A ASP 22 ? A ASP 22   ? 4_454 CD ? D CD . ? A CD 1073 ? 1_555 O   ? G HOH .  ? A HOH 2015 ? 4_454 93.7  ? 
5  OD1 ? A ASP 22 ? A ASP 22   ? 4_454 CD ? D CD . ? A CD 1073 ? 1_555 O   ? G HOH .  ? A HOH 2015 ? 4_454 90.6  ? 
6  OD1 ? A ASP 46 ? A ASP 46   ? 1_555 CD ? D CD . ? A CD 1073 ? 1_555 O   ? G HOH .  ? A HOH 2015 ? 4_454 95.6  ? 
7  OD2 ? A ASP 22 ? A ASP 22   ? 4_454 CD ? D CD . ? A CD 1073 ? 1_555 O   ? G HOH .  ? A HOH 2017 ? 4_454 104.6 ? 
8  OD1 ? A ASP 22 ? A ASP 22   ? 4_454 CD ? D CD . ? A CD 1073 ? 1_555 O   ? G HOH .  ? A HOH 2017 ? 4_454 155.4 ? 
9  OD1 ? A ASP 46 ? A ASP 46   ? 1_555 CD ? D CD . ? A CD 1073 ? 1_555 O   ? G HOH .  ? A HOH 2017 ? 4_454 109.9 ? 
10 O   ? G HOH .  ? A HOH 2015 ? 4_454 CD ? D CD . ? A CD 1073 ? 1_555 O   ? G HOH .  ? A HOH 2017 ? 4_454 104.5 ? 
11 NE2 ? A HIS 49 ? A HIS 49   ? 1_555 CD ? C CD . ? A CD 1072 ? 1_555 O   ? G HOH .  ? A HOH 2014 ? 4_454 106.9 ? 
12 NE2 ? A HIS 49 ? A HIS 49   ? 1_555 CD ? C CD . ? A CD 1072 ? 1_555 O   ? G HOH .  ? A HOH 2023 ? 1_555 95.8  ? 
13 O   ? G HOH .  ? A HOH 2014 ? 4_454 CD ? C CD . ? A CD 1072 ? 1_555 O   ? G HOH .  ? A HOH 2023 ? 1_555 122.9 ? 
14 NE2 ? A HIS 49 ? A HIS 49   ? 1_555 CD ? C CD . ? A CD 1072 ? 1_555 O   ? G HOH .  ? A HOH 2024 ? 1_555 97.1  ? 
15 O   ? G HOH .  ? A HOH 2014 ? 4_454 CD ? C CD . ? A CD 1072 ? 1_555 O   ? G HOH .  ? A HOH 2024 ? 1_555 112.8 ? 
16 O   ? G HOH .  ? A HOH 2023 ? 1_555 CD ? C CD . ? A CD 1072 ? 1_555 O   ? G HOH .  ? A HOH 2024 ? 1_555 115.4 ? 
17 O   ? G HOH .  ? A HOH 2026 ? 1_555 CD ? E CD . ? B CD 1072 ? 1_555 NE2 ? B HIS 49 ? B HIS 49   ? 1_555 92.8  ? 
18 O   ? G HOH .  ? A HOH 2026 ? 1_555 CD ? E CD . ? B CD 1072 ? 1_555 O   ? H HOH .  ? B HOH 2009 ? 3_565 125.0 ? 
19 NE2 ? B HIS 49 ? B HIS 49   ? 1_555 CD ? E CD . ? B CD 1072 ? 1_555 O   ? H HOH .  ? B HOH 2009 ? 3_565 107.1 ? 
20 O   ? G HOH .  ? A HOH 2026 ? 1_555 CD ? E CD . ? B CD 1072 ? 1_555 O   ? H HOH .  ? B HOH 2022 ? 1_555 115.0 ? 
21 NE2 ? B HIS 49 ? B HIS 49   ? 1_555 CD ? E CD . ? B CD 1072 ? 1_555 O   ? H HOH .  ? B HOH 2022 ? 1_555 97.0  ? 
22 O   ? H HOH .  ? B HOH 2009 ? 3_565 CD ? E CD . ? B CD 1072 ? 1_555 O   ? H HOH .  ? B HOH 2022 ? 1_555 112.7 ? 
23 OD1 ? B ASP 22 ? B ASP 22   ? 3_565 CD ? F CD . ? B CD 1073 ? 1_555 OD2 ? B ASP 22 ? B ASP 22   ? 3_565 53.4  ? 
24 OD1 ? B ASP 22 ? B ASP 22   ? 3_565 CD ? F CD . ? B CD 1073 ? 1_555 OD2 ? B ASP 46 ? B ASP 46   ? 1_555 141.7 ? 
25 OD2 ? B ASP 22 ? B ASP 22   ? 3_565 CD ? F CD . ? B CD 1073 ? 1_555 OD2 ? B ASP 46 ? B ASP 46   ? 1_555 88.5  ? 
26 OD1 ? B ASP 22 ? B ASP 22   ? 3_565 CD ? F CD . ? B CD 1073 ? 1_555 O   ? H HOH .  ? B HOH 2008 ? 3_565 82.5  ? 
27 OD2 ? B ASP 22 ? B ASP 22   ? 3_565 CD ? F CD . ? B CD 1073 ? 1_555 O   ? H HOH .  ? B HOH 2008 ? 3_565 77.7  ? 
28 OD2 ? B ASP 46 ? B ASP 46   ? 1_555 CD ? F CD . ? B CD 1073 ? 1_555 O   ? H HOH .  ? B HOH 2008 ? 3_565 85.7  ? 
29 OD1 ? B ASP 22 ? B ASP 22   ? 3_565 CD ? F CD . ? B CD 1073 ? 1_555 O   ? H HOH .  ? B HOH 2014 ? 3_565 104.9 ? 
30 OD2 ? B ASP 22 ? B ASP 22   ? 3_565 CD ? F CD . ? B CD 1073 ? 1_555 O   ? H HOH .  ? B HOH 2014 ? 3_565 152.4 ? 
31 OD2 ? B ASP 46 ? B ASP 46   ? 1_555 CD ? F CD . ? B CD 1073 ? 1_555 O   ? H HOH .  ? B HOH 2014 ? 3_565 109.7 ? 
32 O   ? H HOH .  ? B HOH 2008 ? 3_565 CD ? F CD . ? B CD 1073 ? 1_555 O   ? H HOH .  ? B HOH 2014 ? 3_565 83.0  ? 
33 OD1 ? B ASP 22 ? B ASP 22   ? 3_565 CD ? F CD . ? B CD 1073 ? 1_555 O   ? H HOH .  ? B HOH 2020 ? 1_555 92.0  ? 
34 OD2 ? B ASP 22 ? B ASP 22   ? 3_565 CD ? F CD . ? B CD 1073 ? 1_555 O   ? H HOH .  ? B HOH 2020 ? 1_555 93.3  ? 
35 OD2 ? B ASP 46 ? B ASP 46   ? 1_555 CD ? F CD . ? B CD 1073 ? 1_555 O   ? H HOH .  ? B HOH 2020 ? 1_555 94.4  ? 
36 O   ? H HOH .  ? B HOH 2008 ? 3_565 CD ? F CD . ? B CD 1073 ? 1_555 O   ? H HOH .  ? B HOH 2020 ? 1_555 171.0 ? 
37 O   ? H HOH .  ? B HOH 2014 ? 3_565 CD ? F CD . ? B CD 1073 ? 1_555 O   ? H HOH .  ? B HOH 2020 ? 1_555 105.4 ? 
# 
loop_
_pdbx_audit_revision_history.ordinal 
_pdbx_audit_revision_history.data_content_type 
_pdbx_audit_revision_history.major_revision 
_pdbx_audit_revision_history.minor_revision 
_pdbx_audit_revision_history.revision_date 
1 'Structure model' 1 0 2007-07-17 
2 'Structure model' 1 1 2011-07-13 
3 'Structure model' 1 2 2023-12-13 
# 
_pdbx_audit_revision_details.ordinal             1 
_pdbx_audit_revision_details.revision_ordinal    1 
_pdbx_audit_revision_details.data_content_type   'Structure model' 
_pdbx_audit_revision_details.provider            repository 
_pdbx_audit_revision_details.type                'Initial release' 
_pdbx_audit_revision_details.description         ? 
_pdbx_audit_revision_details.details             ? 
# 
loop_
_pdbx_audit_revision_group.ordinal 
_pdbx_audit_revision_group.revision_ordinal 
_pdbx_audit_revision_group.data_content_type 
_pdbx_audit_revision_group.group 
1 2 'Structure model' Advisory                    
2 2 'Structure model' 'Refinement description'    
3 2 'Structure model' 'Version format compliance' 
4 3 'Structure model' 'Data collection'           
5 3 'Structure model' 'Database references'       
6 3 'Structure model' 'Derived calculations'      
7 3 'Structure model' Other                       
8 3 'Structure model' 'Refinement description'    
# 
loop_
_pdbx_audit_revision_category.ordinal 
_pdbx_audit_revision_category.revision_ordinal 
_pdbx_audit_revision_category.data_content_type 
_pdbx_audit_revision_category.category 
1 3 'Structure model' chem_comp_atom                
2 3 'Structure model' chem_comp_bond                
3 3 'Structure model' database_2                    
4 3 'Structure model' pdbx_database_status          
5 3 'Structure model' pdbx_initial_refinement_model 
6 3 'Structure model' pdbx_struct_conn_angle        
7 3 'Structure model' struct_conn                   
# 
loop_
_pdbx_audit_revision_item.ordinal 
_pdbx_audit_revision_item.revision_ordinal 
_pdbx_audit_revision_item.data_content_type 
_pdbx_audit_revision_item.item 
1  3 'Structure model' '_database_2.pdbx_DOI'                        
2  3 'Structure model' '_database_2.pdbx_database_accession'         
3  3 'Structure model' '_pdbx_database_status.status_code_sf'        
4  3 'Structure model' '_pdbx_struct_conn_angle.ptnr1_auth_comp_id'  
5  3 'Structure model' '_pdbx_struct_conn_angle.ptnr1_auth_seq_id'   
6  3 'Structure model' '_pdbx_struct_conn_angle.ptnr1_label_asym_id' 
7  3 'Structure model' '_pdbx_struct_conn_angle.ptnr1_label_atom_id' 
8  3 'Structure model' '_pdbx_struct_conn_angle.ptnr1_label_comp_id' 
9  3 'Structure model' '_pdbx_struct_conn_angle.ptnr1_label_seq_id'  
10 3 'Structure model' '_pdbx_struct_conn_angle.ptnr1_symmetry'      
11 3 'Structure model' '_pdbx_struct_conn_angle.ptnr2_auth_seq_id'   
12 3 'Structure model' '_pdbx_struct_conn_angle.ptnr2_label_asym_id' 
13 3 'Structure model' '_pdbx_struct_conn_angle.ptnr3_auth_comp_id'  
14 3 'Structure model' '_pdbx_struct_conn_angle.ptnr3_auth_seq_id'   
15 3 'Structure model' '_pdbx_struct_conn_angle.ptnr3_label_asym_id' 
16 3 'Structure model' '_pdbx_struct_conn_angle.ptnr3_label_atom_id' 
17 3 'Structure model' '_pdbx_struct_conn_angle.ptnr3_label_comp_id' 
18 3 'Structure model' '_pdbx_struct_conn_angle.ptnr3_label_seq_id'  
19 3 'Structure model' '_pdbx_struct_conn_angle.ptnr3_symmetry'      
20 3 'Structure model' '_pdbx_struct_conn_angle.value'               
21 3 'Structure model' '_struct_conn.pdbx_dist_value'                
22 3 'Structure model' '_struct_conn.ptnr1_auth_asym_id'             
23 3 'Structure model' '_struct_conn.ptnr1_auth_comp_id'             
24 3 'Structure model' '_struct_conn.ptnr1_auth_seq_id'              
25 3 'Structure model' '_struct_conn.ptnr1_label_asym_id'            
26 3 'Structure model' '_struct_conn.ptnr1_label_atom_id'            
27 3 'Structure model' '_struct_conn.ptnr1_label_comp_id'            
28 3 'Structure model' '_struct_conn.ptnr1_label_seq_id'             
29 3 'Structure model' '_struct_conn.ptnr1_symmetry'                 
30 3 'Structure model' '_struct_conn.ptnr2_auth_asym_id'             
31 3 'Structure model' '_struct_conn.ptnr2_auth_comp_id'             
32 3 'Structure model' '_struct_conn.ptnr2_auth_seq_id'              
33 3 'Structure model' '_struct_conn.ptnr2_label_asym_id'            
34 3 'Structure model' '_struct_conn.ptnr2_label_atom_id'            
35 3 'Structure model' '_struct_conn.ptnr2_label_comp_id'            
36 3 'Structure model' '_struct_conn.ptnr2_label_seq_id'             
37 3 'Structure model' '_struct_conn.ptnr2_symmetry'                 
# 
loop_
_pdbx_refine_tls.pdbx_refine_id 
_pdbx_refine_tls.id 
_pdbx_refine_tls.details 
_pdbx_refine_tls.method 
_pdbx_refine_tls.origin_x 
_pdbx_refine_tls.origin_y 
_pdbx_refine_tls.origin_z 
_pdbx_refine_tls.T[1][1] 
_pdbx_refine_tls.T[2][2] 
_pdbx_refine_tls.T[3][3] 
_pdbx_refine_tls.T[1][2] 
_pdbx_refine_tls.T[1][3] 
_pdbx_refine_tls.T[2][3] 
_pdbx_refine_tls.L[1][1] 
_pdbx_refine_tls.L[2][2] 
_pdbx_refine_tls.L[3][3] 
_pdbx_refine_tls.L[1][2] 
_pdbx_refine_tls.L[1][3] 
_pdbx_refine_tls.L[2][3] 
_pdbx_refine_tls.S[1][1] 
_pdbx_refine_tls.S[1][2] 
_pdbx_refine_tls.S[1][3] 
_pdbx_refine_tls.S[2][1] 
_pdbx_refine_tls.S[2][2] 
_pdbx_refine_tls.S[2][3] 
_pdbx_refine_tls.S[3][1] 
_pdbx_refine_tls.S[3][2] 
_pdbx_refine_tls.S[3][3] 
'X-RAY DIFFRACTION' 1 ? refined -6.7767 0.0994 -3.6657 -0.0209 0.0735 -0.0097 0.0401 -0.0091 0.0194  3.6430 4.3645 3.5139 1.5859 0.1444 -0.0608 -0.0976 -0.0299 0.1643 0.0593 0.1215 0.4019  -0.0159 -0.3974 -0.0239 
'X-RAY DIFFRACTION' 2 ? refined 6.5416  0.1883 4.6759  0.0006  0.0166 -0.0586 0.0415 -0.0442 -0.0141 4.7680 4.4612 5.1264 0.7642 1.0249 0.4286  -0.1296 -0.4432 0.1627 0.4429 0.0240 -0.1201 -0.2601 0.0674  0.1056 
# 
loop_
_pdbx_refine_tls_group.pdbx_refine_id 
_pdbx_refine_tls_group.id 
_pdbx_refine_tls_group.refine_tls_id 
_pdbx_refine_tls_group.beg_auth_asym_id 
_pdbx_refine_tls_group.beg_auth_seq_id 
_pdbx_refine_tls_group.beg_label_asym_id 
_pdbx_refine_tls_group.beg_label_seq_id 
_pdbx_refine_tls_group.end_auth_asym_id 
_pdbx_refine_tls_group.end_auth_seq_id 
_pdbx_refine_tls_group.end_label_asym_id 
_pdbx_refine_tls_group.end_label_seq_id 
_pdbx_refine_tls_group.selection 
_pdbx_refine_tls_group.selection_details 
'X-RAY DIFFRACTION' 1 1 A 3 ? ? A 71 ? ? ? ? 
'X-RAY DIFFRACTION' 2 2 B 3 ? ? B 71 ? ? ? ? 
# 
loop_
_software.name 
_software.classification 
_software.version 
_software.citation_id 
_software.pdbx_ordinal 
REFMAC refinement       5.2.0005 ? 1 
MOSFLM 'data reduction' .        ? 2 
SCALA  'data scaling'   .        ? 3 
CCP4   phasing          .        ? 4 
# 
_pdbx_validate_torsion.id              1 
_pdbx_validate_torsion.PDB_model_num   1 
_pdbx_validate_torsion.auth_comp_id    ASN 
_pdbx_validate_torsion.auth_asym_id    A 
_pdbx_validate_torsion.auth_seq_id     57 
_pdbx_validate_torsion.PDB_ins_code    ? 
_pdbx_validate_torsion.label_alt_id    ? 
_pdbx_validate_torsion.phi             -104.57 
_pdbx_validate_torsion.psi             -168.67 
# 
loop_
_pdbx_distant_solvent_atoms.id 
_pdbx_distant_solvent_atoms.PDB_model_num 
_pdbx_distant_solvent_atoms.auth_atom_id 
_pdbx_distant_solvent_atoms.label_alt_id 
_pdbx_distant_solvent_atoms.auth_asym_id 
_pdbx_distant_solvent_atoms.auth_comp_id 
_pdbx_distant_solvent_atoms.auth_seq_id 
_pdbx_distant_solvent_atoms.PDB_ins_code 
_pdbx_distant_solvent_atoms.neighbor_macromolecule_distance 
_pdbx_distant_solvent_atoms.neighbor_ligand_distance 
1 1 O ? A HOH 2001 ? 6.84 . 
2 1 O ? A HOH 2003 ? 5.86 . 
# 
loop_
_pdbx_unobs_or_zero_occ_atoms.id 
_pdbx_unobs_or_zero_occ_atoms.PDB_model_num 
_pdbx_unobs_or_zero_occ_atoms.polymer_flag 
_pdbx_unobs_or_zero_occ_atoms.occupancy_flag 
_pdbx_unobs_or_zero_occ_atoms.auth_asym_id 
_pdbx_unobs_or_zero_occ_atoms.auth_comp_id 
_pdbx_unobs_or_zero_occ_atoms.auth_seq_id 
_pdbx_unobs_or_zero_occ_atoms.PDB_ins_code 
_pdbx_unobs_or_zero_occ_atoms.auth_atom_id 
_pdbx_unobs_or_zero_occ_atoms.label_alt_id 
_pdbx_unobs_or_zero_occ_atoms.label_asym_id 
_pdbx_unobs_or_zero_occ_atoms.label_comp_id 
_pdbx_unobs_or_zero_occ_atoms.label_seq_id 
_pdbx_unobs_or_zero_occ_atoms.label_atom_id 
1  1 Y 1 A LYS 28 ? CD  ? A LYS 28 CD  
2  1 Y 1 A LYS 28 ? CE  ? A LYS 28 CE  
3  1 Y 1 A LYS 28 ? NZ  ? A LYS 28 NZ  
4  1 Y 1 A MET 37 ? CG  ? A MET 37 CG  
5  1 Y 1 A MET 37 ? SD  ? A MET 37 SD  
6  1 Y 1 A MET 37 ? CE  ? A MET 37 CE  
7  1 Y 1 A GLU 58 ? CG  ? A GLU 58 CG  
8  1 Y 1 A GLU 58 ? CD  ? A GLU 58 CD  
9  1 Y 1 A GLU 58 ? OE1 ? A GLU 58 OE1 
10 1 Y 1 A GLU 58 ? OE2 ? A GLU 58 OE2 
11 1 Y 1 A GLU 69 ? CD  ? A GLU 69 CD  
12 1 Y 1 A GLU 69 ? OE1 ? A GLU 69 OE1 
13 1 Y 1 A GLU 69 ? OE2 ? A GLU 69 OE2 
14 1 Y 1 B LYS 12 ? CD  ? B LYS 12 CD  
15 1 Y 1 B LYS 12 ? CE  ? B LYS 12 CE  
16 1 Y 1 B LYS 12 ? NZ  ? B LYS 12 NZ  
17 1 Y 1 B LYS 33 ? CG  ? B LYS 33 CG  
18 1 Y 1 B LYS 33 ? CD  ? B LYS 33 CD  
19 1 Y 1 B LYS 33 ? CE  ? B LYS 33 CE  
20 1 Y 1 B LYS 33 ? NZ  ? B LYS 33 NZ  
21 1 Y 1 B GLU 58 ? CG  ? B GLU 58 CG  
22 1 Y 1 B GLU 58 ? CD  ? B GLU 58 CD  
23 1 Y 1 B GLU 58 ? OE1 ? B GLU 58 OE1 
24 1 Y 1 B GLU 58 ? OE2 ? B GLU 58 OE2 
25 1 Y 1 B LYS 59 ? CE  ? B LYS 59 CE  
26 1 Y 1 B LYS 59 ? NZ  ? B LYS 59 NZ  
27 1 Y 1 B GLU 61 ? CD  ? B GLU 61 CD  
28 1 Y 1 B GLU 61 ? OE1 ? B GLU 61 OE1 
29 1 Y 1 B GLU 61 ? OE2 ? B GLU 61 OE2 
30 1 Y 1 B GLU 71 ? CD  ? B GLU 71 CD  
31 1 Y 1 B GLU 71 ? OE1 ? B GLU 71 OE1 
32 1 Y 1 B GLU 71 ? OE2 ? B GLU 71 OE2 
# 
loop_
_pdbx_unobs_or_zero_occ_residues.id 
_pdbx_unobs_or_zero_occ_residues.PDB_model_num 
_pdbx_unobs_or_zero_occ_residues.polymer_flag 
_pdbx_unobs_or_zero_occ_residues.occupancy_flag 
_pdbx_unobs_or_zero_occ_residues.auth_asym_id 
_pdbx_unobs_or_zero_occ_residues.auth_comp_id 
_pdbx_unobs_or_zero_occ_residues.auth_seq_id 
_pdbx_unobs_or_zero_occ_residues.PDB_ins_code 
_pdbx_unobs_or_zero_occ_residues.label_asym_id 
_pdbx_unobs_or_zero_occ_residues.label_comp_id 
_pdbx_unobs_or_zero_occ_residues.label_seq_id 
1 1 Y 1 A MET 1  ? A MET 1  
2 1 Y 1 A GLU 2  ? A GLU 2  
3 1 Y 1 A ILE 72 ? A ILE 72 
4 1 Y 1 B MET 1  ? B MET 1  
5 1 Y 1 B GLU 2  ? B GLU 2  
6 1 Y 1 B GLN 35 ? B GLN 35 
7 1 Y 1 B ASP 36 ? B ASP 36 
8 1 Y 1 B ILE 72 ? B ILE 72 
# 
loop_
_chem_comp_atom.comp_id 
_chem_comp_atom.atom_id 
_chem_comp_atom.type_symbol 
_chem_comp_atom.pdbx_aromatic_flag 
_chem_comp_atom.pdbx_stereo_config 
_chem_comp_atom.pdbx_ordinal 
ALA N    N  N N 1   
ALA CA   C  N S 2   
ALA C    C  N N 3   
ALA O    O  N N 4   
ALA CB   C  N N 5   
ALA OXT  O  N N 6   
ALA H    H  N N 7   
ALA H2   H  N N 8   
ALA HA   H  N N 9   
ALA HB1  H  N N 10  
ALA HB2  H  N N 11  
ALA HB3  H  N N 12  
ALA HXT  H  N N 13  
ASN N    N  N N 14  
ASN CA   C  N S 15  
ASN C    C  N N 16  
ASN O    O  N N 17  
ASN CB   C  N N 18  
ASN CG   C  N N 19  
ASN OD1  O  N N 20  
ASN ND2  N  N N 21  
ASN OXT  O  N N 22  
ASN H    H  N N 23  
ASN H2   H  N N 24  
ASN HA   H  N N 25  
ASN HB2  H  N N 26  
ASN HB3  H  N N 27  
ASN HD21 H  N N 28  
ASN HD22 H  N N 29  
ASN HXT  H  N N 30  
ASP N    N  N N 31  
ASP CA   C  N S 32  
ASP C    C  N N 33  
ASP O    O  N N 34  
ASP CB   C  N N 35  
ASP CG   C  N N 36  
ASP OD1  O  N N 37  
ASP OD2  O  N N 38  
ASP OXT  O  N N 39  
ASP H    H  N N 40  
ASP H2   H  N N 41  
ASP HA   H  N N 42  
ASP HB2  H  N N 43  
ASP HB3  H  N N 44  
ASP HD2  H  N N 45  
ASP HXT  H  N N 46  
CD  CD   CD N N 47  
GLN N    N  N N 48  
GLN CA   C  N S 49  
GLN C    C  N N 50  
GLN O    O  N N 51  
GLN CB   C  N N 52  
GLN CG   C  N N 53  
GLN CD   C  N N 54  
GLN OE1  O  N N 55  
GLN NE2  N  N N 56  
GLN OXT  O  N N 57  
GLN H    H  N N 58  
GLN H2   H  N N 59  
GLN HA   H  N N 60  
GLN HB2  H  N N 61  
GLN HB3  H  N N 62  
GLN HG2  H  N N 63  
GLN HG3  H  N N 64  
GLN HE21 H  N N 65  
GLN HE22 H  N N 66  
GLN HXT  H  N N 67  
GLU N    N  N N 68  
GLU CA   C  N S 69  
GLU C    C  N N 70  
GLU O    O  N N 71  
GLU CB   C  N N 72  
GLU CG   C  N N 73  
GLU CD   C  N N 74  
GLU OE1  O  N N 75  
GLU OE2  O  N N 76  
GLU OXT  O  N N 77  
GLU H    H  N N 78  
GLU H2   H  N N 79  
GLU HA   H  N N 80  
GLU HB2  H  N N 81  
GLU HB3  H  N N 82  
GLU HG2  H  N N 83  
GLU HG3  H  N N 84  
GLU HE2  H  N N 85  
GLU HXT  H  N N 86  
GLY N    N  N N 87  
GLY CA   C  N N 88  
GLY C    C  N N 89  
GLY O    O  N N 90  
GLY OXT  O  N N 91  
GLY H    H  N N 92  
GLY H2   H  N N 93  
GLY HA2  H  N N 94  
GLY HA3  H  N N 95  
GLY HXT  H  N N 96  
HIS N    N  N N 97  
HIS CA   C  N S 98  
HIS C    C  N N 99  
HIS O    O  N N 100 
HIS CB   C  N N 101 
HIS CG   C  Y N 102 
HIS ND1  N  Y N 103 
HIS CD2  C  Y N 104 
HIS CE1  C  Y N 105 
HIS NE2  N  Y N 106 
HIS OXT  O  N N 107 
HIS H    H  N N 108 
HIS H2   H  N N 109 
HIS HA   H  N N 110 
HIS HB2  H  N N 111 
HIS HB3  H  N N 112 
HIS HD1  H  N N 113 
HIS HD2  H  N N 114 
HIS HE1  H  N N 115 
HIS HE2  H  N N 116 
HIS HXT  H  N N 117 
HOH O    O  N N 118 
HOH H1   H  N N 119 
HOH H2   H  N N 120 
ILE N    N  N N 121 
ILE CA   C  N S 122 
ILE C    C  N N 123 
ILE O    O  N N 124 
ILE CB   C  N S 125 
ILE CG1  C  N N 126 
ILE CG2  C  N N 127 
ILE CD1  C  N N 128 
ILE OXT  O  N N 129 
ILE H    H  N N 130 
ILE H2   H  N N 131 
ILE HA   H  N N 132 
ILE HB   H  N N 133 
ILE HG12 H  N N 134 
ILE HG13 H  N N 135 
ILE HG21 H  N N 136 
ILE HG22 H  N N 137 
ILE HG23 H  N N 138 
ILE HD11 H  N N 139 
ILE HD12 H  N N 140 
ILE HD13 H  N N 141 
ILE HXT  H  N N 142 
LEU N    N  N N 143 
LEU CA   C  N S 144 
LEU C    C  N N 145 
LEU O    O  N N 146 
LEU CB   C  N N 147 
LEU CG   C  N N 148 
LEU CD1  C  N N 149 
LEU CD2  C  N N 150 
LEU OXT  O  N N 151 
LEU H    H  N N 152 
LEU H2   H  N N 153 
LEU HA   H  N N 154 
LEU HB2  H  N N 155 
LEU HB3  H  N N 156 
LEU HG   H  N N 157 
LEU HD11 H  N N 158 
LEU HD12 H  N N 159 
LEU HD13 H  N N 160 
LEU HD21 H  N N 161 
LEU HD22 H  N N 162 
LEU HD23 H  N N 163 
LEU HXT  H  N N 164 
LYS N    N  N N 165 
LYS CA   C  N S 166 
LYS C    C  N N 167 
LYS O    O  N N 168 
LYS CB   C  N N 169 
LYS CG   C  N N 170 
LYS CD   C  N N 171 
LYS CE   C  N N 172 
LYS NZ   N  N N 173 
LYS OXT  O  N N 174 
LYS H    H  N N 175 
LYS H2   H  N N 176 
LYS HA   H  N N 177 
LYS HB2  H  N N 178 
LYS HB3  H  N N 179 
LYS HG2  H  N N 180 
LYS HG3  H  N N 181 
LYS HD2  H  N N 182 
LYS HD3  H  N N 183 
LYS HE2  H  N N 184 
LYS HE3  H  N N 185 
LYS HZ1  H  N N 186 
LYS HZ2  H  N N 187 
LYS HZ3  H  N N 188 
LYS HXT  H  N N 189 
MET N    N  N N 190 
MET CA   C  N S 191 
MET C    C  N N 192 
MET O    O  N N 193 
MET CB   C  N N 194 
MET CG   C  N N 195 
MET SD   S  N N 196 
MET CE   C  N N 197 
MET OXT  O  N N 198 
MET H    H  N N 199 
MET H2   H  N N 200 
MET HA   H  N N 201 
MET HB2  H  N N 202 
MET HB3  H  N N 203 
MET HG2  H  N N 204 
MET HG3  H  N N 205 
MET HE1  H  N N 206 
MET HE2  H  N N 207 
MET HE3  H  N N 208 
MET HXT  H  N N 209 
PHE N    N  N N 210 
PHE CA   C  N S 211 
PHE C    C  N N 212 
PHE O    O  N N 213 
PHE CB   C  N N 214 
PHE CG   C  Y N 215 
PHE CD1  C  Y N 216 
PHE CD2  C  Y N 217 
PHE CE1  C  Y N 218 
PHE CE2  C  Y N 219 
PHE CZ   C  Y N 220 
PHE OXT  O  N N 221 
PHE H    H  N N 222 
PHE H2   H  N N 223 
PHE HA   H  N N 224 
PHE HB2  H  N N 225 
PHE HB3  H  N N 226 
PHE HD1  H  N N 227 
PHE HD2  H  N N 228 
PHE HE1  H  N N 229 
PHE HE2  H  N N 230 
PHE HZ   H  N N 231 
PHE HXT  H  N N 232 
PRO N    N  N N 233 
PRO CA   C  N S 234 
PRO C    C  N N 235 
PRO O    O  N N 236 
PRO CB   C  N N 237 
PRO CG   C  N N 238 
PRO CD   C  N N 239 
PRO OXT  O  N N 240 
PRO H    H  N N 241 
PRO HA   H  N N 242 
PRO HB2  H  N N 243 
PRO HB3  H  N N 244 
PRO HG2  H  N N 245 
PRO HG3  H  N N 246 
PRO HD2  H  N N 247 
PRO HD3  H  N N 248 
PRO HXT  H  N N 249 
SER N    N  N N 250 
SER CA   C  N S 251 
SER C    C  N N 252 
SER O    O  N N 253 
SER CB   C  N N 254 
SER OG   O  N N 255 
SER OXT  O  N N 256 
SER H    H  N N 257 
SER H2   H  N N 258 
SER HA   H  N N 259 
SER HB2  H  N N 260 
SER HB3  H  N N 261 
SER HG   H  N N 262 
SER HXT  H  N N 263 
THR N    N  N N 264 
THR CA   C  N S 265 
THR C    C  N N 266 
THR O    O  N N 267 
THR CB   C  N R 268 
THR OG1  O  N N 269 
THR CG2  C  N N 270 
THR OXT  O  N N 271 
THR H    H  N N 272 
THR H2   H  N N 273 
THR HA   H  N N 274 
THR HB   H  N N 275 
THR HG1  H  N N 276 
THR HG21 H  N N 277 
THR HG22 H  N N 278 
THR HG23 H  N N 279 
THR HXT  H  N N 280 
TYR N    N  N N 281 
TYR CA   C  N S 282 
TYR C    C  N N 283 
TYR O    O  N N 284 
TYR CB   C  N N 285 
TYR CG   C  Y N 286 
TYR CD1  C  Y N 287 
TYR CD2  C  Y N 288 
TYR CE1  C  Y N 289 
TYR CE2  C  Y N 290 
TYR CZ   C  Y N 291 
TYR OH   O  N N 292 
TYR OXT  O  N N 293 
TYR H    H  N N 294 
TYR H2   H  N N 295 
TYR HA   H  N N 296 
TYR HB2  H  N N 297 
TYR HB3  H  N N 298 
TYR HD1  H  N N 299 
TYR HD2  H  N N 300 
TYR HE1  H  N N 301 
TYR HE2  H  N N 302 
TYR HH   H  N N 303 
TYR HXT  H  N N 304 
VAL N    N  N N 305 
VAL CA   C  N S 306 
VAL C    C  N N 307 
VAL O    O  N N 308 
VAL CB   C  N N 309 
VAL CG1  C  N N 310 
VAL CG2  C  N N 311 
VAL OXT  O  N N 312 
VAL H    H  N N 313 
VAL H2   H  N N 314 
VAL HA   H  N N 315 
VAL HB   H  N N 316 
VAL HG11 H  N N 317 
VAL HG12 H  N N 318 
VAL HG13 H  N N 319 
VAL HG21 H  N N 320 
VAL HG22 H  N N 321 
VAL HG23 H  N N 322 
VAL HXT  H  N N 323 
# 
loop_
_chem_comp_bond.comp_id 
_chem_comp_bond.atom_id_1 
_chem_comp_bond.atom_id_2 
_chem_comp_bond.value_order 
_chem_comp_bond.pdbx_aromatic_flag 
_chem_comp_bond.pdbx_stereo_config 
_chem_comp_bond.pdbx_ordinal 
ALA N   CA   sing N N 1   
ALA N   H    sing N N 2   
ALA N   H2   sing N N 3   
ALA CA  C    sing N N 4   
ALA CA  CB   sing N N 5   
ALA CA  HA   sing N N 6   
ALA C   O    doub N N 7   
ALA C   OXT  sing N N 8   
ALA CB  HB1  sing N N 9   
ALA CB  HB2  sing N N 10  
ALA CB  HB3  sing N N 11  
ALA OXT HXT  sing N N 12  
ASN N   CA   sing N N 13  
ASN N   H    sing N N 14  
ASN N   H2   sing N N 15  
ASN CA  C    sing N N 16  
ASN CA  CB   sing N N 17  
ASN CA  HA   sing N N 18  
ASN C   O    doub N N 19  
ASN C   OXT  sing N N 20  
ASN CB  CG   sing N N 21  
ASN CB  HB2  sing N N 22  
ASN CB  HB3  sing N N 23  
ASN CG  OD1  doub N N 24  
ASN CG  ND2  sing N N 25  
ASN ND2 HD21 sing N N 26  
ASN ND2 HD22 sing N N 27  
ASN OXT HXT  sing N N 28  
ASP N   CA   sing N N 29  
ASP N   H    sing N N 30  
ASP N   H2   sing N N 31  
ASP CA  C    sing N N 32  
ASP CA  CB   sing N N 33  
ASP CA  HA   sing N N 34  
ASP C   O    doub N N 35  
ASP C   OXT  sing N N 36  
ASP CB  CG   sing N N 37  
ASP CB  HB2  sing N N 38  
ASP CB  HB3  sing N N 39  
ASP CG  OD1  doub N N 40  
ASP CG  OD2  sing N N 41  
ASP OD2 HD2  sing N N 42  
ASP OXT HXT  sing N N 43  
GLN N   CA   sing N N 44  
GLN N   H    sing N N 45  
GLN N   H2   sing N N 46  
GLN CA  C    sing N N 47  
GLN CA  CB   sing N N 48  
GLN CA  HA   sing N N 49  
GLN C   O    doub N N 50  
GLN C   OXT  sing N N 51  
GLN CB  CG   sing N N 52  
GLN CB  HB2  sing N N 53  
GLN CB  HB3  sing N N 54  
GLN CG  CD   sing N N 55  
GLN CG  HG2  sing N N 56  
GLN CG  HG3  sing N N 57  
GLN CD  OE1  doub N N 58  
GLN CD  NE2  sing N N 59  
GLN NE2 HE21 sing N N 60  
GLN NE2 HE22 sing N N 61  
GLN OXT HXT  sing N N 62  
GLU N   CA   sing N N 63  
GLU N   H    sing N N 64  
GLU N   H2   sing N N 65  
GLU CA  C    sing N N 66  
GLU CA  CB   sing N N 67  
GLU CA  HA   sing N N 68  
GLU C   O    doub N N 69  
GLU C   OXT  sing N N 70  
GLU CB  CG   sing N N 71  
GLU CB  HB2  sing N N 72  
GLU CB  HB3  sing N N 73  
GLU CG  CD   sing N N 74  
GLU CG  HG2  sing N N 75  
GLU CG  HG3  sing N N 76  
GLU CD  OE1  doub N N 77  
GLU CD  OE2  sing N N 78  
GLU OE2 HE2  sing N N 79  
GLU OXT HXT  sing N N 80  
GLY N   CA   sing N N 81  
GLY N   H    sing N N 82  
GLY N   H2   sing N N 83  
GLY CA  C    sing N N 84  
GLY CA  HA2  sing N N 85  
GLY CA  HA3  sing N N 86  
GLY C   O    doub N N 87  
GLY C   OXT  sing N N 88  
GLY OXT HXT  sing N N 89  
HIS N   CA   sing N N 90  
HIS N   H    sing N N 91  
HIS N   H2   sing N N 92  
HIS CA  C    sing N N 93  
HIS CA  CB   sing N N 94  
HIS CA  HA   sing N N 95  
HIS C   O    doub N N 96  
HIS C   OXT  sing N N 97  
HIS CB  CG   sing N N 98  
HIS CB  HB2  sing N N 99  
HIS CB  HB3  sing N N 100 
HIS CG  ND1  sing Y N 101 
HIS CG  CD2  doub Y N 102 
HIS ND1 CE1  doub Y N 103 
HIS ND1 HD1  sing N N 104 
HIS CD2 NE2  sing Y N 105 
HIS CD2 HD2  sing N N 106 
HIS CE1 NE2  sing Y N 107 
HIS CE1 HE1  sing N N 108 
HIS NE2 HE2  sing N N 109 
HIS OXT HXT  sing N N 110 
HOH O   H1   sing N N 111 
HOH O   H2   sing N N 112 
ILE N   CA   sing N N 113 
ILE N   H    sing N N 114 
ILE N   H2   sing N N 115 
ILE CA  C    sing N N 116 
ILE CA  CB   sing N N 117 
ILE CA  HA   sing N N 118 
ILE C   O    doub N N 119 
ILE C   OXT  sing N N 120 
ILE CB  CG1  sing N N 121 
ILE CB  CG2  sing N N 122 
ILE CB  HB   sing N N 123 
ILE CG1 CD1  sing N N 124 
ILE CG1 HG12 sing N N 125 
ILE CG1 HG13 sing N N 126 
ILE CG2 HG21 sing N N 127 
ILE CG2 HG22 sing N N 128 
ILE CG2 HG23 sing N N 129 
ILE CD1 HD11 sing N N 130 
ILE CD1 HD12 sing N N 131 
ILE CD1 HD13 sing N N 132 
ILE OXT HXT  sing N N 133 
LEU N   CA   sing N N 134 
LEU N   H    sing N N 135 
LEU N   H2   sing N N 136 
LEU CA  C    sing N N 137 
LEU CA  CB   sing N N 138 
LEU CA  HA   sing N N 139 
LEU C   O    doub N N 140 
LEU C   OXT  sing N N 141 
LEU CB  CG   sing N N 142 
LEU CB  HB2  sing N N 143 
LEU CB  HB3  sing N N 144 
LEU CG  CD1  sing N N 145 
LEU CG  CD2  sing N N 146 
LEU CG  HG   sing N N 147 
LEU CD1 HD11 sing N N 148 
LEU CD1 HD12 sing N N 149 
LEU CD1 HD13 sing N N 150 
LEU CD2 HD21 sing N N 151 
LEU CD2 HD22 sing N N 152 
LEU CD2 HD23 sing N N 153 
LEU OXT HXT  sing N N 154 
LYS N   CA   sing N N 155 
LYS N   H    sing N N 156 
LYS N   H2   sing N N 157 
LYS CA  C    sing N N 158 
LYS CA  CB   sing N N 159 
LYS CA  HA   sing N N 160 
LYS C   O    doub N N 161 
LYS C   OXT  sing N N 162 
LYS CB  CG   sing N N 163 
LYS CB  HB2  sing N N 164 
LYS CB  HB3  sing N N 165 
LYS CG  CD   sing N N 166 
LYS CG  HG2  sing N N 167 
LYS CG  HG3  sing N N 168 
LYS CD  CE   sing N N 169 
LYS CD  HD2  sing N N 170 
LYS CD  HD3  sing N N 171 
LYS CE  NZ   sing N N 172 
LYS CE  HE2  sing N N 173 
LYS CE  HE3  sing N N 174 
LYS NZ  HZ1  sing N N 175 
LYS NZ  HZ2  sing N N 176 
LYS NZ  HZ3  sing N N 177 
LYS OXT HXT  sing N N 178 
MET N   CA   sing N N 179 
MET N   H    sing N N 180 
MET N   H2   sing N N 181 
MET CA  C    sing N N 182 
MET CA  CB   sing N N 183 
MET CA  HA   sing N N 184 
MET C   O    doub N N 185 
MET C   OXT  sing N N 186 
MET CB  CG   sing N N 187 
MET CB  HB2  sing N N 188 
MET CB  HB3  sing N N 189 
MET CG  SD   sing N N 190 
MET CG  HG2  sing N N 191 
MET CG  HG3  sing N N 192 
MET SD  CE   sing N N 193 
MET CE  HE1  sing N N 194 
MET CE  HE2  sing N N 195 
MET CE  HE3  sing N N 196 
MET OXT HXT  sing N N 197 
PHE N   CA   sing N N 198 
PHE N   H    sing N N 199 
PHE N   H2   sing N N 200 
PHE CA  C    sing N N 201 
PHE CA  CB   sing N N 202 
PHE CA  HA   sing N N 203 
PHE C   O    doub N N 204 
PHE C   OXT  sing N N 205 
PHE CB  CG   sing N N 206 
PHE CB  HB2  sing N N 207 
PHE CB  HB3  sing N N 208 
PHE CG  CD1  doub Y N 209 
PHE CG  CD2  sing Y N 210 
PHE CD1 CE1  sing Y N 211 
PHE CD1 HD1  sing N N 212 
PHE CD2 CE2  doub Y N 213 
PHE CD2 HD2  sing N N 214 
PHE CE1 CZ   doub Y N 215 
PHE CE1 HE1  sing N N 216 
PHE CE2 CZ   sing Y N 217 
PHE CE2 HE2  sing N N 218 
PHE CZ  HZ   sing N N 219 
PHE OXT HXT  sing N N 220 
PRO N   CA   sing N N 221 
PRO N   CD   sing N N 222 
PRO N   H    sing N N 223 
PRO CA  C    sing N N 224 
PRO CA  CB   sing N N 225 
PRO CA  HA   sing N N 226 
PRO C   O    doub N N 227 
PRO C   OXT  sing N N 228 
PRO CB  CG   sing N N 229 
PRO CB  HB2  sing N N 230 
PRO CB  HB3  sing N N 231 
PRO CG  CD   sing N N 232 
PRO CG  HG2  sing N N 233 
PRO CG  HG3  sing N N 234 
PRO CD  HD2  sing N N 235 
PRO CD  HD3  sing N N 236 
PRO OXT HXT  sing N N 237 
SER N   CA   sing N N 238 
SER N   H    sing N N 239 
SER N   H2   sing N N 240 
SER CA  C    sing N N 241 
SER CA  CB   sing N N 242 
SER CA  HA   sing N N 243 
SER C   O    doub N N 244 
SER C   OXT  sing N N 245 
SER CB  OG   sing N N 246 
SER CB  HB2  sing N N 247 
SER CB  HB3  sing N N 248 
SER OG  HG   sing N N 249 
SER OXT HXT  sing N N 250 
THR N   CA   sing N N 251 
THR N   H    sing N N 252 
THR N   H2   sing N N 253 
THR CA  C    sing N N 254 
THR CA  CB   sing N N 255 
THR CA  HA   sing N N 256 
THR C   O    doub N N 257 
THR C   OXT  sing N N 258 
THR CB  OG1  sing N N 259 
THR CB  CG2  sing N N 260 
THR CB  HB   sing N N 261 
THR OG1 HG1  sing N N 262 
THR CG2 HG21 sing N N 263 
THR CG2 HG22 sing N N 264 
THR CG2 HG23 sing N N 265 
THR OXT HXT  sing N N 266 
TYR N   CA   sing N N 267 
TYR N   H    sing N N 268 
TYR N   H2   sing N N 269 
TYR CA  C    sing N N 270 
TYR CA  CB   sing N N 271 
TYR CA  HA   sing N N 272 
TYR C   O    doub N N 273 
TYR C   OXT  sing N N 274 
TYR CB  CG   sing N N 275 
TYR CB  HB2  sing N N 276 
TYR CB  HB3  sing N N 277 
TYR CG  CD1  doub Y N 278 
TYR CG  CD2  sing Y N 279 
TYR CD1 CE1  sing Y N 280 
TYR CD1 HD1  sing N N 281 
TYR CD2 CE2  doub Y N 282 
TYR CD2 HD2  sing N N 283 
TYR CE1 CZ   doub Y N 284 
TYR CE1 HE1  sing N N 285 
TYR CE2 CZ   sing Y N 286 
TYR CE2 HE2  sing N N 287 
TYR CZ  OH   sing N N 288 
TYR OH  HH   sing N N 289 
TYR OXT HXT  sing N N 290 
VAL N   CA   sing N N 291 
VAL N   H    sing N N 292 
VAL N   H2   sing N N 293 
VAL CA  C    sing N N 294 
VAL CA  CB   sing N N 295 
VAL CA  HA   sing N N 296 
VAL C   O    doub N N 297 
VAL C   OXT  sing N N 298 
VAL CB  CG1  sing N N 299 
VAL CB  CG2  sing N N 300 
VAL CB  HB   sing N N 301 
VAL CG1 HG11 sing N N 302 
VAL CG1 HG12 sing N N 303 
VAL CG1 HG13 sing N N 304 
VAL CG2 HG21 sing N N 305 
VAL CG2 HG22 sing N N 306 
VAL CG2 HG23 sing N N 307 
VAL OXT HXT  sing N N 308 
# 
loop_
_pdbx_entity_nonpoly.entity_id 
_pdbx_entity_nonpoly.name 
_pdbx_entity_nonpoly.comp_id 
2 'CADMIUM ION' CD  
3 water         HOH 
# 
_pdbx_initial_refinement_model.id               1 
_pdbx_initial_refinement_model.entity_id_list   ? 
_pdbx_initial_refinement_model.type             'experimental model' 
_pdbx_initial_refinement_model.source_name      PDB 
_pdbx_initial_refinement_model.accession_code   1V58 
_pdbx_initial_refinement_model.details          'PDB ENTRY 1V58' 
# 
